data_4GS3
# 
_entry.id   4GS3 
# 
_audit_conform.dict_name       mmcif_pdbx.dic 
_audit_conform.dict_version    5.387 
_audit_conform.dict_location   http://mmcif.pdb.org/dictionaries/ascii/mmcif_pdbx.dic 
# 
loop_
_database_2.database_id 
_database_2.database_code 
_database_2.pdbx_database_accession 
_database_2.pdbx_DOI 
PDB   4GS3         pdb_00004gs3 10.2210/pdb4gs3/pdb 
RCSB  RCSB074566   ?            ?                   
WWPDB D_1000074566 ?            ?                   
# 
loop_
_pdbx_audit_revision_history.ordinal 
_pdbx_audit_revision_history.data_content_type 
_pdbx_audit_revision_history.major_revision 
_pdbx_audit_revision_history.minor_revision 
_pdbx_audit_revision_history.revision_date 
1 'Structure model' 1 0 2012-09-19 
2 'Structure model' 1 1 2012-11-14 
3 'Structure model' 1 2 2012-11-21 
4 'Structure model' 1 3 2013-01-23 
5 'Structure model' 1 4 2024-02-28 
# 
_pdbx_audit_revision_details.ordinal             1 
_pdbx_audit_revision_details.revision_ordinal    1 
_pdbx_audit_revision_details.data_content_type   'Structure model' 
_pdbx_audit_revision_details.provider            repository 
_pdbx_audit_revision_details.type                'Initial release' 
_pdbx_audit_revision_details.description         ? 
_pdbx_audit_revision_details.details             ? 
# 
loop_
_pdbx_audit_revision_group.ordinal 
_pdbx_audit_revision_group.revision_ordinal 
_pdbx_audit_revision_group.data_content_type 
_pdbx_audit_revision_group.group 
1 2 'Structure model' 'Refinement description' 
2 3 'Structure model' 'Database references'    
3 4 'Structure model' 'Database references'    
4 5 'Structure model' 'Data collection'        
5 5 'Structure model' 'Database references'    
# 
loop_
_pdbx_audit_revision_category.ordinal 
_pdbx_audit_revision_category.revision_ordinal 
_pdbx_audit_revision_category.data_content_type 
_pdbx_audit_revision_category.category 
1 5 'Structure model' chem_comp_atom     
2 5 'Structure model' chem_comp_bond     
3 5 'Structure model' database_2         
4 5 'Structure model' struct_ref_seq_dif 
# 
loop_
_pdbx_audit_revision_item.ordinal 
_pdbx_audit_revision_item.revision_ordinal 
_pdbx_audit_revision_item.data_content_type 
_pdbx_audit_revision_item.item 
1 5 'Structure model' '_database_2.pdbx_DOI'                
2 5 'Structure model' '_database_2.pdbx_database_accession' 
3 5 'Structure model' '_struct_ref_seq_dif.details'         
# 
_pdbx_database_status.status_code                     REL 
_pdbx_database_status.entry_id                        4GS3 
_pdbx_database_status.recvd_initial_deposition_date   2012-08-27 
_pdbx_database_status.deposit_site                    RCSB 
_pdbx_database_status.process_site                    RCSB 
_pdbx_database_status.status_code_sf                  REL 
_pdbx_database_status.status_code_mr                  ? 
_pdbx_database_status.SG_entry                        ? 
_pdbx_database_status.status_code_cs                  ? 
_pdbx_database_status.methods_development_category    ? 
_pdbx_database_status.pdb_format_compatible           Y 
_pdbx_database_status.status_code_nmr_data            ? 
# 
loop_
_audit_author.name 
_audit_author.pdbx_ordinal 
'Liebschner, D.' 1 
'Brzezinski, K.' 2 
'Dauter, M.'     3 
'Dauter, Z.'     4 
'Nowak, M.'      5 
'Kur, J.'        6 
'Olszewski, M.'  7 
# 
_citation.id                        primary 
_citation.title                     
'Dimeric structure of the N-terminal domain of PriB protein from Thermoanaerobacter tengcongensis solved ab initio.' 
_citation.journal_abbrev            'Acta Crystallogr.,Sect.D' 
_citation.journal_volume            68 
_citation.page_first                1680 
_citation.page_last                 1689 
_citation.year                      2012 
_citation.journal_id_ASTM           ABCRE6 
_citation.country                   DK 
_citation.journal_id_ISSN           0907-4449 
_citation.journal_id_CSD            0766 
_citation.book_publisher            ? 
_citation.pdbx_database_id_PubMed   23151633 
_citation.pdbx_database_id_DOI      10.1107/S0907444912041637 
# 
loop_
_citation_author.citation_id 
_citation_author.name 
_citation_author.ordinal 
_citation_author.identifier_ORCID 
primary 'Liebschner, D.' 1 ? 
primary 'Brzezinski, K.' 2 ? 
primary 'Dauter, M.'     3 ? 
primary 'Dauter, Z.'     4 ? 
primary 'Nowak, M.'      5 ? 
primary 'Kur, J.'        6 ? 
primary 'Olszewski, M.'  7 ? 
# 
loop_
_entity.id 
_entity.type 
_entity.src_method 
_entity.pdbx_description 
_entity.formula_weight 
_entity.pdbx_number_of_molecules 
_entity.pdbx_ec 
_entity.pdbx_mutation 
_entity.pdbx_fragment 
_entity.details 
1 polymer man 'Single-stranded DNA-binding protein' 12211.942 1  ? ? 'UNP residues 1-104' ? 
2 water   nat water                                 18.015    96 ? ? ?                    ? 
# 
_entity_poly.entity_id                      1 
_entity_poly.type                           'polypeptide(L)' 
_entity_poly.nstd_linkage                   no 
_entity_poly.nstd_monomer                   no 
_entity_poly.pdbx_seq_one_letter_code       
;SNAMAGNFLENNTVTLVGKVFTPLEFSHELYGEKFFNFILEVPRLSETKDYLPITISNRLFEGMNLEVGTRVKIEGQLRS
YNRKSPEEGKNKLILTVFARDISVVPE
;
_entity_poly.pdbx_seq_one_letter_code_can   
;SNAMAGNFLENNTVTLVGKVFTPLEFSHELYGEKFFNFILEVPRLSETKDYLPITISNRLFEGMNLEVGTRVKIEGQLRS
YNRKSPEEGKNKLILTVFARDISVVPE
;
_entity_poly.pdbx_strand_id                 A 
_entity_poly.pdbx_target_identifier         ? 
# 
_pdbx_entity_nonpoly.entity_id   2 
_pdbx_entity_nonpoly.name        water 
_pdbx_entity_nonpoly.comp_id     HOH 
# 
loop_
_entity_poly_seq.entity_id 
_entity_poly_seq.num 
_entity_poly_seq.mon_id 
_entity_poly_seq.hetero 
1 1   SER n 
1 2   ASN n 
1 3   ALA n 
1 4   MET n 
1 5   ALA n 
1 6   GLY n 
1 7   ASN n 
1 8   PHE n 
1 9   LEU n 
1 10  GLU n 
1 11  ASN n 
1 12  ASN n 
1 13  THR n 
1 14  VAL n 
1 15  THR n 
1 16  LEU n 
1 17  VAL n 
1 18  GLY n 
1 19  LYS n 
1 20  VAL n 
1 21  PHE n 
1 22  THR n 
1 23  PRO n 
1 24  LEU n 
1 25  GLU n 
1 26  PHE n 
1 27  SER n 
1 28  HIS n 
1 29  GLU n 
1 30  LEU n 
1 31  TYR n 
1 32  GLY n 
1 33  GLU n 
1 34  LYS n 
1 35  PHE n 
1 36  PHE n 
1 37  ASN n 
1 38  PHE n 
1 39  ILE n 
1 40  LEU n 
1 41  GLU n 
1 42  VAL n 
1 43  PRO n 
1 44  ARG n 
1 45  LEU n 
1 46  SER n 
1 47  GLU n 
1 48  THR n 
1 49  LYS n 
1 50  ASP n 
1 51  TYR n 
1 52  LEU n 
1 53  PRO n 
1 54  ILE n 
1 55  THR n 
1 56  ILE n 
1 57  SER n 
1 58  ASN n 
1 59  ARG n 
1 60  LEU n 
1 61  PHE n 
1 62  GLU n 
1 63  GLY n 
1 64  MET n 
1 65  ASN n 
1 66  LEU n 
1 67  GLU n 
1 68  VAL n 
1 69  GLY n 
1 70  THR n 
1 71  ARG n 
1 72  VAL n 
1 73  LYS n 
1 74  ILE n 
1 75  GLU n 
1 76  GLY n 
1 77  GLN n 
1 78  LEU n 
1 79  ARG n 
1 80  SER n 
1 81  TYR n 
1 82  ASN n 
1 83  ARG n 
1 84  LYS n 
1 85  SER n 
1 86  PRO n 
1 87  GLU n 
1 88  GLU n 
1 89  GLY n 
1 90  LYS n 
1 91  ASN n 
1 92  LYS n 
1 93  LEU n 
1 94  ILE n 
1 95  LEU n 
1 96  THR n 
1 97  VAL n 
1 98  PHE n 
1 99  ALA n 
1 100 ARG n 
1 101 ASP n 
1 102 ILE n 
1 103 SER n 
1 104 VAL n 
1 105 VAL n 
1 106 PRO n 
1 107 GLU n 
# 
_entity_src_gen.entity_id                          1 
_entity_src_gen.pdbx_src_id                        1 
_entity_src_gen.pdbx_alt_source_flag               sample 
_entity_src_gen.pdbx_seq_type                      ? 
_entity_src_gen.pdbx_beg_seq_num                   ? 
_entity_src_gen.pdbx_end_seq_num                   ? 
_entity_src_gen.gene_src_common_name               ? 
_entity_src_gen.gene_src_genus                     ? 
_entity_src_gen.pdbx_gene_src_gene                 'Ssb, TTE0829' 
_entity_src_gen.gene_src_species                   ? 
_entity_src_gen.gene_src_strain                    'DSM 15242 / JCM 11007 / NBRC 100824 / MB4' 
_entity_src_gen.gene_src_tissue                    ? 
_entity_src_gen.gene_src_tissue_fraction           ? 
_entity_src_gen.gene_src_details                   ? 
_entity_src_gen.pdbx_gene_src_fragment             ? 
_entity_src_gen.pdbx_gene_src_scientific_name      'Thermoanaerobacter tengcongensis' 
_entity_src_gen.pdbx_gene_src_ncbi_taxonomy_id     273068 
_entity_src_gen.pdbx_gene_src_variant              ? 
_entity_src_gen.pdbx_gene_src_cell_line            ? 
_entity_src_gen.pdbx_gene_src_atcc                 ? 
_entity_src_gen.pdbx_gene_src_organ                ? 
_entity_src_gen.pdbx_gene_src_organelle            ? 
_entity_src_gen.pdbx_gene_src_cell                 ? 
_entity_src_gen.pdbx_gene_src_cellular_location    ? 
_entity_src_gen.host_org_common_name               ? 
_entity_src_gen.pdbx_host_org_scientific_name      'Escherichia coli' 
_entity_src_gen.pdbx_host_org_ncbi_taxonomy_id     469008 
_entity_src_gen.host_org_genus                     ? 
_entity_src_gen.pdbx_host_org_gene                 ? 
_entity_src_gen.pdbx_host_org_organ                ? 
_entity_src_gen.host_org_species                   ? 
_entity_src_gen.pdbx_host_org_tissue               ? 
_entity_src_gen.pdbx_host_org_tissue_fraction      ? 
_entity_src_gen.pdbx_host_org_strain               'BL21-CodonPlus(DE3)-RIPL' 
_entity_src_gen.pdbx_host_org_variant              ? 
_entity_src_gen.pdbx_host_org_cell_line            ? 
_entity_src_gen.pdbx_host_org_atcc                 ? 
_entity_src_gen.pdbx_host_org_culture_collection   ? 
_entity_src_gen.pdbx_host_org_cell                 ? 
_entity_src_gen.pdbx_host_org_organelle            ? 
_entity_src_gen.pdbx_host_org_cellular_location    ? 
_entity_src_gen.pdbx_host_org_vector_type          ? 
_entity_src_gen.pdbx_host_org_vector               pMCSG57 
_entity_src_gen.host_org_details                   ? 
_entity_src_gen.expression_system_id               ? 
_entity_src_gen.plasmid_name                       ? 
_entity_src_gen.plasmid_details                    ? 
_entity_src_gen.pdbx_description                   ? 
# 
loop_
_chem_comp.id 
_chem_comp.type 
_chem_comp.mon_nstd_flag 
_chem_comp.name 
_chem_comp.pdbx_synonyms 
_chem_comp.formula 
_chem_comp.formula_weight 
ALA 'L-peptide linking' y ALANINE         ? 'C3 H7 N O2'     89.093  
ARG 'L-peptide linking' y ARGININE        ? 'C6 H15 N4 O2 1' 175.209 
ASN 'L-peptide linking' y ASPARAGINE      ? 'C4 H8 N2 O3'    132.118 
ASP 'L-peptide linking' y 'ASPARTIC ACID' ? 'C4 H7 N O4'     133.103 
GLN 'L-peptide linking' y GLUTAMINE       ? 'C5 H10 N2 O3'   146.144 
GLU 'L-peptide linking' y 'GLUTAMIC ACID' ? 'C5 H9 N O4'     147.129 
GLY 'peptide linking'   y GLYCINE         ? 'C2 H5 N O2'     75.067  
HIS 'L-peptide linking' y HISTIDINE       ? 'C6 H10 N3 O2 1' 156.162 
HOH non-polymer         . WATER           ? 'H2 O'           18.015  
ILE 'L-peptide linking' y ISOLEUCINE      ? 'C6 H13 N O2'    131.173 
LEU 'L-peptide linking' y LEUCINE         ? 'C6 H13 N O2'    131.173 
LYS 'L-peptide linking' y LYSINE          ? 'C6 H15 N2 O2 1' 147.195 
MET 'L-peptide linking' y METHIONINE      ? 'C5 H11 N O2 S'  149.211 
PHE 'L-peptide linking' y PHENYLALANINE   ? 'C9 H11 N O2'    165.189 
PRO 'L-peptide linking' y PROLINE         ? 'C5 H9 N O2'     115.130 
SER 'L-peptide linking' y SERINE          ? 'C3 H7 N O3'     105.093 
THR 'L-peptide linking' y THREONINE       ? 'C4 H9 N O3'     119.119 
TYR 'L-peptide linking' y TYROSINE        ? 'C9 H11 N O3'    181.189 
VAL 'L-peptide linking' y VALINE          ? 'C5 H11 N O2'    117.146 
# 
loop_
_pdbx_poly_seq_scheme.asym_id 
_pdbx_poly_seq_scheme.entity_id 
_pdbx_poly_seq_scheme.seq_id 
_pdbx_poly_seq_scheme.mon_id 
_pdbx_poly_seq_scheme.ndb_seq_num 
_pdbx_poly_seq_scheme.pdb_seq_num 
_pdbx_poly_seq_scheme.auth_seq_num 
_pdbx_poly_seq_scheme.pdb_mon_id 
_pdbx_poly_seq_scheme.auth_mon_id 
_pdbx_poly_seq_scheme.pdb_strand_id 
_pdbx_poly_seq_scheme.pdb_ins_code 
_pdbx_poly_seq_scheme.hetero 
A 1 1   SER 1   -2  ?   ?   ?   A . n 
A 1 2   ASN 2   -1  ?   ?   ?   A . n 
A 1 3   ALA 3   0   ?   ?   ?   A . n 
A 1 4   MET 4   1   ?   ?   ?   A . n 
A 1 5   ALA 5   2   ?   ?   ?   A . n 
A 1 6   GLY 6   3   ?   ?   ?   A . n 
A 1 7   ASN 7   4   ?   ?   ?   A . n 
A 1 8   PHE 8   5   ?   ?   ?   A . n 
A 1 9   LEU 9   6   ?   ?   ?   A . n 
A 1 10  GLU 10  7   7   GLU GLU A . n 
A 1 11  ASN 11  8   8   ASN ASN A . n 
A 1 12  ASN 12  9   9   ASN ASN A . n 
A 1 13  THR 13  10  10  THR THR A . n 
A 1 14  VAL 14  11  11  VAL VAL A . n 
A 1 15  THR 15  12  12  THR THR A . n 
A 1 16  LEU 16  13  13  LEU LEU A . n 
A 1 17  VAL 17  14  14  VAL VAL A . n 
A 1 18  GLY 18  15  15  GLY GLY A . n 
A 1 19  LYS 19  16  16  LYS LYS A . n 
A 1 20  VAL 20  17  17  VAL VAL A . n 
A 1 21  PHE 21  18  18  PHE PHE A . n 
A 1 22  THR 22  19  19  THR THR A . n 
A 1 23  PRO 23  20  20  PRO PRO A . n 
A 1 24  LEU 24  21  21  LEU LEU A . n 
A 1 25  GLU 25  22  22  GLU GLU A . n 
A 1 26  PHE 26  23  23  PHE PHE A . n 
A 1 27  SER 27  24  24  SER SER A . n 
A 1 28  HIS 28  25  25  HIS HIS A . n 
A 1 29  GLU 29  26  26  GLU GLU A . n 
A 1 30  LEU 30  27  27  LEU LEU A . n 
A 1 31  TYR 31  28  28  TYR TYR A . n 
A 1 32  GLY 32  29  29  GLY GLY A . n 
A 1 33  GLU 33  30  30  GLU GLU A . n 
A 1 34  LYS 34  31  31  LYS LYS A . n 
A 1 35  PHE 35  32  32  PHE PHE A . n 
A 1 36  PHE 36  33  33  PHE PHE A . n 
A 1 37  ASN 37  34  34  ASN ASN A . n 
A 1 38  PHE 38  35  35  PHE PHE A . n 
A 1 39  ILE 39  36  36  ILE ILE A . n 
A 1 40  LEU 40  37  37  LEU LEU A . n 
A 1 41  GLU 41  38  38  GLU GLU A . n 
A 1 42  VAL 42  39  39  VAL VAL A . n 
A 1 43  PRO 43  40  40  PRO PRO A . n 
A 1 44  ARG 44  41  41  ARG ARG A . n 
A 1 45  LEU 45  42  42  LEU LEU A . n 
A 1 46  SER 46  43  43  SER SER A . n 
A 1 47  GLU 47  44  44  GLU GLU A . n 
A 1 48  THR 48  45  45  THR THR A . n 
A 1 49  LYS 49  46  46  LYS LYS A . n 
A 1 50  ASP 50  47  47  ASP ASP A . n 
A 1 51  TYR 51  48  48  TYR TYR A . n 
A 1 52  LEU 52  49  49  LEU LEU A . n 
A 1 53  PRO 53  50  50  PRO PRO A . n 
A 1 54  ILE 54  51  51  ILE ILE A . n 
A 1 55  THR 55  52  52  THR THR A . n 
A 1 56  ILE 56  53  53  ILE ILE A . n 
A 1 57  SER 57  54  54  SER SER A . n 
A 1 58  ASN 58  55  55  ASN ASN A . n 
A 1 59  ARG 59  56  56  ARG ARG A . n 
A 1 60  LEU 60  57  57  LEU LEU A . n 
A 1 61  PHE 61  58  58  PHE PHE A . n 
A 1 62  GLU 62  59  59  GLU GLU A . n 
A 1 63  GLY 63  60  60  GLY GLY A . n 
A 1 64  MET 64  61  61  MET MET A . n 
A 1 65  ASN 65  62  62  ASN ASN A . n 
A 1 66  LEU 66  63  63  LEU LEU A . n 
A 1 67  GLU 67  64  64  GLU GLU A . n 
A 1 68  VAL 68  65  65  VAL VAL A . n 
A 1 69  GLY 69  66  66  GLY GLY A . n 
A 1 70  THR 70  67  67  THR THR A . n 
A 1 71  ARG 71  68  68  ARG ARG A . n 
A 1 72  VAL 72  69  69  VAL VAL A . n 
A 1 73  LYS 73  70  70  LYS LYS A . n 
A 1 74  ILE 74  71  71  ILE ILE A . n 
A 1 75  GLU 75  72  72  GLU GLU A . n 
A 1 76  GLY 76  73  73  GLY GLY A . n 
A 1 77  GLN 77  74  74  GLN GLN A . n 
A 1 78  LEU 78  75  75  LEU LEU A . n 
A 1 79  ARG 79  76  76  ARG ARG A . n 
A 1 80  SER 80  77  77  SER SER A . n 
A 1 81  TYR 81  78  78  TYR TYR A . n 
A 1 82  ASN 82  79  79  ASN ASN A . n 
A 1 83  ARG 83  80  80  ARG ARG A . n 
A 1 84  LYS 84  81  ?   ?   ?   A . n 
A 1 85  SER 85  82  ?   ?   ?   A . n 
A 1 86  PRO 86  83  ?   ?   ?   A . n 
A 1 87  GLU 87  84  ?   ?   ?   A . n 
A 1 88  GLU 88  85  ?   ?   ?   A . n 
A 1 89  GLY 89  86  ?   ?   ?   A . n 
A 1 90  LYS 90  87  ?   ?   ?   A . n 
A 1 91  ASN 91  88  ?   ?   ?   A . n 
A 1 92  LYS 92  89  89  LYS LYS A . n 
A 1 93  LEU 93  90  90  LEU LEU A . n 
A 1 94  ILE 94  91  91  ILE ILE A . n 
A 1 95  LEU 95  92  92  LEU LEU A . n 
A 1 96  THR 96  93  93  THR THR A . n 
A 1 97  VAL 97  94  94  VAL VAL A . n 
A 1 98  PHE 98  95  95  PHE PHE A . n 
A 1 99  ALA 99  96  96  ALA ALA A . n 
A 1 100 ARG 100 97  97  ARG ARG A . n 
A 1 101 ASP 101 98  98  ASP ASP A . n 
A 1 102 ILE 102 99  99  ILE ILE A . n 
A 1 103 SER 103 100 100 SER SER A . n 
A 1 104 VAL 104 101 101 VAL VAL A . n 
A 1 105 VAL 105 102 102 VAL VAL A . n 
A 1 106 PRO 106 103 103 PRO PRO A . n 
A 1 107 GLU 107 104 104 GLU GLU A . n 
# 
loop_
_pdbx_nonpoly_scheme.asym_id 
_pdbx_nonpoly_scheme.entity_id 
_pdbx_nonpoly_scheme.mon_id 
_pdbx_nonpoly_scheme.ndb_seq_num 
_pdbx_nonpoly_scheme.pdb_seq_num 
_pdbx_nonpoly_scheme.auth_seq_num 
_pdbx_nonpoly_scheme.pdb_mon_id 
_pdbx_nonpoly_scheme.auth_mon_id 
_pdbx_nonpoly_scheme.pdb_strand_id 
_pdbx_nonpoly_scheme.pdb_ins_code 
B 2 HOH 1  201 1  HOH HOH A . 
B 2 HOH 2  202 2  HOH HOH A . 
B 2 HOH 3  203 3  HOH HOH A . 
B 2 HOH 4  204 4  HOH HOH A . 
B 2 HOH 5  205 5  HOH HOH A . 
B 2 HOH 6  206 6  HOH HOH A . 
B 2 HOH 7  207 7  HOH HOH A . 
B 2 HOH 8  208 8  HOH HOH A . 
B 2 HOH 9  209 9  HOH HOH A . 
B 2 HOH 10 210 10 HOH HOH A . 
B 2 HOH 11 211 11 HOH HOH A . 
B 2 HOH 12 212 12 HOH HOH A . 
B 2 HOH 13 213 13 HOH HOH A . 
B 2 HOH 14 214 14 HOH HOH A . 
B 2 HOH 15 215 15 HOH HOH A . 
B 2 HOH 16 216 16 HOH HOH A . 
B 2 HOH 17 217 17 HOH HOH A . 
B 2 HOH 18 218 18 HOH HOH A . 
B 2 HOH 19 219 19 HOH HOH A . 
B 2 HOH 20 220 20 HOH HOH A . 
B 2 HOH 21 221 21 HOH HOH A . 
B 2 HOH 22 222 22 HOH HOH A . 
B 2 HOH 23 223 23 HOH HOH A . 
B 2 HOH 24 224 24 HOH HOH A . 
B 2 HOH 25 225 25 HOH HOH A . 
B 2 HOH 26 226 26 HOH HOH A . 
B 2 HOH 27 227 27 HOH HOH A . 
B 2 HOH 28 228 28 HOH HOH A . 
B 2 HOH 29 229 29 HOH HOH A . 
B 2 HOH 30 230 30 HOH HOH A . 
B 2 HOH 31 231 31 HOH HOH A . 
B 2 HOH 32 232 32 HOH HOH A . 
B 2 HOH 33 233 33 HOH HOH A . 
B 2 HOH 34 234 34 HOH HOH A . 
B 2 HOH 35 235 35 HOH HOH A . 
B 2 HOH 36 236 36 HOH HOH A . 
B 2 HOH 37 237 37 HOH HOH A . 
B 2 HOH 38 238 38 HOH HOH A . 
B 2 HOH 39 239 39 HOH HOH A . 
B 2 HOH 40 240 40 HOH HOH A . 
B 2 HOH 41 241 41 HOH HOH A . 
B 2 HOH 42 242 42 HOH HOH A . 
B 2 HOH 43 243 43 HOH HOH A . 
B 2 HOH 44 244 44 HOH HOH A . 
B 2 HOH 45 245 45 HOH HOH A . 
B 2 HOH 46 246 46 HOH HOH A . 
B 2 HOH 47 247 47 HOH HOH A . 
B 2 HOH 48 248 48 HOH HOH A . 
B 2 HOH 49 249 49 HOH HOH A . 
B 2 HOH 50 250 50 HOH HOH A . 
B 2 HOH 51 251 51 HOH HOH A . 
B 2 HOH 52 252 52 HOH HOH A . 
B 2 HOH 53 253 53 HOH HOH A . 
B 2 HOH 54 254 54 HOH HOH A . 
B 2 HOH 55 255 55 HOH HOH A . 
B 2 HOH 56 256 56 HOH HOH A . 
B 2 HOH 57 257 57 HOH HOH A . 
B 2 HOH 58 258 58 HOH HOH A . 
B 2 HOH 59 259 59 HOH HOH A . 
B 2 HOH 60 260 60 HOH HOH A . 
B 2 HOH 61 261 61 HOH HOH A . 
B 2 HOH 62 262 62 HOH HOH A . 
B 2 HOH 63 263 63 HOH HOH A . 
B 2 HOH 64 264 64 HOH HOH A . 
B 2 HOH 65 265 65 HOH HOH A . 
B 2 HOH 66 266 66 HOH HOH A . 
B 2 HOH 67 267 67 HOH HOH A . 
B 2 HOH 68 268 68 HOH HOH A . 
B 2 HOH 69 269 69 HOH HOH A . 
B 2 HOH 70 270 70 HOH HOH A . 
B 2 HOH 71 271 71 HOH HOH A . 
B 2 HOH 72 272 72 HOH HOH A . 
B 2 HOH 73 273 73 HOH HOH A . 
B 2 HOH 74 274 74 HOH HOH A . 
B 2 HOH 75 275 75 HOH HOH A . 
B 2 HOH 76 276 76 HOH HOH A . 
B 2 HOH 77 277 77 HOH HOH A . 
B 2 HOH 78 278 78 HOH HOH A . 
B 2 HOH 79 279 79 HOH HOH A . 
B 2 HOH 80 280 80 HOH HOH A . 
B 2 HOH 81 281 81 HOH HOH A . 
B 2 HOH 82 282 82 HOH HOH A . 
B 2 HOH 83 283 83 HOH HOH A . 
B 2 HOH 84 284 84 HOH HOH A . 
B 2 HOH 85 285 85 HOH HOH A . 
B 2 HOH 86 286 86 HOH HOH A . 
B 2 HOH 87 287 87 HOH HOH A . 
B 2 HOH 88 288 88 HOH HOH A . 
B 2 HOH 89 289 89 HOH HOH A . 
B 2 HOH 90 290 90 HOH HOH A . 
B 2 HOH 91 291 91 HOH HOH A . 
B 2 HOH 92 292 92 HOH HOH A . 
B 2 HOH 93 293 93 HOH HOH A . 
B 2 HOH 94 294 94 HOH HOH A . 
B 2 HOH 95 295 95 HOH HOH A . 
B 2 HOH 96 296 96 HOH HOH A . 
# 
loop_
_software.name 
_software.classification 
_software.version 
_software.citation_id 
_software.pdbx_ordinal 
HKL-3000  'data collection' . ? 1 
SHELXD    phasing           . ? 2 
SHELXL-97 refinement        . ? 3 
HKL-3000  'data reduction'  . ? 4 
SCALEPACK 'data scaling'    . ? 5 
# 
_cell.entry_id           4GS3 
_cell.length_a           55.560 
_cell.length_b           41.180 
_cell.length_c           38.780 
_cell.angle_alpha        90.00 
_cell.angle_beta         94.80 
_cell.angle_gamma        90.00 
_cell.Z_PDB              4 
_cell.pdbx_unique_axis   ? 
_cell.length_a_esd       ? 
_cell.length_b_esd       ? 
_cell.length_c_esd       ? 
_cell.angle_alpha_esd    ? 
_cell.angle_beta_esd     ? 
_cell.angle_gamma_esd    ? 
# 
_symmetry.entry_id                         4GS3 
_symmetry.space_group_name_H-M             'C 1 2 1' 
_symmetry.pdbx_full_space_group_name_H-M   ? 
_symmetry.cell_setting                     ? 
_symmetry.Int_Tables_number                5 
_symmetry.space_group_name_Hall            ? 
# 
_exptl.entry_id          4GS3 
_exptl.method            'X-RAY DIFFRACTION' 
_exptl.crystals_number   1 
# 
_exptl_crystal.id                    1 
_exptl_crystal.density_meas          ? 
_exptl_crystal.density_Matthews      1.81 
_exptl_crystal.density_percent_sol   32.04 
_exptl_crystal.description           ? 
_exptl_crystal.F_000                 ? 
_exptl_crystal.preparation           ? 
# 
_exptl_crystal_grow.crystal_id      1 
_exptl_crystal_grow.method          'VAPOR DIFFUSION, HANGING DROP' 
_exptl_crystal_grow.temp            293 
_exptl_crystal_grow.temp_details    ? 
_exptl_crystal_grow.pH              4.6 
_exptl_crystal_grow.pdbx_details    
'0.14 M ammonium acetate, 0.07 M acetate buffer pH 4.6, 21% PEG 4K, VAPOR DIFFUSION, HANGING DROP, temperature 293K' 
_exptl_crystal_grow.pdbx_pH_range   ? 
# 
_diffrn.id                     1 
_diffrn.ambient_temp           100 
_diffrn.ambient_temp_details   ? 
_diffrn.crystal_id             1 
# 
_diffrn_detector.diffrn_id              1 
_diffrn_detector.detector               CCD 
_diffrn_detector.type                   'MARMOSAIC 300 mm CCD' 
_diffrn_detector.pdbx_collection_date   2012-02-06 
_diffrn_detector.details                ? 
# 
_diffrn_radiation.diffrn_id                        1 
_diffrn_radiation.wavelength_id                    1 
_diffrn_radiation.pdbx_monochromatic_or_laue_m_l   M 
_diffrn_radiation.monochromator                    ? 
_diffrn_radiation.pdbx_diffrn_protocol             'SINGLE WAVELENGTH' 
_diffrn_radiation.pdbx_scattering_type             x-ray 
# 
_diffrn_radiation_wavelength.id           1 
_diffrn_radiation_wavelength.wavelength   1.000 
_diffrn_radiation_wavelength.wt           1.0 
# 
_diffrn_source.diffrn_id                   1 
_diffrn_source.source                      SYNCHROTRON 
_diffrn_source.type                        'APS BEAMLINE 22-ID' 
_diffrn_source.pdbx_synchrotron_site       APS 
_diffrn_source.pdbx_synchrotron_beamline   22-ID 
_diffrn_source.pdbx_wavelength             ? 
_diffrn_source.pdbx_wavelength_list        1.000 
# 
_reflns.entry_id                     4GS3 
_reflns.observed_criterion_sigma_I   ? 
_reflns.observed_criterion_sigma_F   ? 
_reflns.d_resolution_low             30.0 
_reflns.d_resolution_high            1.09 
_reflns.number_obs                   38376 
_reflns.number_all                   ? 
_reflns.percent_possible_obs         ? 
_reflns.pdbx_Rmerge_I_obs            0.047 
_reflns.pdbx_Rsym_value              ? 
_reflns.pdbx_netI_over_sigmaI        29.3 
_reflns.B_iso_Wilson_estimate        12.4 
_reflns.pdbx_redundancy              4.1 
_reflns.R_free_details               ? 
_reflns.limit_h_max                  ? 
_reflns.limit_h_min                  ? 
_reflns.limit_k_max                  ? 
_reflns.limit_k_min                  ? 
_reflns.limit_l_max                  ? 
_reflns.limit_l_min                  ? 
_reflns.observed_criterion_F_max     ? 
_reflns.observed_criterion_F_min     ? 
_reflns.pdbx_chi_squared             ? 
_reflns.pdbx_scaling_rejects         ? 
_reflns.pdbx_ordinal                 1 
_reflns.pdbx_diffrn_id               1 
# 
_refine.entry_id                                 4GS3 
_refine.ls_number_reflns_obs                     38376 
_refine.ls_number_reflns_all                     ? 
_refine.pdbx_ls_sigma_I                          0 
_refine.pdbx_ls_sigma_F                          0 
_refine.pdbx_data_cutoff_high_absF               ? 
_refine.pdbx_data_cutoff_low_absF                ? 
_refine.pdbx_data_cutoff_high_rms_absF           ? 
_refine.ls_d_res_low                             30.0 
_refine.ls_d_res_high                            1.09 
_refine.ls_percent_reflns_obs                    ? 
_refine.ls_R_factor_obs                          0.1292 
_refine.ls_R_factor_all                          0.1544 
_refine.ls_R_factor_R_work                       ? 
_refine.ls_R_factor_R_free                       ? 
_refine.ls_R_factor_R_free_error                 ? 
_refine.ls_R_factor_R_free_error_details         ? 
_refine.ls_percent_reflns_R_free                 ? 
_refine.ls_number_reflns_R_free                  1830 
_refine.ls_number_parameters                     ? 
_refine.ls_number_restraints                     ? 
_refine.occupancy_min                            ? 
_refine.occupancy_max                            ? 
_refine.correlation_coeff_Fo_to_Fc               ? 
_refine.correlation_coeff_Fo_to_Fc_free          ? 
_refine.B_iso_mean                               ? 
_refine.aniso_B[1][1]                            ? 
_refine.aniso_B[2][2]                            ? 
_refine.aniso_B[3][3]                            ? 
_refine.aniso_B[1][2]                            ? 
_refine.aniso_B[1][3]                            ? 
_refine.aniso_B[2][3]                            ? 
_refine.solvent_model_details                    ? 
_refine.solvent_model_param_ksol                 ? 
_refine.solvent_model_param_bsol                 ? 
_refine.pdbx_solvent_vdw_probe_radii             ? 
_refine.pdbx_solvent_ion_probe_radii             ? 
_refine.pdbx_solvent_shrinkage_radii             ? 
_refine.pdbx_ls_cross_valid_method               'R free' 
_refine.details                                  ? 
_refine.pdbx_starting_model                      ? 
_refine.pdbx_method_to_determine_struct          'AB INITIO PHASING' 
_refine.pdbx_isotropic_thermal_model             ? 
_refine.pdbx_stereochemistry_target_values       'Engh & Huber' 
_refine.pdbx_stereochem_target_val_spec_case     ? 
_refine.pdbx_R_Free_selection_details            '5% random' 
_refine.pdbx_overall_ESU_R                       ? 
_refine.pdbx_overall_ESU_R_Free                  ? 
_refine.overall_SU_ML                            ? 
_refine.pdbx_overall_phase_error                 ? 
_refine.overall_SU_B                             ? 
_refine.overall_SU_R_Cruickshank_DPI             ? 
_refine.ls_redundancy_reflns_obs                 ? 
_refine.B_iso_min                                ? 
_refine.B_iso_max                                ? 
_refine.overall_SU_R_free                        ? 
_refine.ls_wR_factor_R_free                      ? 
_refine.ls_wR_factor_R_work                      ? 
_refine.overall_FOM_free_R_set                   ? 
_refine.overall_FOM_work_R_set                   ? 
_refine.pdbx_diffrn_id                           1 
_refine.pdbx_refine_id                           'X-RAY DIFFRACTION' 
_refine.pdbx_TLS_residual_ADP_flag               ? 
_refine.pdbx_overall_SU_R_free_Cruickshank_DPI   ? 
_refine.pdbx_overall_SU_R_Blow_DPI               ? 
_refine.pdbx_overall_SU_R_free_Blow_DPI          ? 
# 
_refine_hist.pdbx_refine_id                   'X-RAY DIFFRACTION' 
_refine_hist.cycle_id                         LAST 
_refine_hist.pdbx_number_atoms_protein        737 
_refine_hist.pdbx_number_atoms_nucleic_acid   0 
_refine_hist.pdbx_number_atoms_ligand         0 
_refine_hist.number_atoms_solvent             96 
_refine_hist.number_atoms_total               833 
_refine_hist.d_res_high                       1.09 
_refine_hist.d_res_low                        30.0 
# 
loop_
_refine_ls_restr.type 
_refine_ls_restr.dev_ideal 
_refine_ls_restr.dev_ideal_target 
_refine_ls_restr.weight 
_refine_ls_restr.number 
_refine_ls_restr.pdbx_restraint_function 
_refine_ls_restr.pdbx_refine_id 
s_bond_d  0.016 ? ? ? ? 'X-RAY DIFFRACTION' 
s_angle_d 2.8   ? ? ? ? 'X-RAY DIFFRACTION' 
# 
_struct.entry_id                  4GS3 
_struct.title                     
'Dimeric structure of the N-terminal domain of PriB protein from Thermoanaerobacter tencongensis solved ab initio' 
_struct.pdbx_model_details        ? 
_struct.pdbx_CASP_flag            ? 
_struct.pdbx_model_type_details   ? 
# 
_struct_keywords.entry_id        4GS3 
_struct_keywords.pdbx_keywords   'DNA BINDING PROTEIN' 
_struct_keywords.text            'primosome, oligonucleotide/oligosaccharide binding domain, DNA BINDING PROTEIN' 
# 
loop_
_struct_asym.id 
_struct_asym.pdbx_blank_PDB_chainid_flag 
_struct_asym.pdbx_modified 
_struct_asym.entity_id 
_struct_asym.details 
A N N 1 ? 
B N N 2 ? 
# 
_struct_ref.id                         1 
_struct_ref.db_name                    UNP 
_struct_ref.db_code                    Q8RBI8_THETN 
_struct_ref.pdbx_db_accession          Q8RBI8 
_struct_ref.entity_id                  1 
_struct_ref.pdbx_seq_one_letter_code   
;MAGNFLENNTVTLVGKVFTPLEFSHELYGEKFFNFILEVPRLSETKDYLPITISNRLFEGMNLEVGTRVKIEGQLRSYNR
KSPEEGKNKLILTVFARDISVVPE
;
_struct_ref.pdbx_align_begin           1 
_struct_ref.pdbx_db_isoform            ? 
# 
_struct_ref_seq.align_id                      1 
_struct_ref_seq.ref_id                        1 
_struct_ref_seq.pdbx_PDB_id_code              4GS3 
_struct_ref_seq.pdbx_strand_id                A 
_struct_ref_seq.seq_align_beg                 4 
_struct_ref_seq.pdbx_seq_align_beg_ins_code   ? 
_struct_ref_seq.seq_align_end                 107 
_struct_ref_seq.pdbx_seq_align_end_ins_code   ? 
_struct_ref_seq.pdbx_db_accession             Q8RBI8 
_struct_ref_seq.db_align_beg                  1 
_struct_ref_seq.pdbx_db_align_beg_ins_code    ? 
_struct_ref_seq.db_align_end                  104 
_struct_ref_seq.pdbx_db_align_end_ins_code    ? 
_struct_ref_seq.pdbx_auth_seq_align_beg       1 
_struct_ref_seq.pdbx_auth_seq_align_end       104 
# 
loop_
_struct_ref_seq_dif.align_id 
_struct_ref_seq_dif.pdbx_pdb_id_code 
_struct_ref_seq_dif.mon_id 
_struct_ref_seq_dif.pdbx_pdb_strand_id 
_struct_ref_seq_dif.seq_num 
_struct_ref_seq_dif.pdbx_pdb_ins_code 
_struct_ref_seq_dif.pdbx_seq_db_name 
_struct_ref_seq_dif.pdbx_seq_db_accession_code 
_struct_ref_seq_dif.db_mon_id 
_struct_ref_seq_dif.pdbx_seq_db_seq_num 
_struct_ref_seq_dif.details 
_struct_ref_seq_dif.pdbx_auth_seq_num 
_struct_ref_seq_dif.pdbx_ordinal 
1 4GS3 SER A 1 ? UNP Q8RBI8 ? ? 'expression tag' -2 1 
1 4GS3 ASN A 2 ? UNP Q8RBI8 ? ? 'expression tag' -1 2 
1 4GS3 ALA A 3 ? UNP Q8RBI8 ? ? 'expression tag' 0  3 
# 
loop_
_pdbx_struct_assembly.id 
_pdbx_struct_assembly.details 
_pdbx_struct_assembly.method_details 
_pdbx_struct_assembly.oligomeric_details 
_pdbx_struct_assembly.oligomeric_count 
1 author_defined_assembly   ?    monomeric 1 
2 software_defined_assembly PISA dimeric   2 
# 
loop_
_pdbx_struct_assembly_prop.biol_id 
_pdbx_struct_assembly_prop.type 
_pdbx_struct_assembly_prop.value 
_pdbx_struct_assembly_prop.details 
2 'ABSA (A^2)' 1830  ? 
2 MORE         -6    ? 
2 'SSA (A^2)'  10380 ? 
# 
loop_
_pdbx_struct_assembly_gen.assembly_id 
_pdbx_struct_assembly_gen.oper_expression 
_pdbx_struct_assembly_gen.asym_id_list 
1 1   A,B 
2 1,2 A,B 
# 
loop_
_pdbx_struct_oper_list.id 
_pdbx_struct_oper_list.type 
_pdbx_struct_oper_list.name 
_pdbx_struct_oper_list.symmetry_operation 
_pdbx_struct_oper_list.matrix[1][1] 
_pdbx_struct_oper_list.matrix[1][2] 
_pdbx_struct_oper_list.matrix[1][3] 
_pdbx_struct_oper_list.vector[1] 
_pdbx_struct_oper_list.matrix[2][1] 
_pdbx_struct_oper_list.matrix[2][2] 
_pdbx_struct_oper_list.matrix[2][3] 
_pdbx_struct_oper_list.vector[2] 
_pdbx_struct_oper_list.matrix[3][1] 
_pdbx_struct_oper_list.matrix[3][2] 
_pdbx_struct_oper_list.matrix[3][3] 
_pdbx_struct_oper_list.vector[3] 
1 'identity operation'         1_555 x,y,z     1.0000000000  0.0000000000 0.0000000000  0.0000000000   0.0000000000 1.0000000000  0.0000000000  0.0000000000   0.0000000000  0.0000000000  1.0000000000 0.0000000000  
2 'crystal symmetry operation' 2_655 -x+1,y,-z -0.8954192085 0.1456144955 -0.4207384694 -16.9055895763 0.1456144955 -0.7972516653 -0.5858209631 -10.6540623512 -0.4207384694 -0.5858209631 0.6926708738 -7.8894279789 
# 
_struct_biol.id        1 
_struct_biol.details   ? 
# 
_struct_conf.conf_type_id            HELX_P 
_struct_conf.id                      HELX_P1 
_struct_conf.pdbx_PDB_helix_id       1 
_struct_conf.beg_label_comp_id       ARG 
_struct_conf.beg_label_asym_id       A 
_struct_conf.beg_label_seq_id        59 
_struct_conf.pdbx_beg_PDB_ins_code   ? 
_struct_conf.end_label_comp_id       PHE 
_struct_conf.end_label_asym_id       A 
_struct_conf.end_label_seq_id        61 
_struct_conf.pdbx_end_PDB_ins_code   ? 
_struct_conf.beg_auth_comp_id        ARG 
_struct_conf.beg_auth_asym_id        A 
_struct_conf.beg_auth_seq_id         56 
_struct_conf.end_auth_comp_id        PHE 
_struct_conf.end_auth_asym_id        A 
_struct_conf.end_auth_seq_id         58 
_struct_conf.pdbx_PDB_helix_class    5 
_struct_conf.details                 ? 
_struct_conf.pdbx_PDB_helix_length   3 
# 
_struct_conf_type.id          HELX_P 
_struct_conf_type.criteria    ? 
_struct_conf_type.reference   ? 
# 
_struct_sheet.id               A 
_struct_sheet.type             ? 
_struct_sheet.number_strands   7 
_struct_sheet.details          ? 
# 
loop_
_struct_sheet_order.sheet_id 
_struct_sheet_order.range_id_1 
_struct_sheet_order.range_id_2 
_struct_sheet_order.offset 
_struct_sheet_order.sense 
A 1 2 ? anti-parallel 
A 2 3 ? anti-parallel 
A 3 4 ? parallel      
A 4 5 ? anti-parallel 
A 5 6 ? anti-parallel 
A 6 7 ? anti-parallel 
# 
loop_
_struct_sheet_range.sheet_id 
_struct_sheet_range.id 
_struct_sheet_range.beg_label_comp_id 
_struct_sheet_range.beg_label_asym_id 
_struct_sheet_range.beg_label_seq_id 
_struct_sheet_range.pdbx_beg_PDB_ins_code 
_struct_sheet_range.end_label_comp_id 
_struct_sheet_range.end_label_asym_id 
_struct_sheet_range.end_label_seq_id 
_struct_sheet_range.pdbx_end_PDB_ins_code 
_struct_sheet_range.beg_auth_comp_id 
_struct_sheet_range.beg_auth_asym_id 
_struct_sheet_range.beg_auth_seq_id 
_struct_sheet_range.end_auth_comp_id 
_struct_sheet_range.end_auth_asym_id 
_struct_sheet_range.end_auth_seq_id 
A 1 GLU A 25 ? LEU A 30  ? GLU A 22 LEU A 27  
A 2 GLU A 33 ? PRO A 43  ? GLU A 30 PRO A 40  
A 3 LYS A 49 ? SER A 57  ? LYS A 46 SER A 54  
A 4 ILE A 94 ? VAL A 105 ? ILE A 91 VAL A 102 
A 5 ARG A 71 ? TYR A 81  ? ARG A 68 TYR A 78  
A 6 VAL A 14 ? VAL A 20  ? VAL A 11 VAL A 17  
A 7 GLU A 33 ? PRO A 43  ? GLU A 30 PRO A 40  
# 
loop_
_pdbx_struct_sheet_hbond.sheet_id 
_pdbx_struct_sheet_hbond.range_id_1 
_pdbx_struct_sheet_hbond.range_id_2 
_pdbx_struct_sheet_hbond.range_1_label_atom_id 
_pdbx_struct_sheet_hbond.range_1_label_comp_id 
_pdbx_struct_sheet_hbond.range_1_label_asym_id 
_pdbx_struct_sheet_hbond.range_1_label_seq_id 
_pdbx_struct_sheet_hbond.range_1_PDB_ins_code 
_pdbx_struct_sheet_hbond.range_1_auth_atom_id 
_pdbx_struct_sheet_hbond.range_1_auth_comp_id 
_pdbx_struct_sheet_hbond.range_1_auth_asym_id 
_pdbx_struct_sheet_hbond.range_1_auth_seq_id 
_pdbx_struct_sheet_hbond.range_2_label_atom_id 
_pdbx_struct_sheet_hbond.range_2_label_comp_id 
_pdbx_struct_sheet_hbond.range_2_label_asym_id 
_pdbx_struct_sheet_hbond.range_2_label_seq_id 
_pdbx_struct_sheet_hbond.range_2_PDB_ins_code 
_pdbx_struct_sheet_hbond.range_2_auth_atom_id 
_pdbx_struct_sheet_hbond.range_2_auth_comp_id 
_pdbx_struct_sheet_hbond.range_2_auth_asym_id 
_pdbx_struct_sheet_hbond.range_2_auth_seq_id 
A 1 2 N SER A 27  ? N SER A 24 O PHE A 35 ? O PHE A 32 
A 2 3 N PHE A 38  ? N PHE A 35 O ILE A 54 ? O ILE A 51 
A 3 4 N THR A 55  ? N THR A 52 O ALA A 99 ? O ALA A 96 
A 4 5 O ARG A 100 ? O ARG A 97 N GLU A 75 ? N GLU A 72 
A 5 6 O VAL A 72  ? O VAL A 69 N GLY A 18 ? N GLY A 15 
A 6 7 N LYS A 19  ? N LYS A 16 O GLU A 41 ? O GLU A 38 
# 
_pdbx_validate_rmsd_bond.id                        1 
_pdbx_validate_rmsd_bond.PDB_model_num             1 
_pdbx_validate_rmsd_bond.auth_atom_id_1            C 
_pdbx_validate_rmsd_bond.auth_asym_id_1            A 
_pdbx_validate_rmsd_bond.auth_comp_id_1            GLU 
_pdbx_validate_rmsd_bond.auth_seq_id_1             104 
_pdbx_validate_rmsd_bond.PDB_ins_code_1            ? 
_pdbx_validate_rmsd_bond.label_alt_id_1            ? 
_pdbx_validate_rmsd_bond.auth_atom_id_2            OXT 
_pdbx_validate_rmsd_bond.auth_asym_id_2            A 
_pdbx_validate_rmsd_bond.auth_comp_id_2            GLU 
_pdbx_validate_rmsd_bond.auth_seq_id_2             104 
_pdbx_validate_rmsd_bond.PDB_ins_code_2            ? 
_pdbx_validate_rmsd_bond.label_alt_id_2            ? 
_pdbx_validate_rmsd_bond.bond_value                1.345 
_pdbx_validate_rmsd_bond.bond_target_value         1.229 
_pdbx_validate_rmsd_bond.bond_deviation            0.116 
_pdbx_validate_rmsd_bond.bond_standard_deviation   0.019 
_pdbx_validate_rmsd_bond.linker_flag               N 
# 
loop_
_pdbx_validate_rmsd_angle.id 
_pdbx_validate_rmsd_angle.PDB_model_num 
_pdbx_validate_rmsd_angle.auth_atom_id_1 
_pdbx_validate_rmsd_angle.auth_asym_id_1 
_pdbx_validate_rmsd_angle.auth_comp_id_1 
_pdbx_validate_rmsd_angle.auth_seq_id_1 
_pdbx_validate_rmsd_angle.PDB_ins_code_1 
_pdbx_validate_rmsd_angle.label_alt_id_1 
_pdbx_validate_rmsd_angle.auth_atom_id_2 
_pdbx_validate_rmsd_angle.auth_asym_id_2 
_pdbx_validate_rmsd_angle.auth_comp_id_2 
_pdbx_validate_rmsd_angle.auth_seq_id_2 
_pdbx_validate_rmsd_angle.PDB_ins_code_2 
_pdbx_validate_rmsd_angle.label_alt_id_2 
_pdbx_validate_rmsd_angle.auth_atom_id_3 
_pdbx_validate_rmsd_angle.auth_asym_id_3 
_pdbx_validate_rmsd_angle.auth_comp_id_3 
_pdbx_validate_rmsd_angle.auth_seq_id_3 
_pdbx_validate_rmsd_angle.PDB_ins_code_3 
_pdbx_validate_rmsd_angle.label_alt_id_3 
_pdbx_validate_rmsd_angle.angle_value 
_pdbx_validate_rmsd_angle.angle_target_value 
_pdbx_validate_rmsd_angle.angle_deviation 
_pdbx_validate_rmsd_angle.angle_standard_deviation 
_pdbx_validate_rmsd_angle.linker_flag 
1 1 N   A GLU 7  ? ? CA A GLU 7  ? ? CB  A GLU 7  ? ? 124.15 110.60 13.55 1.80 N 
2 1 OE1 A GLU 30 ? ? CD A GLU 30 ? ? OE2 A GLU 30 ? ? 115.85 123.30 -7.45 1.20 N 
3 1 OE1 A GLU 44 ? ? CD A GLU 44 ? ? OE2 A GLU 44 ? ? 115.44 123.30 -7.86 1.20 N 
4 1 NE  A ARG 68 ? ? CZ A ARG 68 ? ? NH1 A ARG 68 ? ? 123.98 120.30 3.68  0.50 N 
5 1 NE  A ARG 68 ? ? CZ A ARG 68 ? ? NH2 A ARG 68 ? ? 117.18 120.30 -3.12 0.50 N 
# 
loop_
_pdbx_validate_torsion.id 
_pdbx_validate_torsion.PDB_model_num 
_pdbx_validate_torsion.auth_comp_id 
_pdbx_validate_torsion.auth_asym_id 
_pdbx_validate_torsion.auth_seq_id 
_pdbx_validate_torsion.PDB_ins_code 
_pdbx_validate_torsion.label_alt_id 
_pdbx_validate_torsion.phi 
_pdbx_validate_torsion.psi 
1 1 ASN A 9  ? ? -160.27 98.74   
2 1 SER A 24 ? ? -97.72  -65.46  
3 1 HIS A 25 ? ? -175.20 -169.11 
4 1 GLU A 44 ? ? 82.54   -3.37   
5 1 LEU A 63 ? ? -113.53 52.28   
# 
loop_
_pdbx_unobs_or_zero_occ_residues.id 
_pdbx_unobs_or_zero_occ_residues.PDB_model_num 
_pdbx_unobs_or_zero_occ_residues.polymer_flag 
_pdbx_unobs_or_zero_occ_residues.occupancy_flag 
_pdbx_unobs_or_zero_occ_residues.auth_asym_id 
_pdbx_unobs_or_zero_occ_residues.auth_comp_id 
_pdbx_unobs_or_zero_occ_residues.auth_seq_id 
_pdbx_unobs_or_zero_occ_residues.PDB_ins_code 
_pdbx_unobs_or_zero_occ_residues.label_asym_id 
_pdbx_unobs_or_zero_occ_residues.label_comp_id 
_pdbx_unobs_or_zero_occ_residues.label_seq_id 
1  1 Y 1 A SER -2 ? A SER 1  
2  1 Y 1 A ASN -1 ? A ASN 2  
3  1 Y 1 A ALA 0  ? A ALA 3  
4  1 Y 1 A MET 1  ? A MET 4  
5  1 Y 1 A ALA 2  ? A ALA 5  
6  1 Y 1 A GLY 3  ? A GLY 6  
7  1 Y 1 A ASN 4  ? A ASN 7  
8  1 Y 1 A PHE 5  ? A PHE 8  
9  1 Y 1 A LEU 6  ? A LEU 9  
10 1 Y 1 A LYS 81 ? A LYS 84 
11 1 Y 1 A SER 82 ? A SER 85 
12 1 Y 1 A PRO 83 ? A PRO 86 
13 1 Y 1 A GLU 84 ? A GLU 87 
14 1 Y 1 A GLU 85 ? A GLU 88 
15 1 Y 1 A GLY 86 ? A GLY 89 
16 1 Y 1 A LYS 87 ? A LYS 90 
17 1 Y 1 A ASN 88 ? A ASN 91 
# 
loop_
_chem_comp_atom.comp_id 
_chem_comp_atom.atom_id 
_chem_comp_atom.type_symbol 
_chem_comp_atom.pdbx_aromatic_flag 
_chem_comp_atom.pdbx_stereo_config 
_chem_comp_atom.pdbx_ordinal 
ALA N    N N N 1   
ALA CA   C N S 2   
ALA C    C N N 3   
ALA O    O N N 4   
ALA CB   C N N 5   
ALA OXT  O N N 6   
ALA H    H N N 7   
ALA H2   H N N 8   
ALA HA   H N N 9   
ALA HB1  H N N 10  
ALA HB2  H N N 11  
ALA HB3  H N N 12  
ALA HXT  H N N 13  
ARG N    N N N 14  
ARG CA   C N S 15  
ARG C    C N N 16  
ARG O    O N N 17  
ARG CB   C N N 18  
ARG CG   C N N 19  
ARG CD   C N N 20  
ARG NE   N N N 21  
ARG CZ   C N N 22  
ARG NH1  N N N 23  
ARG NH2  N N N 24  
ARG OXT  O N N 25  
ARG H    H N N 26  
ARG H2   H N N 27  
ARG HA   H N N 28  
ARG HB2  H N N 29  
ARG HB3  H N N 30  
ARG HG2  H N N 31  
ARG HG3  H N N 32  
ARG HD2  H N N 33  
ARG HD3  H N N 34  
ARG HE   H N N 35  
ARG HH11 H N N 36  
ARG HH12 H N N 37  
ARG HH21 H N N 38  
ARG HH22 H N N 39  
ARG HXT  H N N 40  
ASN N    N N N 41  
ASN CA   C N S 42  
ASN C    C N N 43  
ASN O    O N N 44  
ASN CB   C N N 45  
ASN CG   C N N 46  
ASN OD1  O N N 47  
ASN ND2  N N N 48  
ASN OXT  O N N 49  
ASN H    H N N 50  
ASN H2   H N N 51  
ASN HA   H N N 52  
ASN HB2  H N N 53  
ASN HB3  H N N 54  
ASN HD21 H N N 55  
ASN HD22 H N N 56  
ASN HXT  H N N 57  
ASP N    N N N 58  
ASP CA   C N S 59  
ASP C    C N N 60  
ASP O    O N N 61  
ASP CB   C N N 62  
ASP CG   C N N 63  
ASP OD1  O N N 64  
ASP OD2  O N N 65  
ASP OXT  O N N 66  
ASP H    H N N 67  
ASP H2   H N N 68  
ASP HA   H N N 69  
ASP HB2  H N N 70  
ASP HB3  H N N 71  
ASP HD2  H N N 72  
ASP HXT  H N N 73  
GLN N    N N N 74  
GLN CA   C N S 75  
GLN C    C N N 76  
GLN O    O N N 77  
GLN CB   C N N 78  
GLN CG   C N N 79  
GLN CD   C N N 80  
GLN OE1  O N N 81  
GLN NE2  N N N 82  
GLN OXT  O N N 83  
GLN H    H N N 84  
GLN H2   H N N 85  
GLN HA   H N N 86  
GLN HB2  H N N 87  
GLN HB3  H N N 88  
GLN HG2  H N N 89  
GLN HG3  H N N 90  
GLN HE21 H N N 91  
GLN HE22 H N N 92  
GLN HXT  H N N 93  
GLU N    N N N 94  
GLU CA   C N S 95  
GLU C    C N N 96  
GLU O    O N N 97  
GLU CB   C N N 98  
GLU CG   C N N 99  
GLU CD   C N N 100 
GLU OE1  O N N 101 
GLU OE2  O N N 102 
GLU OXT  O N N 103 
GLU H    H N N 104 
GLU H2   H N N 105 
GLU HA   H N N 106 
GLU HB2  H N N 107 
GLU HB3  H N N 108 
GLU HG2  H N N 109 
GLU HG3  H N N 110 
GLU HE2  H N N 111 
GLU HXT  H N N 112 
GLY N    N N N 113 
GLY CA   C N N 114 
GLY C    C N N 115 
GLY O    O N N 116 
GLY OXT  O N N 117 
GLY H    H N N 118 
GLY H2   H N N 119 
GLY HA2  H N N 120 
GLY HA3  H N N 121 
GLY HXT  H N N 122 
HIS N    N N N 123 
HIS CA   C N S 124 
HIS C    C N N 125 
HIS O    O N N 126 
HIS CB   C N N 127 
HIS CG   C Y N 128 
HIS ND1  N Y N 129 
HIS CD2  C Y N 130 
HIS CE1  C Y N 131 
HIS NE2  N Y N 132 
HIS OXT  O N N 133 
HIS H    H N N 134 
HIS H2   H N N 135 
HIS HA   H N N 136 
HIS HB2  H N N 137 
HIS HB3  H N N 138 
HIS HD1  H N N 139 
HIS HD2  H N N 140 
HIS HE1  H N N 141 
HIS HE2  H N N 142 
HIS HXT  H N N 143 
HOH O    O N N 144 
HOH H1   H N N 145 
HOH H2   H N N 146 
ILE N    N N N 147 
ILE CA   C N S 148 
ILE C    C N N 149 
ILE O    O N N 150 
ILE CB   C N S 151 
ILE CG1  C N N 152 
ILE CG2  C N N 153 
ILE CD1  C N N 154 
ILE OXT  O N N 155 
ILE H    H N N 156 
ILE H2   H N N 157 
ILE HA   H N N 158 
ILE HB   H N N 159 
ILE HG12 H N N 160 
ILE HG13 H N N 161 
ILE HG21 H N N 162 
ILE HG22 H N N 163 
ILE HG23 H N N 164 
ILE HD11 H N N 165 
ILE HD12 H N N 166 
ILE HD13 H N N 167 
ILE HXT  H N N 168 
LEU N    N N N 169 
LEU CA   C N S 170 
LEU C    C N N 171 
LEU O    O N N 172 
LEU CB   C N N 173 
LEU CG   C N N 174 
LEU CD1  C N N 175 
LEU CD2  C N N 176 
LEU OXT  O N N 177 
LEU H    H N N 178 
LEU H2   H N N 179 
LEU HA   H N N 180 
LEU HB2  H N N 181 
LEU HB3  H N N 182 
LEU HG   H N N 183 
LEU HD11 H N N 184 
LEU HD12 H N N 185 
LEU HD13 H N N 186 
LEU HD21 H N N 187 
LEU HD22 H N N 188 
LEU HD23 H N N 189 
LEU HXT  H N N 190 
LYS N    N N N 191 
LYS CA   C N S 192 
LYS C    C N N 193 
LYS O    O N N 194 
LYS CB   C N N 195 
LYS CG   C N N 196 
LYS CD   C N N 197 
LYS CE   C N N 198 
LYS NZ   N N N 199 
LYS OXT  O N N 200 
LYS H    H N N 201 
LYS H2   H N N 202 
LYS HA   H N N 203 
LYS HB2  H N N 204 
LYS HB3  H N N 205 
LYS HG2  H N N 206 
LYS HG3  H N N 207 
LYS HD2  H N N 208 
LYS HD3  H N N 209 
LYS HE2  H N N 210 
LYS HE3  H N N 211 
LYS HZ1  H N N 212 
LYS HZ2  H N N 213 
LYS HZ3  H N N 214 
LYS HXT  H N N 215 
MET N    N N N 216 
MET CA   C N S 217 
MET C    C N N 218 
MET O    O N N 219 
MET CB   C N N 220 
MET CG   C N N 221 
MET SD   S N N 222 
MET CE   C N N 223 
MET OXT  O N N 224 
MET H    H N N 225 
MET H2   H N N 226 
MET HA   H N N 227 
MET HB2  H N N 228 
MET HB3  H N N 229 
MET HG2  H N N 230 
MET HG3  H N N 231 
MET HE1  H N N 232 
MET HE2  H N N 233 
MET HE3  H N N 234 
MET HXT  H N N 235 
PHE N    N N N 236 
PHE CA   C N S 237 
PHE C    C N N 238 
PHE O    O N N 239 
PHE CB   C N N 240 
PHE CG   C Y N 241 
PHE CD1  C Y N 242 
PHE CD2  C Y N 243 
PHE CE1  C Y N 244 
PHE CE2  C Y N 245 
PHE CZ   C Y N 246 
PHE OXT  O N N 247 
PHE H    H N N 248 
PHE H2   H N N 249 
PHE HA   H N N 250 
PHE HB2  H N N 251 
PHE HB3  H N N 252 
PHE HD1  H N N 253 
PHE HD2  H N N 254 
PHE HE1  H N N 255 
PHE HE2  H N N 256 
PHE HZ   H N N 257 
PHE HXT  H N N 258 
PRO N    N N N 259 
PRO CA   C N S 260 
PRO C    C N N 261 
PRO O    O N N 262 
PRO CB   C N N 263 
PRO CG   C N N 264 
PRO CD   C N N 265 
PRO OXT  O N N 266 
PRO H    H N N 267 
PRO HA   H N N 268 
PRO HB2  H N N 269 
PRO HB3  H N N 270 
PRO HG2  H N N 271 
PRO HG3  H N N 272 
PRO HD2  H N N 273 
PRO HD3  H N N 274 
PRO HXT  H N N 275 
SER N    N N N 276 
SER CA   C N S 277 
SER C    C N N 278 
SER O    O N N 279 
SER CB   C N N 280 
SER OG   O N N 281 
SER OXT  O N N 282 
SER H    H N N 283 
SER H2   H N N 284 
SER HA   H N N 285 
SER HB2  H N N 286 
SER HB3  H N N 287 
SER HG   H N N 288 
SER HXT  H N N 289 
THR N    N N N 290 
THR CA   C N S 291 
THR C    C N N 292 
THR O    O N N 293 
THR CB   C N R 294 
THR OG1  O N N 295 
THR CG2  C N N 296 
THR OXT  O N N 297 
THR H    H N N 298 
THR H2   H N N 299 
THR HA   H N N 300 
THR HB   H N N 301 
THR HG1  H N N 302 
THR HG21 H N N 303 
THR HG22 H N N 304 
THR HG23 H N N 305 
THR HXT  H N N 306 
TYR N    N N N 307 
TYR CA   C N S 308 
TYR C    C N N 309 
TYR O    O N N 310 
TYR CB   C N N 311 
TYR CG   C Y N 312 
TYR CD1  C Y N 313 
TYR CD2  C Y N 314 
TYR CE1  C Y N 315 
TYR CE2  C Y N 316 
TYR CZ   C Y N 317 
TYR OH   O N N 318 
TYR OXT  O N N 319 
TYR H    H N N 320 
TYR H2   H N N 321 
TYR HA   H N N 322 
TYR HB2  H N N 323 
TYR HB3  H N N 324 
TYR HD1  H N N 325 
TYR HD2  H N N 326 
TYR HE1  H N N 327 
TYR HE2  H N N 328 
TYR HH   H N N 329 
TYR HXT  H N N 330 
VAL N    N N N 331 
VAL CA   C N S 332 
VAL C    C N N 333 
VAL O    O N N 334 
VAL CB   C N N 335 
VAL CG1  C N N 336 
VAL CG2  C N N 337 
VAL OXT  O N N 338 
VAL H    H N N 339 
VAL H2   H N N 340 
VAL HA   H N N 341 
VAL HB   H N N 342 
VAL HG11 H N N 343 
VAL HG12 H N N 344 
VAL HG13 H N N 345 
VAL HG21 H N N 346 
VAL HG22 H N N 347 
VAL HG23 H N N 348 
VAL HXT  H N N 349 
# 
loop_
_chem_comp_bond.comp_id 
_chem_comp_bond.atom_id_1 
_chem_comp_bond.atom_id_2 
_chem_comp_bond.value_order 
_chem_comp_bond.pdbx_aromatic_flag 
_chem_comp_bond.pdbx_stereo_config 
_chem_comp_bond.pdbx_ordinal 
ALA N   CA   sing N N 1   
ALA N   H    sing N N 2   
ALA N   H2   sing N N 3   
ALA CA  C    sing N N 4   
ALA CA  CB   sing N N 5   
ALA CA  HA   sing N N 6   
ALA C   O    doub N N 7   
ALA C   OXT  sing N N 8   
ALA CB  HB1  sing N N 9   
ALA CB  HB2  sing N N 10  
ALA CB  HB3  sing N N 11  
ALA OXT HXT  sing N N 12  
ARG N   CA   sing N N 13  
ARG N   H    sing N N 14  
ARG N   H2   sing N N 15  
ARG CA  C    sing N N 16  
ARG CA  CB   sing N N 17  
ARG CA  HA   sing N N 18  
ARG C   O    doub N N 19  
ARG C   OXT  sing N N 20  
ARG CB  CG   sing N N 21  
ARG CB  HB2  sing N N 22  
ARG CB  HB3  sing N N 23  
ARG CG  CD   sing N N 24  
ARG CG  HG2  sing N N 25  
ARG CG  HG3  sing N N 26  
ARG CD  NE   sing N N 27  
ARG CD  HD2  sing N N 28  
ARG CD  HD3  sing N N 29  
ARG NE  CZ   sing N N 30  
ARG NE  HE   sing N N 31  
ARG CZ  NH1  sing N N 32  
ARG CZ  NH2  doub N N 33  
ARG NH1 HH11 sing N N 34  
ARG NH1 HH12 sing N N 35  
ARG NH2 HH21 sing N N 36  
ARG NH2 HH22 sing N N 37  
ARG OXT HXT  sing N N 38  
ASN N   CA   sing N N 39  
ASN N   H    sing N N 40  
ASN N   H2   sing N N 41  
ASN CA  C    sing N N 42  
ASN CA  CB   sing N N 43  
ASN CA  HA   sing N N 44  
ASN C   O    doub N N 45  
ASN C   OXT  sing N N 46  
ASN CB  CG   sing N N 47  
ASN CB  HB2  sing N N 48  
ASN CB  HB3  sing N N 49  
ASN CG  OD1  doub N N 50  
ASN CG  ND2  sing N N 51  
ASN ND2 HD21 sing N N 52  
ASN ND2 HD22 sing N N 53  
ASN OXT HXT  sing N N 54  
ASP N   CA   sing N N 55  
ASP N   H    sing N N 56  
ASP N   H2   sing N N 57  
ASP CA  C    sing N N 58  
ASP CA  CB   sing N N 59  
ASP CA  HA   sing N N 60  
ASP C   O    doub N N 61  
ASP C   OXT  sing N N 62  
ASP CB  CG   sing N N 63  
ASP CB  HB2  sing N N 64  
ASP CB  HB3  sing N N 65  
ASP CG  OD1  doub N N 66  
ASP CG  OD2  sing N N 67  
ASP OD2 HD2  sing N N 68  
ASP OXT HXT  sing N N 69  
GLN N   CA   sing N N 70  
GLN N   H    sing N N 71  
GLN N   H2   sing N N 72  
GLN CA  C    sing N N 73  
GLN CA  CB   sing N N 74  
GLN CA  HA   sing N N 75  
GLN C   O    doub N N 76  
GLN C   OXT  sing N N 77  
GLN CB  CG   sing N N 78  
GLN CB  HB2  sing N N 79  
GLN CB  HB3  sing N N 80  
GLN CG  CD   sing N N 81  
GLN CG  HG2  sing N N 82  
GLN CG  HG3  sing N N 83  
GLN CD  OE1  doub N N 84  
GLN CD  NE2  sing N N 85  
GLN NE2 HE21 sing N N 86  
GLN NE2 HE22 sing N N 87  
GLN OXT HXT  sing N N 88  
GLU N   CA   sing N N 89  
GLU N   H    sing N N 90  
GLU N   H2   sing N N 91  
GLU CA  C    sing N N 92  
GLU CA  CB   sing N N 93  
GLU CA  HA   sing N N 94  
GLU C   O    doub N N 95  
GLU C   OXT  sing N N 96  
GLU CB  CG   sing N N 97  
GLU CB  HB2  sing N N 98  
GLU CB  HB3  sing N N 99  
GLU CG  CD   sing N N 100 
GLU CG  HG2  sing N N 101 
GLU CG  HG3  sing N N 102 
GLU CD  OE1  doub N N 103 
GLU CD  OE2  sing N N 104 
GLU OE2 HE2  sing N N 105 
GLU OXT HXT  sing N N 106 
GLY N   CA   sing N N 107 
GLY N   H    sing N N 108 
GLY N   H2   sing N N 109 
GLY CA  C    sing N N 110 
GLY CA  HA2  sing N N 111 
GLY CA  HA3  sing N N 112 
GLY C   O    doub N N 113 
GLY C   OXT  sing N N 114 
GLY OXT HXT  sing N N 115 
HIS N   CA   sing N N 116 
HIS N   H    sing N N 117 
HIS N   H2   sing N N 118 
HIS CA  C    sing N N 119 
HIS CA  CB   sing N N 120 
HIS CA  HA   sing N N 121 
HIS C   O    doub N N 122 
HIS C   OXT  sing N N 123 
HIS CB  CG   sing N N 124 
HIS CB  HB2  sing N N 125 
HIS CB  HB3  sing N N 126 
HIS CG  ND1  sing Y N 127 
HIS CG  CD2  doub Y N 128 
HIS ND1 CE1  doub Y N 129 
HIS ND1 HD1  sing N N 130 
HIS CD2 NE2  sing Y N 131 
HIS CD2 HD2  sing N N 132 
HIS CE1 NE2  sing Y N 133 
HIS CE1 HE1  sing N N 134 
HIS NE2 HE2  sing N N 135 
HIS OXT HXT  sing N N 136 
HOH O   H1   sing N N 137 
HOH O   H2   sing N N 138 
ILE N   CA   sing N N 139 
ILE N   H    sing N N 140 
ILE N   H2   sing N N 141 
ILE CA  C    sing N N 142 
ILE CA  CB   sing N N 143 
ILE CA  HA   sing N N 144 
ILE C   O    doub N N 145 
ILE C   OXT  sing N N 146 
ILE CB  CG1  sing N N 147 
ILE CB  CG2  sing N N 148 
ILE CB  HB   sing N N 149 
ILE CG1 CD1  sing N N 150 
ILE CG1 HG12 sing N N 151 
ILE CG1 HG13 sing N N 152 
ILE CG2 HG21 sing N N 153 
ILE CG2 HG22 sing N N 154 
ILE CG2 HG23 sing N N 155 
ILE CD1 HD11 sing N N 156 
ILE CD1 HD12 sing N N 157 
ILE CD1 HD13 sing N N 158 
ILE OXT HXT  sing N N 159 
LEU N   CA   sing N N 160 
LEU N   H    sing N N 161 
LEU N   H2   sing N N 162 
LEU CA  C    sing N N 163 
LEU CA  CB   sing N N 164 
LEU CA  HA   sing N N 165 
LEU C   O    doub N N 166 
LEU C   OXT  sing N N 167 
LEU CB  CG   sing N N 168 
LEU CB  HB2  sing N N 169 
LEU CB  HB3  sing N N 170 
LEU CG  CD1  sing N N 171 
LEU CG  CD2  sing N N 172 
LEU CG  HG   sing N N 173 
LEU CD1 HD11 sing N N 174 
LEU CD1 HD12 sing N N 175 
LEU CD1 HD13 sing N N 176 
LEU CD2 HD21 sing N N 177 
LEU CD2 HD22 sing N N 178 
LEU CD2 HD23 sing N N 179 
LEU OXT HXT  sing N N 180 
LYS N   CA   sing N N 181 
LYS N   H    sing N N 182 
LYS N   H2   sing N N 183 
LYS CA  C    sing N N 184 
LYS CA  CB   sing N N 185 
LYS CA  HA   sing N N 186 
LYS C   O    doub N N 187 
LYS C   OXT  sing N N 188 
LYS CB  CG   sing N N 189 
LYS CB  HB2  sing N N 190 
LYS CB  HB3  sing N N 191 
LYS CG  CD   sing N N 192 
LYS CG  HG2  sing N N 193 
LYS CG  HG3  sing N N 194 
LYS CD  CE   sing N N 195 
LYS CD  HD2  sing N N 196 
LYS CD  HD3  sing N N 197 
LYS CE  NZ   sing N N 198 
LYS CE  HE2  sing N N 199 
LYS CE  HE3  sing N N 200 
LYS NZ  HZ1  sing N N 201 
LYS NZ  HZ2  sing N N 202 
LYS NZ  HZ3  sing N N 203 
LYS OXT HXT  sing N N 204 
MET N   CA   sing N N 205 
MET N   H    sing N N 206 
MET N   H2   sing N N 207 
MET CA  C    sing N N 208 
MET CA  CB   sing N N 209 
MET CA  HA   sing N N 210 
MET C   O    doub N N 211 
MET C   OXT  sing N N 212 
MET CB  CG   sing N N 213 
MET CB  HB2  sing N N 214 
MET CB  HB3  sing N N 215 
MET CG  SD   sing N N 216 
MET CG  HG2  sing N N 217 
MET CG  HG3  sing N N 218 
MET SD  CE   sing N N 219 
MET CE  HE1  sing N N 220 
MET CE  HE2  sing N N 221 
MET CE  HE3  sing N N 222 
MET OXT HXT  sing N N 223 
PHE N   CA   sing N N 224 
PHE N   H    sing N N 225 
PHE N   H2   sing N N 226 
PHE CA  C    sing N N 227 
PHE CA  CB   sing N N 228 
PHE CA  HA   sing N N 229 
PHE C   O    doub N N 230 
PHE C   OXT  sing N N 231 
PHE CB  CG   sing N N 232 
PHE CB  HB2  sing N N 233 
PHE CB  HB3  sing N N 234 
PHE CG  CD1  doub Y N 235 
PHE CG  CD2  sing Y N 236 
PHE CD1 CE1  sing Y N 237 
PHE CD1 HD1  sing N N 238 
PHE CD2 CE2  doub Y N 239 
PHE CD2 HD2  sing N N 240 
PHE CE1 CZ   doub Y N 241 
PHE CE1 HE1  sing N N 242 
PHE CE2 CZ   sing Y N 243 
PHE CE2 HE2  sing N N 244 
PHE CZ  HZ   sing N N 245 
PHE OXT HXT  sing N N 246 
PRO N   CA   sing N N 247 
PRO N   CD   sing N N 248 
PRO N   H    sing N N 249 
PRO CA  C    sing N N 250 
PRO CA  CB   sing N N 251 
PRO CA  HA   sing N N 252 
PRO C   O    doub N N 253 
PRO C   OXT  sing N N 254 
PRO CB  CG   sing N N 255 
PRO CB  HB2  sing N N 256 
PRO CB  HB3  sing N N 257 
PRO CG  CD   sing N N 258 
PRO CG  HG2  sing N N 259 
PRO CG  HG3  sing N N 260 
PRO CD  HD2  sing N N 261 
PRO CD  HD3  sing N N 262 
PRO OXT HXT  sing N N 263 
SER N   CA   sing N N 264 
SER N   H    sing N N 265 
SER N   H2   sing N N 266 
SER CA  C    sing N N 267 
SER CA  CB   sing N N 268 
SER CA  HA   sing N N 269 
SER C   O    doub N N 270 
SER C   OXT  sing N N 271 
SER CB  OG   sing N N 272 
SER CB  HB2  sing N N 273 
SER CB  HB3  sing N N 274 
SER OG  HG   sing N N 275 
SER OXT HXT  sing N N 276 
THR N   CA   sing N N 277 
THR N   H    sing N N 278 
THR N   H2   sing N N 279 
THR CA  C    sing N N 280 
THR CA  CB   sing N N 281 
THR CA  HA   sing N N 282 
THR C   O    doub N N 283 
THR C   OXT  sing N N 284 
THR CB  OG1  sing N N 285 
THR CB  CG2  sing N N 286 
THR CB  HB   sing N N 287 
THR OG1 HG1  sing N N 288 
THR CG2 HG21 sing N N 289 
THR CG2 HG22 sing N N 290 
THR CG2 HG23 sing N N 291 
THR OXT HXT  sing N N 292 
TYR N   CA   sing N N 293 
TYR N   H    sing N N 294 
TYR N   H2   sing N N 295 
TYR CA  C    sing N N 296 
TYR CA  CB   sing N N 297 
TYR CA  HA   sing N N 298 
TYR C   O    doub N N 299 
TYR C   OXT  sing N N 300 
TYR CB  CG   sing N N 301 
TYR CB  HB2  sing N N 302 
TYR CB  HB3  sing N N 303 
TYR CG  CD1  doub Y N 304 
TYR CG  CD2  sing Y N 305 
TYR CD1 CE1  sing Y N 306 
TYR CD1 HD1  sing N N 307 
TYR CD2 CE2  doub Y N 308 
TYR CD2 HD2  sing N N 309 
TYR CE1 CZ   doub Y N 310 
TYR CE1 HE1  sing N N 311 
TYR CE2 CZ   sing Y N 312 
TYR CE2 HE2  sing N N 313 
TYR CZ  OH   sing N N 314 
TYR OH  HH   sing N N 315 
TYR OXT HXT  sing N N 316 
VAL N   CA   sing N N 317 
VAL N   H    sing N N 318 
VAL N   H2   sing N N 319 
VAL CA  C    sing N N 320 
VAL CA  CB   sing N N 321 
VAL CA  HA   sing N N 322 
VAL C   O    doub N N 323 
VAL C   OXT  sing N N 324 
VAL CB  CG1  sing N N 325 
VAL CB  CG2  sing N N 326 
VAL CB  HB   sing N N 327 
VAL CG1 HG11 sing N N 328 
VAL CG1 HG12 sing N N 329 
VAL CG1 HG13 sing N N 330 
VAL CG2 HG21 sing N N 331 
VAL CG2 HG22 sing N N 332 
VAL CG2 HG23 sing N N 333 
VAL OXT HXT  sing N N 334 
# 
_atom_sites.entry_id                    4GS3 
_atom_sites.fract_transf_matrix[1][1]   -0.00496627 
_atom_sites.fract_transf_matrix[1][2]   -0.01599249 
_atom_sites.fract_transf_matrix[1][3]   -0.00676932 
_atom_sites.fract_transf_matrix[2][1]   0.00555304 
_atom_sites.fract_transf_matrix[2][2]   0.00773186 
_atom_sites.fract_transf_matrix[2][3]   -0.02234043 
_atom_sites.fract_transf_matrix[3][1]   0.02348582 
_atom_sites.fract_transf_matrix[3][2]   -0.01064911 
_atom_sites.fract_transf_matrix[3][3]   0.00215217 
_atom_sites.fract_transf_vector[1]      0.346138 
_atom_sites.fract_transf_vector[2]      0.465382 
_atom_sites.fract_transf_vector[3]      0.150282 
# 
loop_
_atom_type.symbol 
C 
N 
O 
S 
# 
loop_
_atom_site.group_PDB 
_atom_site.id 
_atom_site.type_symbol 
_atom_site.label_atom_id 
_atom_site.label_alt_id 
_atom_site.label_comp_id 
_atom_site.label_asym_id 
_atom_site.label_entity_id 
_atom_site.label_seq_id 
_atom_site.pdbx_PDB_ins_code 
_atom_site.Cartn_x 
_atom_site.Cartn_y 
_atom_site.Cartn_z 
_atom_site.occupancy 
_atom_site.B_iso_or_equiv 
_atom_site.pdbx_formal_charge 
_atom_site.auth_seq_id 
_atom_site.auth_comp_id 
_atom_site.auth_asym_id 
_atom_site.auth_atom_id 
_atom_site.pdbx_PDB_model_num 
ATOM   1   N N   . GLU A 1 10  ? -1.858  -8.685  -16.887 1.00 35.08 ? 7   GLU A N   1 
ATOM   2   C CA  . GLU A 1 10  ? -1.818  -9.597  -15.724 1.00 28.18 ? 7   GLU A CA  1 
ATOM   3   C C   . GLU A 1 10  ? -3.330  -9.866  -15.391 1.00 22.85 ? 7   GLU A C   1 
ATOM   4   O O   . GLU A 1 10  ? -4.344  -9.219  -15.675 1.00 30.14 ? 7   GLU A O   1 
ATOM   5   C CB  . GLU A 1 10  ? -1.038  -9.348  -14.508 1.00 36.96 ? 7   GLU A CB  1 
ATOM   6   C CG  . GLU A 1 10  ? -0.442  -10.434 -13.627 1.00 42.37 ? 7   GLU A CG  1 
ATOM   7   C CD  . GLU A 1 10  ? 0.807   -11.090 -14.174 1.00 45.96 ? 7   GLU A CD  1 
ATOM   8   O OE1 . GLU A 1 10  ? 0.669   -12.248 -14.659 1.00 51.30 ? 7   GLU A OE1 1 
ATOM   9   O OE2 . GLU A 1 10  ? 1.875   -10.436 -14.091 1.00 47.59 ? 7   GLU A OE2 1 
ATOM   10  N N   . ASN A 1 11  ? -3.561  -10.973 -14.730 1.00 16.53 ? 8   ASN A N   1 
ATOM   11  C CA  . ASN A 1 11  ? -4.811  -11.501 -14.330 1.00 12.35 ? 8   ASN A CA  1 
ATOM   12  C C   . ASN A 1 11  ? -5.246  -10.984 -12.978 1.00 10.12 ? 8   ASN A C   1 
ATOM   13  O O   . ASN A 1 11  ? -6.293  -11.403 -12.475 1.00 10.79 ? 8   ASN A O   1 
ATOM   14  C CB  . ASN A 1 11  ? -4.834  -13.010 -14.325 1.00 13.64 ? 8   ASN A CB  1 
ATOM   15  C CG  . ASN A 1 11  ? -4.016  -13.634 -13.251 1.00 13.78 ? 8   ASN A CG  1 
ATOM   16  O OD1 . ASN A 1 11  ? -3.273  -12.958 -12.568 1.00 15.53 ? 8   ASN A OD1 1 
ATOM   17  N ND2 . ASN A 1 11  ? -4.182  -14.958 -13.068 1.00 15.74 ? 8   ASN A ND2 1 
ATOM   18  N N   . ASN A 1 12  ? -4.477  -10.093 -12.348 1.00 10.20 ? 9   ASN A N   1 
ATOM   19  C CA  . ASN A 1 12  ? -4.754  -9.609  -11.017 1.00 9.60  ? 9   ASN A CA  1 
ATOM   20  C C   . ASN A 1 12  ? -3.979  -8.309  -10.890 1.00 10.09 ? 9   ASN A C   1 
ATOM   21  O O   . ASN A 1 12  ? -2.769  -8.313  -10.635 1.00 11.64 ? 9   ASN A O   1 
ATOM   22  C CB  . ASN A 1 12  ? -4.366  -10.636 -9.984  1.00 9.94  ? 9   ASN A CB  1 
ATOM   23  C CG  . ASN A 1 12  ? -4.612  -10.219 -8.578  1.00 10.09 ? 9   ASN A CG  1 
ATOM   24  O OD1 . ASN A 1 12  ? -4.787  -9.014  -8.298  1.00 10.95 ? 9   ASN A OD1 1 
ATOM   25  N ND2 . ASN A 1 12  ? -4.646  -11.183 -7.677  1.00 10.81 ? 9   ASN A ND2 1 
ATOM   26  N N   . THR A 1 13  ? -4.671  -7.182  -11.082 1.00 10.35 ? 10  THR A N   1 
ATOM   27  C CA  . THR A 1 13  ? -4.011  -5.905  -11.052 1.00 11.80 ? 10  THR A CA  1 
ATOM   28  C C   . THR A 1 13  ? -4.949  -4.918  -10.353 1.00 10.62 ? 10  THR A C   1 
ATOM   29  O O   . THR A 1 13  ? -6.124  -4.854  -10.629 1.00 13.47 ? 10  THR A O   1 
ATOM   30  C CB  . THR A 1 13  ? -3.618  -5.419  -12.440 1.00 15.61 ? 10  THR A CB  1 
ATOM   31  O OG1 . THR A 1 13  ? -2.972  -4.140  -12.393 1.00 19.79 ? 10  THR A OG1 1 
ATOM   32  C CG2 . THR A 1 13  ? -4.853  -5.295  -13.338 1.00 21.13 ? 10  THR A CG2 1 
ATOM   33  N N   . VAL A 1 14  ? -4.337  -4.114  -9.516  1.00 10.51 ? 11  VAL A N   1 
ATOM   34  C CA  . VAL A 1 14  ? -5.005  -3.067  -8.760  1.00 9.76  ? 11  VAL A CA  1 
ATOM   35  C C   . VAL A 1 14  ? -4.224  -1.776  -8.963  1.00 9.97  ? 11  VAL A C   1 
ATOM   36  O O   . VAL A 1 14  ? -3.009  -1.773  -8.801  1.00 12.20 ? 11  VAL A O   1 
ATOM   37  C CB  . VAL A 1 14  ? -4.995  -3.395  -7.240  1.00 11.57 ? 11  VAL A CB  1 
ATOM   38  C CG1 . VAL A 1 14  ? -5.735  -2.269  -6.468  1.00 13.53 ? 11  VAL A CG1 1 
ATOM   39  C CG2 . VAL A 1 14  ? -5.642  -4.746  -6.987  1.00 12.67 ? 11  VAL A CG2 1 
ATOM   40  N N   . THR A 1 15  ? -4.914  -0.701  -9.313  1.00 9.22  ? 12  THR A N   1 
ATOM   41  C CA  . THR A 1 15  ? -4.300  0.646   -9.356  1.00 9.96  ? 12  THR A CA  1 
ATOM   42  C C   . THR A 1 15  ? -5.096  1.529   -8.416  1.00 9.51  ? 12  THR A C   1 
ATOM   43  O O   . THR A 1 15  ? -6.330  1.609   -8.519  1.00 10.33 ? 12  THR A O   1 
ATOM   44  C CB  . THR A 1 15  ? -4.264  1.200   -10.771 1.00 13.68 ? 12  THR A CB  1 
ATOM   45  O OG1 . THR A 1 15  ? -3.501  0.325   -11.603 1.00 19.36 ? 12  THR A OG1 1 
ATOM   46  C CG2 . THR A 1 15  ? -3.586  2.574   -10.764 1.00 17.25 ? 12  THR A CG2 1 
ATOM   47  N N   . LEU A 1 16  ? -4.376  2.237   -7.539  1.00 9.44  ? 13  LEU A N   1 
ATOM   48  C CA  . LEU A 1 16  ? -4.981  3.135   -6.554  1.00 9.29  ? 13  LEU A CA  1 
ATOM   49  C C   . LEU A 1 16  ? -4.227  4.448   -6.544  1.00 9.68  ? 13  LEU A C   1 
ATOM   50  O O   . LEU A 1 16  ? -2.984  4.452   -6.629  1.00 11.14 ? 13  LEU A O   1 
ATOM   51  C CB  . LEU A 1 16  ? -4.900  2.539   -5.154  1.00 10.10 ? 13  LEU A CB  1 
ATOM   52  C CG  . LEU A 1 16  ? -5.573  1.165   -4.973  1.00 10.86 ? 13  LEU A CG  1 
ATOM   53  C CD1 . LEU A 1 16  ? -5.229  0.613   -3.618  1.00 12.48 ? 13  LEU A CD1 1 
ATOM   54  C CD2 . LEU A 1 16  ? -7.082  1.237   -5.148  1.00 12.20 ? 13  LEU A CD2 1 
ATOM   55  N N   . VAL A 1 17  ? -4.945  5.548   -6.372  1.00 9.04  ? 14  VAL A N   1 
ATOM   56  C CA  . VAL A 1 17  ? -4.333  6.846   -6.081  1.00 9.29  ? 14  VAL A CA  1 
ATOM   57  C C   . VAL A 1 17  ? -4.984  7.349   -4.825  1.00 9.56  ? 14  VAL A C   1 
ATOM   58  O O   . VAL A 1 17  ? -6.209  7.500   -4.758  1.00 10.75 ? 14  VAL A O   1 
ATOM   59  C CB  . VAL A 1 17  ? -4.525  7.843   -7.224  1.00 10.85 ? 14  VAL A CB  1 
ATOM   60  C CG1 . VAL A 1 17  ? -3.828  9.157   -6.829  1.00 12.71 ? 14  VAL A CG1 1 
ATOM   61  C CG2 . VAL A 1 17  ? -3.976  7.319   -8.539  1.00 11.58 ? 14  VAL A CG2 1 
ATOM   62  N N   . GLY A 1 18  ? -4.201  7.609   -3.788  1.00 9.87  ? 15  GLY A N   1 
ATOM   63  C CA  . GLY A 1 18  ? -4.755  8.110   -2.545  1.00 10.37 ? 15  GLY A CA  1 
ATOM   64  C C   . GLY A 1 18  ? -3.668  8.520   -1.572  1.00 10.43 ? 15  GLY A C   1 
ATOM   65  O O   . GLY A 1 18  ? -2.508  8.733   -1.979  1.00 11.47 ? 15  GLY A O   1 
ATOM   66  N N   . LYS A 1 19  ? -4.041  8.667   -0.315  1.00 10.71 ? 16  LYS A N   1 
ATOM   67  C CA  . LYS A 1 19  ? -3.137  9.176   0.695   1.00 11.46 ? 16  LYS A CA  1 
ATOM   68  C C   . LYS A 1 19  ? -2.870  8.144   1.761   1.00 10.57 ? 16  LYS A C   1 
ATOM   69  O O   . LYS A 1 19  ? -3.749  7.402   2.202   1.00 10.96 ? 16  LYS A O   1 
ATOM   70  C CB  . LYS A 1 19  ? -3.715  10.434  1.369   1.00 15.32 ? 16  LYS A CB  1 
ATOM   71  C CG  . LYS A 1 19  ? -3.627  11.645  0.419   1.00 18.00 ? 16  LYS A CG  1 
ATOM   72  C CD  . LYS A 1 19  ? -4.096  12.924  0.980   1.00 22.78 ? 16  LYS A CD  1 
ATOM   73  C CE  . LYS A 1 19  ? -4.189  14.026  -0.076  1.00 29.87 ? 16  LYS A CE  1 
ATOM   74  N NZ  . LYS A 1 19  ? -4.295  15.307  0.679   1.00 42.91 ? 16  LYS A NZ  1 
ATOM   75  N N   . VAL A 1 20  ? -1.623  8.083   2.225   1.00 10.59 ? 17  VAL A N   1 
ATOM   76  C CA  . VAL A 1 20  ? -1.255  7.240   3.343   1.00 10.94 ? 17  VAL A CA  1 
ATOM   77  C C   . VAL A 1 20  ? -2.076  7.681   4.532   1.00 10.59 ? 17  VAL A C   1 
ATOM   78  O O   . VAL A 1 20  ? -1.980  8.866   4.936   1.00 12.73 ? 17  VAL A O   1 
ATOM   79  C CB  . VAL A 1 20  ? 0.264   7.316   3.615   1.00 11.45 ? 17  VAL A CB  1 
ATOM   80  C CG1 . VAL A 1 20  ? 0.637   6.497   4.863   1.00 12.97 ? 17  VAL A CG1 1 
ATOM   81  C CG2 . VAL A 1 20  ? 1.078   6.873   2.390   1.00 12.12 ? 17  VAL A CG2 1 
ATOM   82  N N   . PHE A 1 21  ? -2.851  6.795   5.105   1.00 10.85 ? 18  PHE A N   1 
ATOM   83  C CA  . PHE A 1 21  ? -3.824  7.118   6.160   1.00 11.08 ? 18  PHE A CA  1 
ATOM   84  C C   . PHE A 1 21  ? -3.384  6.656   7.516   1.00 11.38 ? 18  PHE A C   1 
ATOM   85  O O   . PHE A 1 21  ? -3.630  7.298   8.534   1.00 12.41 ? 18  PHE A O   1 
ATOM   86  C CB  . PHE A 1 21  ? -5.166  6.537   5.762   1.00 11.56 ? 18  PHE A CB  1 
ATOM   87  C CG  . PHE A 1 21  ? -6.336  7.003   6.633   1.00 11.78 ? 18  PHE A CG  1 
ATOM   88  C CD1 . PHE A 1 21  ? -6.725  8.331   6.612   1.00 13.43 ? 18  PHE A CD1 1 
ATOM   89  C CD2 . PHE A 1 21  ? -7.008  6.092   7.429   1.00 11.74 ? 18  PHE A CD2 1 
ATOM   90  C CE1 . PHE A 1 21  ? -7.829  8.709   7.402   1.00 14.75 ? 18  PHE A CE1 1 
ATOM   91  C CE2 . PHE A 1 21  ? -8.074  6.506   8.188   1.00 12.90 ? 18  PHE A CE2 1 
ATOM   92  C CZ  . PHE A 1 21  ? -8.469  7.805   8.186   1.00 14.15 ? 18  PHE A CZ  1 
ATOM   93  N N   . THR A 1 22  ? -2.753  5.493   7.589   1.00 13.30 ? 19  THR A N   1 
ATOM   94  C CA  . THR A 1 22  ? -2.125  5.004   8.798   1.00 13.04 ? 19  THR A CA  1 
ATOM   95  C C   . THR A 1 22  ? -0.640  4.767   8.460   1.00 13.03 ? 19  THR A C   1 
ATOM   96  O O   . THR A 1 22  ? -0.288  4.563   7.309   1.00 14.24 ? 19  THR A O   1 
ATOM   97  C CB  . THR A 1 22  ? -2.772  3.719   9.305   1.00 13.00 ? 19  THR A CB  1 
ATOM   98  O OG1 . THR A 1 22  ? -2.482  2.644   8.387   1.00 13.79 ? 19  THR A OG1 1 
ATOM   99  C CG2 . THR A 1 22  ? -4.269  3.846   9.510   1.00 14.37 ? 19  THR A CG2 1 
ATOM   100 N N   . PRO A 1 23  ? 0.244   4.833   9.458   1.00 13.91 ? 20  PRO A N   1 
ATOM   101 C CA  . PRO A 1 23  ? 1.678   4.763   9.152   1.00 15.05 ? 20  PRO A CA  1 
ATOM   102 C C   . PRO A 1 23  ? 2.125   3.357   8.731   1.00 14.39 ? 20  PRO A C   1 
ATOM   103 O O   . PRO A 1 23  ? 1.548   2.347   9.081   1.00 15.79 ? 20  PRO A O   1 
ATOM   104 C CB  . PRO A 1 23  ? 2.361   5.162   10.422  1.00 16.65 ? 20  PRO A CB  1 
ATOM   105 C CG  . PRO A 1 23  ? 1.354   4.877   11.463  1.00 18.83 ? 20  PRO A CG  1 
ATOM   106 C CD  . PRO A 1 23  ? 0.013   5.107   10.892  1.00 14.62 ? 20  PRO A CD  1 
ATOM   107 N N   . LEU A 1 24  ? 3.245   3.332   8.046   1.00 14.79 ? 21  LEU A N   1 
ATOM   108 C CA  . LEU A 1 24  ? 3.854   2.034   7.722   1.00 15.53 ? 21  LEU A CA  1 
ATOM   109 C C   . LEU A 1 24  ? 4.208   1.316   9.011   1.00 15.72 ? 21  LEU A C   1 
ATOM   110 O O   . LEU A 1 24  ? 4.906   1.810   9.888   1.00 21.97 ? 21  LEU A O   1 
ATOM   111 C CB  . LEU A 1 24  ? 5.071   2.195   6.822   1.00 17.28 ? 21  LEU A CB  1 
ATOM   112 C CG  . LEU A 1 24  ? 4.748   2.132   5.304   1.00 18.04 ? 21  LEU A CG  1 
ATOM   113 C CD1 . LEU A 1 24  ? 3.909   3.352   4.961   1.00 17.88 ? 21  LEU A CD1 1 
ATOM   114 C CD2 . LEU A 1 24  ? 6.040   2.014   4.534   1.00 21.94 ? 21  LEU A CD2 1 
ATOM   115 N N   . GLU A 1 25  ? 3.705   0.099   9.152   1.00 15.61 ? 22  GLU A N   1 
ATOM   116 C CA  . GLU A 1 25  ? 3.909   -0.688  10.361  1.00 17.77 ? 22  GLU A CA  1 
ATOM   117 C C   . GLU A 1 25  ? 4.638   -1.919  9.917   1.00 18.03 ? 22  GLU A C   1 
ATOM   118 O O   . GLU A 1 25  ? 4.204   -2.608  8.984   1.00 18.58 ? 22  GLU A O   1 
ATOM   119 C CB  . GLU A 1 25  ? 2.565   -0.970  11.029  1.00 20.49 ? 22  GLU A CB  1 
ATOM   120 C CG  . GLU A 1 25  ? 1.962   0.314   11.623  1.00 27.83 ? 22  GLU A CG  1 
ATOM   121 C CD  . GLU A 1 25  ? 0.670   0.394   12.399  1.00 29.91 ? 22  GLU A CD  1 
ATOM   122 O OE1 . GLU A 1 25  ? 0.163   -0.753  12.647  1.00 36.70 ? 22  GLU A OE1 1 
ATOM   123 O OE2 . GLU A 1 25  ? 0.106   1.502   12.828  1.00 31.99 ? 22  GLU A OE2 1 
ATOM   124 N N   . PHE A 1 26  ? 5.729   -2.207  10.542  1.00 22.38 ? 23  PHE A N   1 
ATOM   125 C CA  . PHE A 1 26  ? 6.504   -3.389  10.214  1.00 24.45 ? 23  PHE A CA  1 
ATOM   126 C C   . PHE A 1 26  ? 5.629   -4.593  10.395  1.00 26.18 ? 23  PHE A C   1 
ATOM   127 O O   . PHE A 1 26  ? 4.986   -4.738  11.440  1.00 35.65 ? 23  PHE A O   1 
ATOM   128 C CB  . PHE A 1 26  ? 7.742   -3.367  11.141  1.00 31.42 ? 23  PHE A CB  1 
ATOM   129 C CG  . PHE A 1 26  ? 8.543   -4.630  10.956  1.00 36.13 ? 23  PHE A CG  1 
ATOM   130 C CD1 . PHE A 1 26  ? 9.367   -4.771  9.841   1.00 38.30 ? 23  PHE A CD1 1 
ATOM   131 C CD2 . PHE A 1 26  ? 8.461   -5.655  11.855  1.00 41.76 ? 23  PHE A CD2 1 
ATOM   132 C CE1 . PHE A 1 26  ? 10.091  -5.917  9.678   1.00 40.78 ? 23  PHE A CE1 1 
ATOM   133 C CE2 . PHE A 1 26  ? 9.226   -6.804  11.696  1.00 43.99 ? 23  PHE A CE2 1 
ATOM   134 C CZ  . PHE A 1 26  ? 10.059  -6.955  10.608  1.00 43.56 ? 23  PHE A CZ  1 
ATOM   135 N N   . SER A 1 27  ? 5.588   -5.472  9.395   1.00 29.30 ? 24  SER A N   1 
ATOM   136 C CA  . SER A 1 27  ? 4.888   -6.724  9.671   1.00 33.54 ? 24  SER A CA  1 
ATOM   137 C C   . SER A 1 27  ? 5.932   -7.779  10.044  1.00 35.65 ? 24  SER A C   1 
ATOM   138 O O   . SER A 1 27  ? 5.993   -8.245  11.179  1.00 41.22 ? 24  SER A O   1 
ATOM   139 C CB  . SER A 1 27  ? 4.087   -7.226  8.483   1.00 35.84 ? 24  SER A CB  1 
ATOM   140 O OG  . SER A 1 27  ? 4.839   -7.198  7.292   1.00 44.80 ? 24  SER A OG  1 
ATOM   141 N N   . HIS A 1 28  ? 6.757   -8.091  9.045   1.00 37.28 ? 25  HIS A N   1 
ATOM   142 C CA  . HIS A 1 28  ? 7.811   -9.040  9.383   1.00 40.80 ? 25  HIS A CA  1 
ATOM   143 C C   . HIS A 1 28  ? 8.718   -9.188  8.176   1.00 39.57 ? 25  HIS A C   1 
ATOM   144 O O   . HIS A 1 28  ? 8.643   -8.402  7.210   1.00 37.64 ? 25  HIS A O   1 
ATOM   145 C CB  . HIS A 1 28  ? 7.191   -10.369 9.824   1.00 42.90 ? 25  HIS A CB  1 
ATOM   146 C CG  . HIS A 1 28  ? 6.537   -10.986 8.629   1.00 48.38 ? 25  HIS A CG  1 
ATOM   147 N ND1 . HIS A 1 28  ? 5.666   -10.258 7.873   1.00 50.93 ? 25  HIS A ND1 1 
ATOM   148 C CD2 . HIS A 1 28  ? 6.620   -12.209 8.070   1.00 50.40 ? 25  HIS A CD2 1 
ATOM   149 C CE1 . HIS A 1 28  ? 5.228   -11.009 6.887   1.00 52.62 ? 25  HIS A CE1 1 
ATOM   150 N NE2 . HIS A 1 28  ? 5.787   -12.203 6.962   1.00 51.84 ? 25  HIS A NE2 1 
ATOM   151 N N   . GLU A 1 29  ? 9.588   -10.192 8.264   1.00 37.88 ? 26  GLU A N   1 
ATOM   152 C CA  . GLU A 1 29  ? 10.629  -10.310 7.270   1.00 36.04 ? 26  GLU A CA  1 
ATOM   153 C C   . GLU A 1 29  ? 10.574  -11.618 6.522   1.00 35.48 ? 26  GLU A C   1 
ATOM   154 O O   . GLU A 1 29  ? 10.096  -12.627 6.998   1.00 44.87 ? 26  GLU A O   1 
ATOM   155 C CB  . GLU A 1 29  ? 12.028  -10.351 7.876   1.00 39.00 ? 26  GLU A CB  1 
ATOM   156 C CG  . GLU A 1 29  ? 12.581  -9.015  8.356   1.00 44.75 ? 26  GLU A CG  1 
ATOM   157 C CD  . GLU A 1 29  ? 13.876  -9.254  9.116   1.00 48.43 ? 26  GLU A CD  1 
ATOM   158 O OE1 . GLU A 1 29  ? 14.558  -8.244  9.386   1.00 51.94 ? 26  GLU A OE1 1 
ATOM   159 O OE2 . GLU A 1 29  ? 14.127  -10.455 9.397   1.00 51.54 ? 26  GLU A OE2 1 
ATOM   160 N N   . LEU A 1 30  ? 11.173  -11.489 5.362   1.00 30.32 ? 27  LEU A N   1 
ATOM   161 C CA  . LEU A 1 30  ? 11.309  -12.672 4.541   1.00 32.60 ? 27  LEU A CA  1 
ATOM   162 C C   . LEU A 1 30  ? 12.768  -12.865 4.253   1.00 27.25 ? 27  LEU A C   1 
ATOM   163 O O   . LEU A 1 30  ? 13.140  -12.098 3.389   1.00 26.86 ? 27  LEU A O   1 
ATOM   164 C CB  . LEU A 1 30  ? 10.673  -12.468 3.139   1.00 38.34 ? 27  LEU A CB  1 
ATOM   165 C CG  . LEU A 1 30  ? 11.094  -13.622 2.218   1.00 43.79 ? 27  LEU A CG  1 
ATOM   166 C CD1 . LEU A 1 30  ? 10.317  -14.848 2.703   1.00 42.17 ? 27  LEU A CD1 1 
ATOM   167 C CD2 . LEU A 1 30  ? 10.942  -13.339 0.744   1.00 50.34 ? 27  LEU A CD2 1 
ATOM   168 N N   . TYR A 1 31  ? 13.432  -13.828 4.860   1.00 23.06 ? 28  TYR A N   1 
ATOM   169 C CA  . TYR A 1 31  ? 14.847  -13.952 4.588   1.00 19.07 ? 28  TYR A CA  1 
ATOM   170 C C   . TYR A 1 31  ? 15.555  -12.618 4.628   1.00 17.25 ? 28  TYR A C   1 
ATOM   171 O O   . TYR A 1 31  ? 16.358  -12.244 3.754   1.00 17.39 ? 28  TYR A O   1 
ATOM   172 C CB  . TYR A 1 31  ? 15.017  -14.725 3.238   1.00 18.58 ? 28  TYR A CB  1 
ATOM   173 C CG  . TYR A 1 31  ? 14.398  -16.096 3.354   1.00 19.19 ? 28  TYR A CG  1 
ATOM   174 C CD1 . TYR A 1 31  ? 13.161  -16.427 2.849   1.00 21.39 ? 28  TYR A CD1 1 
ATOM   175 C CD2 . TYR A 1 31  ? 15.050  -17.145 3.988   1.00 22.82 ? 28  TYR A CD2 1 
ATOM   176 C CE1 . TYR A 1 31  ? 12.596  -17.674 2.970   1.00 23.86 ? 28  TYR A CE1 1 
ATOM   177 C CE2 . TYR A 1 31  ? 14.532  -18.422 4.148   1.00 25.43 ? 28  TYR A CE2 1 
ATOM   178 C CZ  . TYR A 1 31  ? 13.277  -18.672 3.612   1.00 26.53 ? 28  TYR A CZ  1 
ATOM   179 O OH  . TYR A 1 31  ? 12.684  -19.911 3.697   1.00 34.39 ? 28  TYR A OH  1 
ATOM   180 N N   . GLY A 1 32  ? 15.211  -11.815 5.636   1.00 18.06 ? 29  GLY A N   1 
ATOM   181 C CA  . GLY A 1 32  ? 15.817  -10.518 5.854   1.00 17.97 ? 29  GLY A CA  1 
ATOM   182 C C   . GLY A 1 32  ? 15.169  -9.336  5.140   1.00 17.77 ? 29  GLY A C   1 
ATOM   183 O O   . GLY A 1 32  ? 15.396  -8.195  5.561   1.00 18.62 ? 29  GLY A O   1 
ATOM   184 N N   . GLU A 1 33  ? 14.388  -9.552  4.101   1.00 17.65 ? 30  GLU A N   1 
ATOM   185 C CA  . GLU A 1 33  ? 13.609  -8.470  3.471   1.00 18.20 ? 30  GLU A CA  1 
ATOM   186 C C   . GLU A 1 33  ? 12.485  -8.008  4.375   1.00 18.57 ? 30  GLU A C   1 
ATOM   187 O O   . GLU A 1 33  ? 11.683  -8.789  4.846   1.00 21.32 ? 30  GLU A O   1 
ATOM   188 C CB  . GLU A 1 33  ? 13.083  -9.009  2.109   1.00 20.77 ? 30  GLU A CB  1 
ATOM   189 C CG  . GLU A 1 33  ? 12.344  -7.929  1.296   1.00 23.18 ? 30  GLU A CG  1 
ATOM   190 C CD  . GLU A 1 33  ? 11.840  -8.357  -0.056  1.00 25.80 ? 30  GLU A CD  1 
ATOM   191 O OE1 . GLU A 1 33  ? 12.018  -9.545  -0.484  1.00 30.37 ? 30  GLU A OE1 1 
ATOM   192 O OE2 . GLU A 1 33  ? 11.264  -7.572  -0.844  1.00 27.04 ? 30  GLU A OE2 1 
ATOM   193 N N   . LYS A 1 34  ? 12.354  -6.721  4.617   1.00 18.34 ? 31  LYS A N   1 
ATOM   194 C CA  . LYS A 1 34  ? 11.380  -6.122  5.530   1.00 18.23 ? 31  LYS A CA  1 
ATOM   195 C C   . LYS A 1 34  ? 10.123  -5.704  4.743   1.00 16.93 ? 31  LYS A C   1 
ATOM   196 O O   . LYS A 1 34  ? 10.219  -5.050  3.697   1.00 19.05 ? 31  LYS A O   1 
ATOM   197 C CB  . LYS A 1 34  ? 11.952  -4.913  6.243   1.00 21.36 ? 31  LYS A CB  1 
ATOM   198 C CG  . LYS A 1 34  ? 13.212  -5.169  7.068   1.00 27.24 ? 31  LYS A CG  1 
ATOM   199 C CD  . LYS A 1 34  ? 13.831  -3.839  7.513   1.00 34.64 ? 31  LYS A CD  1 
ATOM   200 C CE  . LYS A 1 34  ? 14.751  -3.962  8.726   1.00 38.94 ? 31  LYS A CE  1 
ATOM   201 N NZ  . LYS A 1 34  ? 16.034  -4.639  8.368   1.00 44.71 ? 31  LYS A NZ  1 
ATOM   202 N N   . PHE A 1 35  ? 8.964   -6.079  5.252   1.00 16.55 ? 32  PHE A N   1 
ATOM   203 C CA  . PHE A 1 35  ? 7.679   -5.727  4.736   1.00 15.48 ? 32  PHE A CA  1 
ATOM   204 C C   . PHE A 1 35  ? 6.915   -4.885  5.771   1.00 15.33 ? 32  PHE A C   1 
ATOM   205 O O   . PHE A 1 35  ? 6.997   -5.096  6.984   1.00 20.14 ? 32  PHE A O   1 
ATOM   206 C CB  . PHE A 1 35  ? 6.862   -6.965  4.303   1.00 18.74 ? 32  PHE A CB  1 
ATOM   207 C CG  . PHE A 1 35  ? 7.457   -7.634  3.075   1.00 19.48 ? 32  PHE A CG  1 
ATOM   208 C CD1 . PHE A 1 35  ? 8.541   -8.501  3.243   1.00 22.88 ? 32  PHE A CD1 1 
ATOM   209 C CD2 . PHE A 1 35  ? 6.952   -7.373  1.814   1.00 21.00 ? 32  PHE A CD2 1 
ATOM   210 C CE1 . PHE A 1 35  ? 9.088   -9.108  2.136   1.00 26.49 ? 32  PHE A CE1 1 
ATOM   211 C CE2 . PHE A 1 35  ? 7.531   -7.992  0.727   1.00 23.89 ? 32  PHE A CE2 1 
ATOM   212 C CZ  . PHE A 1 35  ? 8.604   -8.831  0.880   1.00 27.61 ? 32  PHE A CZ  1 
ATOM   213 N N   . PHE A 1 36  ? 6.128   -3.977  5.206   1.00 14.01 ? 33  PHE A N   1 
ATOM   214 C CA  . PHE A 1 36  ? 5.334   -3.046  5.970   1.00 13.65 ? 33  PHE A CA  1 
ATOM   215 C C   . PHE A 1 36  ? 3.884   -3.056  5.460   1.00 13.10 ? 33  PHE A C   1 
ATOM   216 O O   . PHE A 1 36  ? 3.662   -3.216  4.261   1.00 15.25 ? 33  PHE A O   1 
ATOM   217 C CB  . PHE A 1 36  ? 5.866   -1.653  5.819   1.00 14.65 ? 33  PHE A CB  1 
ATOM   218 C CG  . PHE A 1 36  ? 7.277   -1.512  6.357   1.00 16.09 ? 33  PHE A CG  1 
ATOM   219 C CD1 . PHE A 1 36  ? 8.343   -1.902  5.559   1.00 18.27 ? 33  PHE A CD1 1 
ATOM   220 C CD2 . PHE A 1 36  ? 7.495   -1.053  7.606   1.00 17.72 ? 33  PHE A CD2 1 
ATOM   221 C CE1 . PHE A 1 36  ? 9.625   -1.810  6.034   1.00 22.48 ? 33  PHE A CE1 1 
ATOM   222 C CE2 . PHE A 1 36  ? 8.809   -0.917  8.084   1.00 23.29 ? 33  PHE A CE2 1 
ATOM   223 C CZ  . PHE A 1 36  ? 9.851   -1.303  7.298   1.00 24.62 ? 33  PHE A CZ  1 
ATOM   224 N N   . ASN A 1 37  ? 2.961   -2.863  6.356   1.00 12.85 ? 34  ASN A N   1 
ATOM   225 C CA  . ASN A 1 37  ? 1.563   -2.693  6.027   1.00 12.69 ? 34  ASN A CA  1 
ATOM   226 C C   . ASN A 1 37  ? 1.135   -1.270  6.336   1.00 11.56 ? 34  ASN A C   1 
ATOM   227 O O   . ASN A 1 37  ? 1.620   -0.668  7.301   1.00 13.92 ? 34  ASN A O   1 
ATOM   228 C CB  . ASN A 1 37  ? 0.722   -3.611  6.945   1.00 15.42 ? 34  ASN A CB  1 
ATOM   229 C CG  . ASN A 1 37  ? 0.897   -5.078  6.690   1.00 16.56 ? 34  ASN A CG  1 
ATOM   230 O OD1 . ASN A 1 37  ? 0.957   -5.554  5.562   1.00 20.43 ? 34  ASN A OD1 1 
ATOM   231 N ND2 . ASN A 1 37  ? 0.955   -5.839  7.764   1.00 22.43 ? 34  ASN A ND2 1 
ATOM   232 N N   . PHE A 1 38  ? 0.188   -0.727  5.568   1.00 10.75 ? 35  PHE A N   1 
ATOM   233 C CA  . PHE A 1 38  ? -0.402  0.554   5.879   1.00 10.57 ? 35  PHE A CA  1 
ATOM   234 C C   . PHE A 1 38  ? -1.772  0.621   5.208   1.00 9.74  ? 35  PHE A C   1 
ATOM   235 O O   . PHE A 1 38  ? -2.061  -0.144  4.297   1.00 11.18 ? 35  PHE A O   1 
ATOM   236 C CB  . PHE A 1 38  ? 0.474   1.730   5.473   1.00 11.48 ? 35  PHE A CB  1 
ATOM   237 C CG  . PHE A 1 38  ? 0.684   1.927   4.012   1.00 11.46 ? 35  PHE A CG  1 
ATOM   238 C CD1 . PHE A 1 38  ? 1.664   1.234   3.326   1.00 12.86 ? 35  PHE A CD1 1 
ATOM   239 C CD2 . PHE A 1 38  ? -0.086  2.829   3.306   1.00 11.94 ? 35  PHE A CD2 1 
ATOM   240 C CE1 . PHE A 1 38  ? 1.910   1.450   1.994   1.00 13.70 ? 35  PHE A CE1 1 
ATOM   241 C CE2 . PHE A 1 38  ? 0.148   3.055   1.962   1.00 12.92 ? 35  PHE A CE2 1 
ATOM   242 C CZ  . PHE A 1 38  ? 1.160   2.367   1.322   1.00 14.09 ? 35  PHE A CZ  1 
ATOM   243 N N   . ILE A 1 39  ? -2.588  1.590   5.620   1.00 9.86  ? 36  ILE A N   1 
ATOM   244 C CA  . ILE A 1 39  ? -3.871  1.838   5.000   1.00 9.28  ? 36  ILE A CA  1 
ATOM   245 C C   . ILE A 1 39  ? -3.804  3.062   4.113   1.00 9.20  ? 36  ILE A C   1 
ATOM   246 O O   . ILE A 1 39  ? -3.244  4.091   4.503   1.00 10.14 ? 36  ILE A O   1 
ATOM   247 C CB  . ILE A 1 39  ? -4.931  2.058   6.104   1.00 10.21 ? 36  ILE A CB  1 
ATOM   248 C CG1 . ILE A 1 39  ? -5.020  0.832   7.026   1.00 11.33 ? 36  ILE A CG1 1 
ATOM   249 C CG2 . ILE A 1 39  ? -6.295  2.432   5.504   1.00 11.16 ? 36  ILE A CG2 1 
ATOM   250 C CD1 . ILE A 1 39  ? -5.299  -0.473  6.337   1.00 13.40 ? 36  ILE A CD1 1 
ATOM   251 N N   . LEU A 1 40  ? -4.378  2.938   2.922   1.00 9.04  ? 37  LEU A N   1 
ATOM   252 C CA  . LEU A 1 40  ? -4.485  4.018   1.954   1.00 9.09  ? 37  LEU A CA  1 
ATOM   253 C C   . LEU A 1 40  ? -5.920  4.517   1.941   1.00 9.39  ? 37  LEU A C   1 
ATOM   254 O O   . LEU A 1 40  ? -6.850  3.709   1.806   1.00 11.00 ? 37  LEU A O   1 
ATOM   255 C CB  . LEU A 1 40  ? -4.073  3.500   0.561   1.00 9.81  ? 37  LEU A CB  1 
ATOM   256 C CG  . LEU A 1 40  ? -3.840  4.582   -0.488  1.00 10.02 ? 37  LEU A CG  1 
ATOM   257 C CD1 . LEU A 1 40  ? -2.522  5.276   -0.241  1.00 11.42 ? 37  LEU A CD1 1 
ATOM   258 C CD2 . LEU A 1 40  ? -3.915  3.975   -1.885  1.00 11.31 ? 37  LEU A CD2 1 
ATOM   259 N N   . GLU A 1 41  ? -6.116  5.833   2.030   1.00 9.55  ? 38  GLU A N   1 
ATOM   260 C CA  . GLU A 1 41  ? -7.429  6.448   1.874   1.00 9.93  ? 38  GLU A CA  1 
ATOM   261 C C   . GLU A 1 41  ? -7.612  6.859   0.431   1.00 9.69  ? 38  GLU A C   1 
ATOM   262 O O   . GLU A 1 41  ? -6.827  7.672   -0.095  1.00 11.34 ? 38  GLU A O   1 
ATOM   263 C CB  . GLU A 1 41  ? -7.546  7.669   2.797   1.00 12.46 ? 38  GLU A CB  1 
ATOM   264 C CG  . GLU A 1 41  ? -8.853  8.399   2.727   1.00 16.35 ? 38  GLU A CG  1 
ATOM   265 C CD  . GLU A 1 41  ? -8.838  9.660   3.576   1.00 21.07 ? 38  GLU A CD  1 
ATOM   266 O OE1 . GLU A 1 41  ? -8.023  10.538  3.217   1.00 27.90 ? 38  GLU A OE1 1 
ATOM   267 O OE2 . GLU A 1 41  ? -9.610  9.719   4.547   1.00 25.26 ? 38  GLU A OE2 1 
ATOM   268 N N   . VAL A 1 42  ? -8.630  6.347   -0.227  1.00 10.07 ? 39  VAL A N   1 
ATOM   269 C CA  . VAL A 1 42  ? -8.878  6.594   -1.620  1.00 10.36 ? 39  VAL A CA  1 
ATOM   270 C C   . VAL A 1 42  ? -10.257 7.201   -1.791  1.00 11.15 ? 39  VAL A C   1 
ATOM   271 O O   . VAL A 1 42  ? -11.257 6.543   -1.497  1.00 12.23 ? 39  VAL A O   1 
ATOM   272 C CB  . VAL A 1 42  ? -8.762  5.295   -2.486  1.00 11.09 ? 39  VAL A CB  1 
ATOM   273 C CG1 . VAL A 1 42  ? -8.974  5.580   -3.946  1.00 13.15 ? 39  VAL A CG1 1 
ATOM   274 C CG2 . VAL A 1 42  ? -7.375  4.674   -2.255  1.00 12.71 ? 39  VAL A CG2 1 
ATOM   275 N N   . PRO A 1 43  ? -10.351 8.461   -2.263  1.00 12.97 ? 40  PRO A N   1 
ATOM   276 C CA  . PRO A 1 43  ? -11.675 9.086   -2.344  1.00 13.95 ? 40  PRO A CA  1 
ATOM   277 C C   . PRO A 1 43  ? -12.486 8.639   -3.546  1.00 15.40 ? 40  PRO A C   1 
ATOM   278 O O   . PRO A 1 43  ? -11.970 8.527   -4.643  1.00 18.86 ? 40  PRO A O   1 
ATOM   279 C CB  . PRO A 1 43  ? -11.276 10.566  -2.455  1.00 16.84 ? 40  PRO A CB  1 
ATOM   280 C CG  . PRO A 1 43  ? -9.948  10.559  -3.208  1.00 17.81 ? 40  PRO A CG  1 
ATOM   281 C CD  . PRO A 1 43  ? -9.239  9.341   -2.672  1.00 14.44 ? 40  PRO A CD  1 
ATOM   282 N N   . ARG A 1 44  ? -13.783 8.389   -3.358  1.00 16.11 ? 41  ARG A N   1 
ATOM   283 C CA  . ARG A 1 44  ? -14.711 8.186   -4.439  1.00 17.64 ? 41  ARG A CA  1 
ATOM   284 C C   . ARG A 1 44  ? -15.169 9.520   -5.015  1.00 20.30 ? 41  ARG A C   1 
ATOM   285 O O   . ARG A 1 44  ? -15.013 10.587  -4.395  1.00 23.58 ? 41  ARG A O   1 
ATOM   286 C CB  . ARG A 1 44  ? -15.932 7.427   -3.964  1.00 17.67 ? 41  ARG A CB  1 
ATOM   287 C CG  . ARG A 1 44  ? -15.623 6.046   -3.428  1.00 17.38 ? 41  ARG A CG  1 
ATOM   288 C CD  . ARG A 1 44  ? -16.910 5.227   -3.214  1.00 18.19 ? 41  ARG A CD  1 
ATOM   289 N NE  . ARG A 1 44  ? -16.672 4.097   -2.358  1.00 16.60 ? 41  ARG A NE  1 
ATOM   290 C CZ  . ARG A 1 44  ? -17.590 3.350   -1.775  1.00 15.42 ? 41  ARG A CZ  1 
ATOM   291 N NH1 . ARG A 1 44  ? -18.889 3.568   -1.944  1.00 18.18 ? 41  ARG A NH1 1 
ATOM   292 N NH2 . ARG A 1 44  ? -17.258 2.338   -0.999  1.00 16.42 ? 41  ARG A NH2 1 
ATOM   293 N N   . LEU A 1 45  ? -15.742 9.509   -6.210  1.00 25.77 ? 42  LEU A N   1 
ATOM   294 C CA  . LEU A 1 45  ? -16.318 10.737  -6.798  1.00 29.96 ? 42  LEU A CA  1 
ATOM   295 C C   . LEU A 1 45  ? -17.248 11.447  -5.830  1.00 31.05 ? 42  LEU A C   1 
ATOM   296 O O   . LEU A 1 45  ? -17.226 12.675  -5.762  1.00 35.84 ? 42  LEU A O   1 
ATOM   297 C CB  . LEU A 1 45  ? -17.084 10.415  -8.079  1.00 37.15 ? 42  LEU A CB  1 
ATOM   298 C CG  . LEU A 1 45  ? -17.632 11.537  -8.931  1.00 39.93 ? 42  LEU A CG  1 
ATOM   299 C CD1 . LEU A 1 45  ? -16.564 12.344  -9.676  1.00 46.83 ? 42  LEU A CD1 1 
ATOM   300 C CD2 . LEU A 1 45  ? -18.612 10.987  -9.963  1.00 43.48 ? 42  LEU A CD2 1 
ATOM   301 N N   . SER A 1 46  ? -18.014 10.652  -5.088  1.00 30.88 ? 43  SER A N   1 
ATOM   302 C CA  . SER A 1 46  ? -18.978 11.176  -4.134  1.00 31.74 ? 43  SER A CA  1 
ATOM   303 C C   . SER A 1 46  ? -18.302 11.810  -2.912  1.00 32.31 ? 43  SER A C   1 
ATOM   304 O O   . SER A 1 46  ? -18.976 12.468  -2.133  1.00 39.10 ? 43  SER A O   1 
ATOM   305 C CB  . SER A 1 46  ? -19.869 10.074  -3.553  1.00 32.77 ? 43  SER A CB  1 
ATOM   306 O OG  . SER A 1 46  ? -19.051 9.138   -2.863  1.00 28.97 ? 43  SER A OG  1 
ATOM   307 N N   . GLU A 1 47  ? -17.026 11.546  -2.771  1.00 32.08 ? 44  GLU A N   1 
ATOM   308 C CA  . GLU A 1 47  ? -16.140 11.951  -1.691  1.00 33.28 ? 44  GLU A CA  1 
ATOM   309 C C   . GLU A 1 47  ? -16.263 11.007  -0.477  1.00 30.54 ? 44  GLU A C   1 
ATOM   310 O O   . GLU A 1 47  ? -15.486 11.081  0.477   1.00 35.48 ? 44  GLU A O   1 
ATOM   311 C CB  . GLU A 1 47  ? -16.289 13.440  -1.384  1.00 40.33 ? 44  GLU A CB  1 
ATOM   312 C CG  . GLU A 1 47  ? -15.844 14.410  -2.482  1.00 44.02 ? 44  GLU A CG  1 
ATOM   313 C CD  . GLU A 1 47  ? -14.431 14.309  -3.034  1.00 47.19 ? 44  GLU A CD  1 
ATOM   314 O OE1 . GLU A 1 47  ? -13.657 13.327  -2.913  1.00 56.40 ? 44  GLU A OE1 1 
ATOM   315 O OE2 . GLU A 1 47  ? -13.966 15.296  -3.698  1.00 53.29 ? 44  GLU A OE2 1 
ATOM   316 N N   . THR A 1 48  ? -17.149 9.992   -0.444  1.00 27.48 ? 45  THR A N   1 
ATOM   317 C CA  . THR A 1 48  ? -17.005 8.855   0.454   1.00 22.57 ? 45  THR A CA  1 
ATOM   318 C C   . THR A 1 48  ? -15.578 8.299   0.264   1.00 18.57 ? 45  THR A C   1 
ATOM   319 O O   . THR A 1 48  ? -15.075 8.312   -0.841  1.00 21.27 ? 45  THR A O   1 
ATOM   320 C CB  . THR A 1 48  ? -18.061 7.782   0.124   1.00 24.43 ? 45  THR A CB  1 
ATOM   321 O OG1 . THR A 1 48  ? -19.309 8.213   0.709   1.00 31.19 ? 45  THR A OG1 1 
ATOM   322 C CG2 . THR A 1 48  ? -17.772 6.390   0.630   1.00 25.56 ? 45  THR A CG2 1 
ATOM   323 N N   . LYS A 1 49  ? -14.922 7.817   1.313   1.00 15.10 ? 46  LYS A N   1 
ATOM   324 C CA  . LYS A 1 49  ? -13.593 7.249   1.209   1.00 13.71 ? 46  LYS A CA  1 
ATOM   325 C C   . LYS A 1 49  ? -13.619 5.747   1.351   1.00 13.39 ? 46  LYS A C   1 
ATOM   326 O O   . LYS A 1 49  ? -14.376 5.204   2.150   1.00 15.93 ? 46  LYS A O   1 
ATOM   327 C CB  . LYS A 1 49  ? -12.666 7.779   2.311   1.00 17.25 ? 46  LYS A CB  1 
ATOM   328 C CG  . LYS A 1 49  ? -12.683 9.284   2.475   1.00 22.05 ? 46  LYS A CG  1 
ATOM   329 C CD  . LYS A 1 49  ? -12.129 9.999   1.295   1.00 25.99 ? 46  LYS A CD  1 
ATOM   330 C CE  . LYS A 1 49  ? -11.809 11.450  1.651   1.00 28.99 ? 46  LYS A CE  1 
ATOM   331 N NZ  . LYS A 1 49  ? -13.094 12.213  1.689   1.00 32.97 ? 46  LYS A NZ  1 
ATOM   332 N N   . ASP A 1 50  ? -12.728 5.084   0.619   1.00 11.55 ? 47  ASP A N   1 
ATOM   333 C CA  . ASP A 1 50  ? -12.347 3.695   0.868   1.00 10.68 ? 47  ASP A CA  1 
ATOM   334 C C   . ASP A 1 50  ? -11.031 3.644   1.599   1.00 10.12 ? 47  ASP A C   1 
ATOM   335 O O   . ASP A 1 50  ? -10.136 4.443   1.310   1.00 11.93 ? 47  ASP A O   1 
ATOM   336 C CB  . ASP A 1 50  ? -12.297 2.918   -0.450  1.00 11.39 ? 47  ASP A CB  1 
ATOM   337 C CG  . ASP A 1 50  ? -13.687 2.774   -1.040  1.00 12.09 ? 47  ASP A CG  1 
ATOM   338 O OD1 . ASP A 1 50  ? -14.515 2.085   -0.395  1.00 13.25 ? 47  ASP A OD1 1 
ATOM   339 O OD2 . ASP A 1 50  ? -13.965 3.338   -2.134  1.00 13.71 ? 47  ASP A OD2 1 
ATOM   340 N N   . TYR A 1 51  ? -10.925 2.737   2.555   1.00 9.70  ? 48  TYR A N   1 
ATOM   341 C CA  . TYR A 1 51  ? -9.757  2.551   3.374   1.00 9.81  ? 48  TYR A CA  1 
ATOM   342 C C   . TYR A 1 51  ? -9.195  1.172   3.044   1.00 9.59  ? 48  TYR A C   1 
ATOM   343 O O   . TYR A 1 51  ? -9.807  0.148   3.374   1.00 10.85 ? 48  TYR A O   1 
ATOM   344 C CB  . TYR A 1 51  ? -10.092 2.650   4.875   1.00 11.00 ? 48  TYR A CB  1 
ATOM   345 C CG  . TYR A 1 51  ? -10.546 4.065   5.162   1.00 11.86 ? 48  TYR A CG  1 
ATOM   346 C CD1 . TYR A 1 51  ? -9.623  5.093   5.186   1.00 14.31 ? 48  TYR A CD1 1 
ATOM   347 C CD2 . TYR A 1 51  ? -11.860 4.374   5.399   1.00 15.79 ? 48  TYR A CD2 1 
ATOM   348 C CE1 . TYR A 1 51  ? -9.952  6.393   5.451   1.00 16.22 ? 48  TYR A CE1 1 
ATOM   349 C CE2 . TYR A 1 51  ? -12.258 5.721   5.634   1.00 18.74 ? 48  TYR A CE2 1 
ATOM   350 C CZ  . TYR A 1 51  ? -11.283 6.688   5.643   1.00 17.55 ? 48  TYR A CZ  1 
ATOM   351 O OH  . TYR A 1 51  ? -11.603 8.004   5.862   1.00 24.11 ? 48  TYR A OH  1 
ATOM   352 N N   . LEU A 1 52  ? -8.065  1.150   2.342   1.00 9.79  ? 49  LEU A N   1 
ATOM   353 C CA  . LEU A 1 52  ? -7.599  -0.036  1.661   1.00 9.32  ? 49  LEU A CA  1 
ATOM   354 C C   . LEU A 1 52  ? -6.247  -0.484  2.188   1.00 9.26  ? 49  LEU A C   1 
ATOM   355 O O   . LEU A 1 52  ? -5.361  0.329   2.410   1.00 10.02 ? 49  LEU A O   1 
ATOM   356 C CB  . LEU A 1 52  ? -7.530  0.183   0.154   1.00 10.30 ? 49  LEU A CB  1 
ATOM   357 C CG  . LEU A 1 52  ? -8.850  0.653   -0.436  1.00 11.61 ? 49  LEU A CG  1 
ATOM   358 C CD1 . LEU A 1 52  ? -8.764  0.931   -1.895  1.00 13.53 ? 49  LEU A CD1 1 
ATOM   359 C CD2 . LEU A 1 52  ? -9.982  -0.339  -0.195  1.00 12.47 ? 49  LEU A CD2 1 
ATOM   360 N N   . PRO A 1 53  ? -6.082  -1.789  2.385   1.00 9.59  ? 50  PRO A N   1 
ATOM   361 C CA  . PRO A 1 53  ? -4.820  -2.325  2.937   1.00 9.93  ? 50  PRO A CA  1 
ATOM   362 C C   . PRO A 1 53  ? -3.760  -2.486  1.875   1.00 9.56  ? 50  PRO A C   1 
ATOM   363 O O   . PRO A 1 53  ? -4.002  -3.060  0.805   1.00 10.86 ? 50  PRO A O   1 
ATOM   364 C CB  . PRO A 1 53  ? -5.260  -3.687  3.436   1.00 11.55 ? 50  PRO A CB  1 
ATOM   365 C CG  . PRO A 1 53  ? -6.329  -4.115  2.443   1.00 12.03 ? 50  PRO A CG  1 
ATOM   366 C CD  . PRO A 1 53  ? -7.073  -2.845  2.165   1.00 10.26 ? 50  PRO A CD  1 
ATOM   367 N N   . ILE A 1 54  ? -2.572  -1.975  2.175   1.00 9.56  ? 51  ILE A N   1 
ATOM   368 C CA  . ILE A 1 54  ? -1.418  -2.082  1.318   1.00 9.37  ? 51  ILE A CA  1 
ATOM   369 C C   . ILE A 1 54  ? -0.298  -2.828  2.076   1.00 9.72  ? 51  ILE A C   1 
ATOM   370 O O   . ILE A 1 54  ? -0.109  -2.607  3.271   1.00 11.38 ? 51  ILE A O   1 
ATOM   371 C CB  . ILE A 1 54  ? -0.880  -0.702  0.885   1.00 9.76  ? 51  ILE A CB  1 
ATOM   372 C CG1 . ILE A 1 54  ? -1.989  0.272   0.464   1.00 10.43 ? 51  ILE A CG1 1 
ATOM   373 C CG2 . ILE A 1 54  ? 0.165   -0.846  -0.192  1.00 11.93 ? 51  ILE A CG2 1 
ATOM   374 C CD1 . ILE A 1 54  ? -2.847  -0.152  -0.704  1.00 11.40 ? 51  ILE A CD1 1 
ATOM   375 N N   . THR A 1 55  ? 0.462   -3.623  1.355   1.00 9.94  ? 52  THR A N   1 
ATOM   376 C CA  . THR A 1 55  ? 1.691   -4.241  1.843   1.00 11.07 ? 52  THR A CA  1 
ATOM   377 C C   . THR A 1 55  ? 2.799   -3.874  0.898   1.00 10.81 ? 52  THR A C   1 
ATOM   378 O O   . THR A 1 55  ? 2.613   -3.979  -0.321  1.00 12.54 ? 52  THR A O   1 
ATOM   379 C CB  . THR A 1 55  ? 1.551   -5.752  1.974   1.00 12.67 ? 52  THR A CB  1 
ATOM   380 O OG1 . THR A 1 55  ? 0.528   -6.039  2.938   1.00 14.14 ? 52  THR A OG1 1 
ATOM   381 C CG2 . THR A 1 55  ? 2.877   -6.432  2.355   1.00 17.02 ? 52  THR A CG2 1 
ATOM   382 N N   . ILE A 1 56  ? 3.928   -3.451  1.435   1.00 11.86 ? 53  ILE A N   1 
ATOM   383 C CA  . ILE A 1 56  ? 5.021   -3.047  0.609   1.00 12.46 ? 53  ILE A CA  1 
ATOM   384 C C   . ILE A 1 56  ? 6.341   -3.473  1.207   1.00 12.70 ? 53  ILE A C   1 
ATOM   385 O O   . ILE A 1 56  ? 6.580   -3.396  2.418   1.00 14.91 ? 53  ILE A O   1 
ATOM   386 C CB  . ILE A 1 56  ? 4.941   -1.517  0.414   1.00 15.28 ? 53  ILE A CB  1 
ATOM   387 C CG1 . ILE A 1 56  ? 5.940   -1.063  -0.637  1.00 16.78 ? 53  ILE A CG1 1 
ATOM   388 C CG2 . ILE A 1 56  ? 5.111   -0.729  1.724   1.00 17.57 ? 53  ILE A CG2 1 
ATOM   389 C CD1 . ILE A 1 56  ? 5.543   0.288   -1.262  1.00 19.92 ? 53  ILE A CD1 1 
ATOM   390 N N   . SER A 1 57  ? 7.234   -3.908  0.319   1.00 13.78 ? 54  SER A N   1 
ATOM   391 C CA  . SER A 1 57  ? 8.614   -4.210  0.643   1.00 15.85 ? 54  SER A CA  1 
ATOM   392 C C   . SER A 1 57  ? 9.424   -2.929  0.772   1.00 16.01 ? 54  SER A C   1 
ATOM   393 O O   . SER A 1 57  ? 9.245   -2.002  0.005   1.00 17.23 ? 54  SER A O   1 
ATOM   394 C CB  . SER A 1 57  ? 9.249   -4.994  -0.481  1.00 19.23 ? 54  SER A CB  1 
ATOM   395 O OG  . SER A 1 57  ? 10.634  -5.141  -0.226  1.00 21.43 ? 54  SER A OG  1 
ATOM   396 N N   . ASN A 1 58  ? 10.356  -2.911  1.711   1.00 19.03 ? 55  ASN A N   1 
ATOM   397 C CA  . ASN A 1 58  ? 11.180  -1.696  1.753   1.00 26.09 ? 55  ASN A CA  1 
ATOM   398 C C   . ASN A 1 58  ? 12.119  -1.641  0.556   1.00 25.54 ? 55  ASN A C   1 
ATOM   399 O O   . ASN A 1 58  ? 12.620  -0.555  0.350   1.00 31.64 ? 55  ASN A O   1 
ATOM   400 C CB  . ASN A 1 58  ? 11.963  -1.485  3.025   1.00 33.04 ? 55  ASN A CB  1 
ATOM   401 C CG  . ASN A 1 58  ? 13.058  -2.475  3.249   1.00 35.28 ? 55  ASN A CG  1 
ATOM   402 O OD1 . ASN A 1 58  ? 13.042  -3.535  2.641   1.00 37.87 ? 55  ASN A OD1 1 
ATOM   403 N ND2 . ASN A 1 58  ? 13.980  -2.152  4.113   1.00 47.62 ? 55  ASN A ND2 1 
ATOM   404 N N   . ARG A 1 59  ? 12.235  -2.650  -0.257  1.00 23.78 ? 56  ARG A N   1 
ATOM   405 C CA  . ARG A 1 59  ? 12.918  -2.466  -1.546  1.00 25.67 ? 56  ARG A CA  1 
ATOM   406 C C   . ARG A 1 59  ? 12.239  -1.445  -2.430  1.00 24.78 ? 56  ARG A C   1 
ATOM   407 O O   . ARG A 1 59  ? 12.874  -0.861  -3.261  1.00 29.89 ? 56  ARG A O   1 
ATOM   408 C CB  . ARG A 1 59  ? 12.972  -3.739  -2.391  1.00 31.02 ? 56  ARG A CB  1 
ATOM   409 C CG  . ARG A 1 59  ? 13.206  -5.022  -1.681  1.00 37.45 ? 56  ARG A CG  1 
ATOM   410 C CD  . ARG A 1 59  ? 13.861  -6.095  -2.513  1.00 38.15 ? 56  ARG A CD  1 
ATOM   411 N NE  . ARG A 1 59  ? 15.176  -6.143  -1.935  1.00 44.25 ? 56  ARG A NE  1 
ATOM   412 C CZ  . ARG A 1 59  ? 16.260  -5.591  -2.472  1.00 45.60 ? 56  ARG A CZ  1 
ATOM   413 N NH1 . ARG A 1 59  ? 17.382  -5.585  -1.780  1.00 39.00 ? 56  ARG A NH1 1 
ATOM   414 N NH2 . ARG A 1 59  ? 16.192  -5.020  -3.670  1.00 51.98 ? 56  ARG A NH2 1 
ATOM   415 N N   . LEU A 1 60  ? 10.926  -1.286  -2.327  1.00 20.02 ? 57  LEU A N   1 
ATOM   416 C CA  . LEU A 1 60  ? 10.256  -0.447  -3.318  1.00 22.40 ? 57  LEU A CA  1 
ATOM   417 C C   . LEU A 1 60  ? 10.099  1.019   -3.080  1.00 26.91 ? 57  LEU A C   1 
ATOM   418 O O   . LEU A 1 60  ? 9.589   1.784   -3.908  1.00 32.49 ? 57  LEU A O   1 
ATOM   419 C CB  . LEU A 1 60  ? 8.780   -0.906  -3.387  1.00 24.51 ? 57  LEU A CB  1 
ATOM   420 C CG  . LEU A 1 60  ? 8.577   -2.083  -4.293  1.00 28.15 ? 57  LEU A CG  1 
ATOM   421 C CD1 . LEU A 1 60  ? 7.070   -2.360  -4.300  1.00 35.49 ? 57  LEU A CD1 1 
ATOM   422 C CD2 . LEU A 1 60  ? 9.053   -1.921  -5.728  1.00 31.25 ? 57  LEU A CD2 1 
ATOM   423 N N   . PHE A 1 61  ? 10.441  1.339   -1.832  1.00 30.41 ? 58  PHE A N   1 
ATOM   424 C CA  . PHE A 1 61  ? 10.195  2.775   -1.516  1.00 34.40 ? 58  PHE A CA  1 
ATOM   425 C C   . PHE A 1 61  ? 11.506  3.333   -1.006  1.00 37.81 ? 58  PHE A C   1 
ATOM   426 O O   . PHE A 1 61  ? 11.532  4.404   -0.377  1.00 37.99 ? 58  PHE A O   1 
ATOM   427 C CB  . PHE A 1 61  ? 9.001   2.976   -0.612  1.00 35.08 ? 58  PHE A CB  1 
ATOM   428 C CG  . PHE A 1 61  ? 9.052   2.454   0.817   1.00 36.38 ? 58  PHE A CG  1 
ATOM   429 C CD1 . PHE A 1 61  ? 8.646   1.163   1.156   1.00 33.56 ? 58  PHE A CD1 1 
ATOM   430 C CD2 . PHE A 1 61  ? 9.521   3.284   1.835   1.00 38.24 ? 58  PHE A CD2 1 
ATOM   431 C CE1 . PHE A 1 61  ? 8.675   0.698   2.456   1.00 34.42 ? 58  PHE A CE1 1 
ATOM   432 C CE2 . PHE A 1 61  ? 9.562   2.814   3.134   1.00 37.87 ? 58  PHE A CE2 1 
ATOM   433 C CZ  . PHE A 1 61  ? 9.199   1.520   3.443   1.00 36.62 ? 58  PHE A CZ  1 
ATOM   434 N N   . GLU A 1 62  ? 12.597  2.640   -1.326  1.00 40.89 ? 59  GLU A N   1 
ATOM   435 C CA  . GLU A 1 62  ? 13.871  3.305   -1.161  1.00 46.04 ? 59  GLU A CA  1 
ATOM   436 C C   . GLU A 1 62  ? 13.834  4.639   -1.903  1.00 46.63 ? 59  GLU A C   1 
ATOM   437 O O   . GLU A 1 62  ? 13.356  4.752   -3.029  1.00 56.88 ? 59  GLU A O   1 
ATOM   438 C CB  . GLU A 1 62  ? 15.026  2.484   -1.715  1.00 51.50 ? 59  GLU A CB  1 
ATOM   439 C CG  . GLU A 1 62  ? 16.262  2.850   -0.883  1.00 54.27 ? 59  GLU A CG  1 
ATOM   440 C CD  . GLU A 1 62  ? 16.417  1.857   0.270   1.00 59.10 ? 59  GLU A CD  1 
ATOM   441 O OE1 . GLU A 1 62  ? 17.041  0.813   -0.007  1.00 66.67 ? 59  GLU A OE1 1 
ATOM   442 O OE2 . GLU A 1 62  ? 15.928  2.107   1.391   1.00 70.05 ? 59  GLU A OE2 1 
ATOM   443 N N   . GLY A 1 63  ? 14.262  5.654   -1.202  1.00 45.76 ? 60  GLY A N   1 
ATOM   444 C CA  . GLY A 1 63  ? 14.257  6.994   -1.764  1.00 45.87 ? 60  GLY A CA  1 
ATOM   445 C C   . GLY A 1 63  ? 13.085  7.830   -1.322  1.00 44.86 ? 60  GLY A C   1 
ATOM   446 O O   . GLY A 1 63  ? 13.097  9.063   -1.219  1.00 46.65 ? 60  GLY A O   1 
ATOM   447 N N   . MET A 1 64  ? 11.969  7.119   -1.036  1.00 40.59 ? 61  MET A N   1 
ATOM   448 C CA  . MET A 1 64  ? 10.843  8.007   -0.737  1.00 37.35 ? 61  MET A CA  1 
ATOM   449 C C   . MET A 1 64  ? 10.437  7.845   0.717   1.00 33.70 ? 61  MET A C   1 
ATOM   450 O O   . MET A 1 64  ? 10.725  6.897   1.441   1.00 40.77 ? 61  MET A O   1 
ATOM   451 C CB  . MET A 1 64  ? 9.710   7.752   -1.699  1.00 40.93 ? 61  MET A CB  1 
ATOM   452 C CG  . MET A 1 64  ? 8.823   6.539   -1.617  1.00 43.98 ? 61  MET A CG  1 
ATOM   453 S SD  . MET A 1 64  ? 8.751   5.480   -3.102  1.00 80.99 ? 61  MET A SD  1 
ATOM   454 C CE  . MET A 1 64  ? 8.420   6.654   -4.383  1.00 40.24 ? 61  MET A CE  1 
ATOM   455 N N   . ASN A 1 65  ? 9.701   8.869   1.113   1.00 28.68 ? 62  ASN A N   1 
ATOM   456 C CA  . ASN A 1 65  ? 9.127   8.930   2.450   1.00 31.31 ? 62  ASN A CA  1 
ATOM   457 C C   . ASN A 1 65  ? 7.655   8.634   2.218   1.00 27.88 ? 62  ASN A C   1 
ATOM   458 O O   . ASN A 1 65  ? 7.020   9.224   1.311   1.00 28.65 ? 62  ASN A O   1 
ATOM   459 C CB  . ASN A 1 65  ? 9.484   10.268  3.129   1.00 35.31 ? 62  ASN A CB  1 
ATOM   460 C CG  . ASN A 1 65  ? 8.434   10.691  4.148   1.00 41.19 ? 62  ASN A CG  1 
ATOM   461 O OD1 . ASN A 1 65  ? 7.265   10.969  3.827   1.00 44.81 ? 62  ASN A OD1 1 
ATOM   462 N ND2 . ASN A 1 65  ? 8.909   10.743  5.390   1.00 51.69 ? 62  ASN A ND2 1 
ATOM   463 N N   . LEU A 1 66  ? 7.144   7.705   3.022   1.00 24.69 ? 63  LEU A N   1 
ATOM   464 C CA  . LEU A 1 66  ? 5.721   7.436   3.106   1.00 19.90 ? 63  LEU A CA  1 
ATOM   465 C C   . LEU A 1 66  ? 5.104   7.797   4.471   1.00 18.87 ? 63  LEU A C   1 
ATOM   466 O O   . LEU A 1 66  ? 4.329   7.003   5.032   1.00 20.40 ? 63  LEU A O   1 
ATOM   467 C CB  . LEU A 1 66  ? 5.518   5.959   2.737   1.00 19.92 ? 63  LEU A CB  1 
ATOM   468 C CG  . LEU A 1 66  ? 6.023   5.598   1.330   1.00 20.64 ? 63  LEU A CG  1 
ATOM   469 C CD1 . LEU A 1 66  ? 5.840   4.076   1.155   1.00 24.24 ? 63  LEU A CD1 1 
ATOM   470 C CD2 . LEU A 1 66  ? 5.327   6.394   0.249   1.00 23.44 ? 63  LEU A CD2 1 
ATOM   471 N N   . GLU A 1 67  ? 5.311   9.004   4.947   1.00 19.86 ? 64  GLU A N   1 
ATOM   472 C CA  . GLU A 1 67  ? 4.646   9.475   6.148   1.00 20.24 ? 64  GLU A CA  1 
ATOM   473 C C   . GLU A 1 67  ? 3.124   9.615   5.902   1.00 16.98 ? 64  GLU A C   1 
ATOM   474 O O   . GLU A 1 67  ? 2.657   9.802   4.769   1.00 16.91 ? 64  GLU A O   1 
ATOM   475 C CB  . GLU A 1 67  ? 5.195   10.770  6.682   1.00 27.47 ? 64  GLU A CB  1 
ATOM   476 C CG  . GLU A 1 67  ? 6.218   10.605  7.848   1.00 38.98 ? 64  GLU A CG  1 
ATOM   477 C CD  . GLU A 1 67  ? 6.494   11.845  8.662   1.00 42.08 ? 64  GLU A CD  1 
ATOM   478 O OE1 . GLU A 1 67  ? 7.383   11.975  9.544   1.00 49.67 ? 64  GLU A OE1 1 
ATOM   479 O OE2 . GLU A 1 67  ? 5.734   12.835  8.404   1.00 50.62 ? 64  GLU A OE2 1 
ATOM   480 N N   . VAL A 1 68  ? 2.353   9.551   6.944   1.00 16.50 ? 65  VAL A N   1 
ATOM   481 C CA  . VAL A 1 68  ? 0.907   9.825   6.889   1.00 15.54 ? 65  VAL A CA  1 
ATOM   482 C C   . VAL A 1 68  ? 0.655   11.124  6.178   1.00 15.08 ? 65  VAL A C   1 
ATOM   483 O O   . VAL A 1 68  ? 1.371   12.107  6.471   1.00 18.75 ? 65  VAL A O   1 
ATOM   484 C CB  . VAL A 1 68  ? 0.267   9.775   8.269   1.00 16.80 ? 65  VAL A CB  1 
ATOM   485 C CG1 . VAL A 1 68  ? -1.152  10.296  8.189   1.00 19.23 ? 65  VAL A CG1 1 
ATOM   486 C CG2 . VAL A 1 68  ? 0.347   8.351   8.780   1.00 20.72 ? 65  VAL A CG2 1 
ATOM   487 N N   . GLY A 1 69  ? -0.275  11.137  5.206   1.00 14.64 ? 66  GLY A N   1 
ATOM   488 C CA  . GLY A 1 69  ? -0.609  12.257  4.410   1.00 14.93 ? 66  GLY A CA  1 
ATOM   489 C C   . GLY A 1 69  ? 0.060   12.282  3.047   1.00 14.13 ? 66  GLY A C   1 
ATOM   490 O O   . GLY A 1 69  ? -0.348  13.034  2.207   1.00 16.84 ? 66  GLY A O   1 
ATOM   491 N N   . THR A 1 70  ? 1.069   11.433  2.856   1.00 13.53 ? 67  THR A N   1 
ATOM   492 C CA  . THR A 1 70  ? 1.739   11.362  1.546   1.00 13.06 ? 67  THR A CA  1 
ATOM   493 C C   . THR A 1 70  ? 0.760   10.842  0.504   1.00 11.74 ? 67  THR A C   1 
ATOM   494 O O   . THR A 1 70  ? 0.054   9.858   0.757   1.00 12.14 ? 67  THR A O   1 
ATOM   495 C CB  . THR A 1 70  ? 2.951   10.397  1.636   1.00 13.26 ? 67  THR A CB  1 
ATOM   496 O OG1 . THR A 1 70  ? 3.848   10.851  2.629   1.00 15.83 ? 67  THR A OG1 1 
ATOM   497 C CG2 . THR A 1 70  ? 3.700   10.252  0.326   1.00 14.94 ? 67  THR A CG2 1 
ATOM   498 N N   . ARG A 1 71  ? 0.741   11.460  -0.673  1.00 12.13 ? 68  ARG A N   1 
ATOM   499 C CA  . ARG A 1 71  ? -0.119  11.016  -1.767  1.00 11.19 ? 68  ARG A CA  1 
ATOM   500 C C   . ARG A 1 71  ? 0.711   10.134  -2.692  1.00 10.51 ? 68  ARG A C   1 
ATOM   501 O O   . ARG A 1 71  ? 1.832   10.475  -3.031  1.00 10.77 ? 68  ARG A O   1 
ATOM   502 C CB  . ARG A 1 71  ? -0.657  12.223  -2.514  1.00 12.37 ? 68  ARG A CB  1 
ATOM   503 C CG  . ARG A 1 71  ? -1.766  11.858  -3.451  1.00 12.81 ? 68  ARG A CG  1 
ATOM   504 C CD  . ARG A 1 71  ? -2.242  13.109  -4.126  1.00 15.75 ? 68  ARG A CD  1 
ATOM   505 N NE  . ARG A 1 71  ? -3.397  12.855  -4.940  1.00 15.86 ? 68  ARG A NE  1 
ATOM   506 C CZ  . ARG A 1 71  ? -3.682  13.499  -6.070  1.00 16.18 ? 68  ARG A CZ  1 
ATOM   507 N NH1 . ARG A 1 71  ? -2.894  14.408  -6.621  1.00 18.33 ? 68  ARG A NH1 1 
ATOM   508 N NH2 . ARG A 1 71  ? -4.810  13.194  -6.665  1.00 19.16 ? 68  ARG A NH2 1 
ATOM   509 N N   . VAL A 1 72  ? 0.107   9.022   -3.112  1.00 10.46 ? 69  VAL A N   1 
ATOM   510 C CA  . VAL A 1 72  ? 0.812   8.014   -3.889  1.00 9.97  ? 69  VAL A CA  1 
ATOM   511 C C   . VAL A 1 72  ? -0.122  7.443   -4.951  1.00 10.07 ? 69  VAL A C   1 
ATOM   512 O O   . VAL A 1 72  ? -1.333  7.400   -4.805  1.00 11.53 ? 69  VAL A O   1 
ATOM   513 C CB  . VAL A 1 72  ? 1.356   6.891   -3.010  1.00 11.60 ? 69  VAL A CB  1 
ATOM   514 C CG1 . VAL A 1 72  ? 2.383   7.376   -2.040  1.00 14.15 ? 69  VAL A CG1 1 
ATOM   515 C CG2 . VAL A 1 72  ? 0.247   6.157   -2.257  1.00 13.04 ? 69  VAL A CG2 1 
ATOM   516 N N   . LYS A 1 73  ? 0.522   6.956   -6.009  1.00 9.99  ? 70  LYS A N   1 
ATOM   517 C CA  . LYS A 1 73  ? -0.104  6.029   -6.950  1.00 9.76  ? 70  LYS A CA  1 
ATOM   518 C C   . LYS A 1 73  ? 0.546   4.672   -6.734  1.00 10.07 ? 70  LYS A C   1 
ATOM   519 O O   . LYS A 1 73  ? 1.790   4.563   -6.764  1.00 11.61 ? 70  LYS A O   1 
ATOM   520 C CB  . LYS A 1 73  ? 0.064   6.466   -8.382  1.00 10.98 ? 70  LYS A CB  1 
ATOM   521 C CG  . LYS A 1 73  ? -0.573  5.542   -9.391  1.00 11.90 ? 70  LYS A CG  1 
ATOM   522 C CD  . LYS A 1 73  ? -0.461  6.040   -10.800 1.00 15.79 ? 70  LYS A CD  1 
ATOM   523 C CE  . LYS A 1 73  ? -1.132  5.169   -11.791 1.00 15.32 ? 70  LYS A CE  1 
ATOM   524 N NZ  . LYS A 1 73  ? -0.908  5.562   -13.211 1.00 19.54 ? 70  LYS A NZ  1 
ATOM   525 N N   . ILE A 1 74  ? -0.258  3.633   -6.541  1.00 9.93  ? 71  ILE A N   1 
ATOM   526 C CA  . ILE A 1 74  ? 0.190   2.290   -6.319  1.00 10.34 ? 71  ILE A CA  1 
ATOM   527 C C   . ILE A 1 74  ? -0.364  1.381   -7.383  1.00 10.48 ? 71  ILE A C   1 
ATOM   528 O O   . ILE A 1 74  ? -1.566  1.471   -7.705  1.00 12.15 ? 71  ILE A O   1 
ATOM   529 C CB  . ILE A 1 74  ? -0.238  1.757   -4.946  1.00 11.81 ? 71  ILE A CB  1 
ATOM   530 C CG1 . ILE A 1 74  ? 0.433   2.612   -3.850  1.00 15.22 ? 71  ILE A CG1 1 
ATOM   531 C CG2 . ILE A 1 74  ? 0.034   0.305   -4.721  1.00 14.68 ? 71  ILE A CG2 1 
ATOM   532 C CD1 . ILE A 1 74  ? -0.099  2.403   -2.489  1.00 16.98 ? 71  ILE A CD1 1 
ATOM   533 N N   . GLU A 1 75  ? 0.460   0.497   -7.912  1.00 10.84 ? 72  GLU A N   1 
ATOM   534 C CA  . GLU A 1 75  ? 0.030   -0.636  -8.680  1.00 11.06 ? 72  GLU A CA  1 
ATOM   535 C C   . GLU A 1 75  ? 0.408   -1.882  -7.901  1.00 10.53 ? 72  GLU A C   1 
ATOM   536 O O   . GLU A 1 75  ? 1.531   -1.992  -7.415  1.00 11.29 ? 72  GLU A O   1 
ATOM   537 C CB  . GLU A 1 75  ? 0.617   -0.746  -10.092 1.00 14.18 ? 72  GLU A CB  1 
ATOM   538 C CG  . GLU A 1 75  ? -0.154  -1.789  -10.950 1.00 17.72 ? 72  GLU A CG  1 
ATOM   539 C CD  . GLU A 1 75  ? 0.127   -3.249  -10.783 1.00 18.11 ? 72  GLU A CD  1 
ATOM   540 O OE1 . GLU A 1 75  ? -0.748  -4.113  -11.027 1.00 22.16 ? 72  GLU A OE1 1 
ATOM   541 O OE2 . GLU A 1 75  ? 1.260   -3.585  -10.326 1.00 19.06 ? 72  GLU A OE2 1 
ATOM   542 N N   . GLY A 1 76  ? -0.472  -2.875  -7.846  1.00 11.08 ? 73  GLY A N   1 
ATOM   543 C CA  . GLY A 1 76  ? -0.144  -4.108  -7.196  1.00 11.66 ? 73  GLY A CA  1 
ATOM   544 C C   . GLY A 1 76  ? -1.153  -5.207  -7.452  1.00 10.90 ? 73  GLY A C   1 
ATOM   545 O O   . GLY A 1 76  ? -1.985  -5.104  -8.307  1.00 15.78 ? 73  GLY A O   1 
ATOM   546 N N   . GLN A 1 77  ? -0.987  -6.252  -6.692  1.00 11.30 ? 74  GLN A N   1 
ATOM   547 C CA  . GLN A 1 77  ? -1.725  -7.493  -6.825  1.00 11.65 ? 74  GLN A CA  1 
ATOM   548 C C   . GLN A 1 77  ? -2.634  -7.637  -5.623  1.00 10.39 ? 74  GLN A C   1 
ATOM   549 O O   . GLN A 1 77  ? -2.147  -7.473  -4.484  1.00 12.26 ? 74  GLN A O   1 
ATOM   550 C CB  . GLN A 1 77  ? -0.743  -8.663  -6.850  1.00 13.69 ? 74  GLN A CB  1 
ATOM   551 C CG  . GLN A 1 77  ? -1.281  -10.031 -7.168  1.00 14.65 ? 74  GLN A CG  1 
ATOM   552 C CD  . GLN A 1 77  ? -0.178  -11.082 -7.233  1.00 16.96 ? 74  GLN A CD  1 
ATOM   553 O OE1 . GLN A 1 77  ? 0.671   -11.123 -6.345  1.00 26.46 ? 74  GLN A OE1 1 
ATOM   554 N NE2 . GLN A 1 77  ? -0.141  -11.838 -8.281  1.00 18.74 ? 74  GLN A NE2 1 
ATOM   555 N N   . LEU A 1 78  ? -3.900  -7.984  -5.778  1.00 9.82  ? 75  LEU A N   1 
ATOM   556 C CA  . LEU A 1 78  ? -4.766  -8.211  -4.630  1.00 9.43  ? 75  LEU A CA  1 
ATOM   557 C C   . LEU A 1 78  ? -4.511  -9.641  -4.151  1.00 9.41  ? 75  LEU A C   1 
ATOM   558 O O   . LEU A 1 78  ? -4.765  -10.593 -4.885  1.00 10.72 ? 75  LEU A O   1 
ATOM   559 C CB  . LEU A 1 78  ? -6.236  -8.016  -4.975  1.00 10.85 ? 75  LEU A CB  1 
ATOM   560 C CG  . LEU A 1 78  ? -7.224  -8.033  -3.845  1.00 11.63 ? 75  LEU A CG  1 
ATOM   561 C CD1 . LEU A 1 78  ? -6.938  -6.925  -2.823  1.00 13.51 ? 75  LEU A CD1 1 
ATOM   562 C CD2 . LEU A 1 78  ? -8.664  -7.896  -4.357  1.00 13.58 ? 75  LEU A CD2 1 
ATOM   563 N N   . ARG A 1 79  ? -4.007  -9.766  -2.926  1.00 9.83  ? 76  ARG A N   1 
ATOM   564 C CA  . ARG A 1 79  ? -3.626  -11.048 -2.365  1.00 10.30 ? 76  ARG A CA  1 
ATOM   565 C C   . ARG A 1 79  ? -4.459  -11.400 -1.156  1.00 10.40 ? 76  ARG A C   1 
ATOM   566 O O   . ARG A 1 79  ? -4.792  -10.549 -0.332  1.00 12.10 ? 76  ARG A O   1 
ATOM   567 C CB  . ARG A 1 79  ? -2.145  -11.055 -1.938  1.00 11.11 ? 76  ARG A CB  1 
ATOM   568 C CG  . ARG A 1 79  ? -1.180  -10.993 -3.070  1.00 12.14 ? 76  ARG A CG  1 
ATOM   569 C CD  . ARG A 1 79  ? 0.261   -11.231 -2.589  1.00 13.71 ? 76  ARG A CD  1 
ATOM   570 N NE  . ARG A 1 79  ? 1.188   -11.212 -3.689  1.00 15.14 ? 76  ARG A NE  1 
ATOM   571 C CZ  . ARG A 1 79  ? 2.480   -11.563 -3.562  1.00 16.07 ? 76  ARG A CZ  1 
ATOM   572 N NH1 . ARG A 1 79  ? 2.934   -11.981 -2.391  1.00 16.70 ? 76  ARG A NH1 1 
ATOM   573 N NH2 . ARG A 1 79  ? 3.239   -11.484 -4.637  1.00 20.52 ? 76  ARG A NH2 1 
ATOM   574 N N   . SER A 1 80  ? -4.741  -12.699 -1.035  1.00 10.40 ? 77  SER A N   1 
ATOM   575 C CA  . SER A 1 80  ? -5.155  -13.269 0.225   1.00 11.02 ? 77  SER A CA  1 
ATOM   576 C C   . SER A 1 80  ? -3.953  -14.033 0.778   1.00 11.68 ? 77  SER A C   1 
ATOM   577 O O   . SER A 1 80  ? -3.170  -14.630 0.032   1.00 13.54 ? 77  SER A O   1 
ATOM   578 C CB  . SER A 1 80  ? -6.371  -14.173 0.044   1.00 11.97 ? 77  SER A CB  1 
ATOM   579 O OG  . SER A 1 80  ? -6.142  -15.258 -0.834  1.00 12.13 ? 77  SER A OG  1 
ATOM   580 N N   . TYR A 1 81  ? -3.853  -14.003 2.123   1.00 12.32 ? 78  TYR A N   1 
ATOM   581 C CA  . TYR A 1 81  ? -2.799  -14.818 2.728   1.00 13.80 ? 78  TYR A CA  1 
ATOM   582 C C   . TYR A 1 81  ? -3.207  -15.152 4.152   1.00 14.97 ? 78  TYR A C   1 
ATOM   583 O O   . TYR A 1 81  ? -3.955  -14.464 4.788   1.00 15.39 ? 78  TYR A O   1 
ATOM   584 C CB  . TYR A 1 81  ? -1.413  -14.160 2.650   1.00 15.46 ? 78  TYR A CB  1 
ATOM   585 C CG  . TYR A 1 81  ? -1.251  -12.968 3.547   1.00 15.44 ? 78  TYR A CG  1 
ATOM   586 C CD1 . TYR A 1 81  ? -1.806  -11.715 3.288   1.00 15.45 ? 78  TYR A CD1 1 
ATOM   587 C CD2 . TYR A 1 81  ? -0.543  -13.098 4.714   1.00 17.77 ? 78  TYR A CD2 1 
ATOM   588 C CE1 . TYR A 1 81  ? -1.632  -10.653 4.169   1.00 17.48 ? 78  TYR A CE1 1 
ATOM   589 C CE2 . TYR A 1 81  ? -0.357  -12.047 5.588   1.00 18.29 ? 78  TYR A CE2 1 
ATOM   590 C CZ  . TYR A 1 81  ? -0.918  -10.815 5.318   1.00 17.64 ? 78  TYR A CZ  1 
ATOM   591 O OH  . TYR A 1 81  ? -0.692  -9.818  6.193   1.00 23.64 ? 78  TYR A OH  1 
ATOM   592 N N   . ASN A 1 82  ? -2.594  -16.257 4.659   1.00 18.40 ? 79  ASN A N   1 
ATOM   593 C CA  . ASN A 1 82  ? -2.925  -16.707 6.010   1.00 21.52 ? 79  ASN A CA  1 
ATOM   594 C C   . ASN A 1 82  ? -1.820  -16.108 6.902   1.00 22.87 ? 79  ASN A C   1 
ATOM   595 O O   . ASN A 1 82  ? -0.701  -16.576 6.852   1.00 28.28 ? 79  ASN A O   1 
ATOM   596 C CB  . ASN A 1 82  ? -3.066  -18.232 6.017   1.00 25.07 ? 79  ASN A CB  1 
ATOM   597 C CG  . ASN A 1 82  ? -4.288  -18.809 5.303   1.00 25.81 ? 79  ASN A CG  1 
ATOM   598 O OD1 . ASN A 1 82  ? -5.426  -18.708 5.808   1.00 34.26 ? 79  ASN A OD1 1 
ATOM   599 N ND2 . ASN A 1 82  ? -4.216  -19.382 4.107   1.00 32.45 ? 79  ASN A ND2 1 
ATOM   600 N N   . ARG A 1 83  ? -2.160  -15.053 7.644   1.00 22.08 ? 80  ARG A N   1 
ATOM   601 C CA  . ARG A 1 83  ? -1.335  -14.319 8.569   1.00 25.19 ? 80  ARG A CA  1 
ATOM   602 C C   . ARG A 1 83  ? -1.120  -15.078 9.896   1.00 30.30 ? 80  ARG A C   1 
ATOM   603 O O   . ARG A 1 83  ? -2.049  -15.703 10.432  1.00 36.40 ? 80  ARG A O   1 
ATOM   604 C CB  . ARG A 1 83  ? -1.954  -12.967 8.920   1.00 25.80 ? 80  ARG A CB  1 
ATOM   605 C CG  . ARG A 1 83  ? -0.930  -12.118 9.719   1.00 26.91 ? 80  ARG A CG  1 
ATOM   606 C CD  . ARG A 1 83  ? -1.506  -10.775 10.092  1.00 27.59 ? 80  ARG A CD  1 
ATOM   607 N NE  . ARG A 1 83  ? -2.640  -10.883 10.998  1.00 30.70 ? 80  ARG A NE  1 
ATOM   608 C CZ  . ARG A 1 83  ? -3.561  -9.979  11.319  1.00 31.17 ? 80  ARG A CZ  1 
ATOM   609 N NH1 . ARG A 1 83  ? -4.536  -10.245 12.184  1.00 32.99 ? 80  ARG A NH1 1 
ATOM   610 N NH2 . ARG A 1 83  ? -3.539  -8.783  10.774  1.00 32.81 ? 80  ARG A NH2 1 
ATOM   611 N N   . LYS A 1 92  ? -5.158  -15.524 10.844  1.00 26.48 ? 89  LYS A N   1 
ATOM   612 C CA  . LYS A 1 92  ? -6.368  -15.454 10.091  1.00 23.16 ? 89  LYS A CA  1 
ATOM   613 C C   . LYS A 1 92  ? -6.021  -15.059 8.657   1.00 19.08 ? 89  LYS A C   1 
ATOM   614 O O   . LYS A 1 92  ? -4.934  -14.570 8.362   1.00 17.95 ? 89  LYS A O   1 
ATOM   615 C CB  . LYS A 1 92  ? -7.366  -14.445 10.639  1.00 27.36 ? 89  LYS A CB  1 
ATOM   616 C CG  . LYS A 1 92  ? -6.776  -13.061 10.644  1.00 29.02 ? 89  LYS A CG  1 
ATOM   617 C CD  . LYS A 1 92  ? -7.683  -11.974 11.145  1.00 35.28 ? 89  LYS A CD  1 
ATOM   618 C CE  . LYS A 1 92  ? -7.787  -12.068 12.653  1.00 38.78 ? 89  LYS A CE  1 
ATOM   619 N NZ  . LYS A 1 92  ? -9.030  -11.329 13.120  1.00 47.79 ? 89  LYS A NZ  1 
ATOM   620 N N   . LEU A 1 93  ? -7.005  -15.229 7.765   1.00 17.23 ? 90  LEU A N   1 
ATOM   621 C CA  . LEU A 1 93  ? -6.849  -14.794 6.403   1.00 15.71 ? 90  LEU A CA  1 
ATOM   622 C C   . LEU A 1 93  ? -6.996  -13.280 6.295   1.00 15.38 ? 90  LEU A C   1 
ATOM   623 O O   . LEU A 1 93  ? -7.956  -12.702 6.802   1.00 18.10 ? 90  LEU A O   1 
ATOM   624 C CB  . LEU A 1 93  ? -7.879  -15.459 5.470   1.00 17.49 ? 90  LEU A CB  1 
ATOM   625 C CG  . LEU A 1 93  ? -7.471  -15.376 4.014   1.00 18.95 ? 90  LEU A CG  1 
ATOM   626 C CD1 . LEU A 1 93  ? -6.449  -16.486 3.760   1.00 28.59 ? 90  LEU A CD1 1 
ATOM   627 C CD2 . LEU A 1 93  ? -8.600  -15.673 3.115   1.00 27.85 ? 90  LEU A CD2 1 
ATOM   628 N N   . ILE A 1 94  ? -6.030  -12.677 5.656   1.00 13.82 ? 91  ILE A N   1 
ATOM   629 C CA  . ILE A 1 94  ? -5.936  -11.228 5.459   1.00 12.78 ? 91  ILE A CA  1 
ATOM   630 C C   . ILE A 1 94  ? -5.896  -10.969 3.965   1.00 12.11 ? 91  ILE A C   1 
ATOM   631 O O   . ILE A 1 94  ? -5.270  -11.695 3.201   1.00 14.21 ? 91  ILE A O   1 
ATOM   632 C CB  . ILE A 1 94  ? -4.737  -10.647 6.215   1.00 14.86 ? 91  ILE A CB  1 
ATOM   633 C CG1 . ILE A 1 94  ? -4.831  -10.957 7.718   1.00 17.64 ? 91  ILE A CG1 1 
ATOM   634 C CG2 . ILE A 1 94  ? -4.549  -9.179  5.928   1.00 17.58 ? 91  ILE A CG2 1 
ATOM   635 C CD1 . ILE A 1 94  ? -5.900  -10.247 8.449   1.00 21.17 ? 91  ILE A CD1 1 
ATOM   636 N N   . LEU A 1 95  ? -6.521  -9.866  3.563   1.00 11.45 ? 92  LEU A N   1 
ATOM   637 C CA  . LEU A 1 95  ? -6.408  -9.344  2.210   1.00 10.90 ? 92  LEU A CA  1 
ATOM   638 C C   . LEU A 1 95  ? -5.497  -8.151  2.221   1.00 10.92 ? 92  LEU A C   1 
ATOM   639 O O   . LEU A 1 95  ? -5.514  -7.306  3.149   1.00 12.37 ? 92  LEU A O   1 
ATOM   640 C CB  . LEU A 1 95  ? -7.787  -8.873  1.721   1.00 11.78 ? 92  LEU A CB  1 
ATOM   641 C CG  . LEU A 1 95  ? -8.743  -10.020 1.476   1.00 13.10 ? 92  LEU A CG  1 
ATOM   642 C CD1 . LEU A 1 95  ? -10.157 -9.533  1.357   1.00 15.06 ? 92  LEU A CD1 1 
ATOM   643 C CD2 . LEU A 1 95  ? -8.368  -10.760 0.209   1.00 17.26 ? 92  LEU A CD2 1 
ATOM   644 N N   . THR A 1 96  ? -4.705  -8.015  1.160   1.00 10.69 ? 93  THR A N   1 
ATOM   645 C CA  . THR A 1 96  ? -3.869  -6.842  0.998   1.00 10.43 ? 93  THR A CA  1 
ATOM   646 C C   . THR A 1 96  ? -3.632  -6.564  -0.455  1.00 9.52  ? 93  THR A C   1 
ATOM   647 O O   . THR A 1 96  ? -3.624  -7.504  -1.277  1.00 11.28 ? 93  THR A O   1 
ATOM   648 C CB  . THR A 1 96  ? -2.539  -7.026  1.797   1.00 11.56 ? 93  THR A CB  1 
ATOM   649 O OG1 . THR A 1 96  ? -1.980  -5.706  1.928   1.00 13.23 ? 93  THR A OG1 1 
ATOM   650 C CG2 . THR A 1 96  ? -1.584  -7.986  1.113   1.00 13.43 ? 93  THR A CG2 1 
ATOM   651 N N   . VAL A 1 97  ? -3.353  -5.315  -0.777  1.00 9.42  ? 94  VAL A N   1 
ATOM   652 C CA  . VAL A 1 97  ? -2.829  -4.938  -2.076  1.00 9.59  ? 94  VAL A CA  1 
ATOM   653 C C   . VAL A 1 97  ? -1.322  -5.007  -1.920  1.00 10.03 ? 94  VAL A C   1 
ATOM   654 O O   . VAL A 1 97  ? -0.717  -4.156  -1.249  1.00 11.06 ? 94  VAL A O   1 
ATOM   655 C CB  . VAL A 1 97  ? -3.316  -3.574  -2.511  1.00 10.36 ? 94  VAL A CB  1 
ATOM   656 C CG1 . VAL A 1 97  ? -2.672  -3.231  -3.877  1.00 11.80 ? 94  VAL A CG1 1 
ATOM   657 C CG2 . VAL A 1 97  ? -4.827  -3.490  -2.576  1.00 11.60 ? 94  VAL A CG2 1 
ATOM   658 N N   . PHE A 1 98  ? -0.706  -5.991  -2.544  1.00 10.31 ? 95  PHE A N   1 
ATOM   659 C CA  . PHE A 1 98  ? 0.720   -6.206  -2.487  1.00 10.42 ? 95  PHE A CA  1 
ATOM   660 C C   . PHE A 1 98  ? 1.342   -5.358  -3.578  1.00 10.87 ? 95  PHE A C   1 
ATOM   661 O O   . PHE A 1 98  ? 1.180   -5.609  -4.769  1.00 11.95 ? 95  PHE A O   1 
ATOM   662 C CB  . PHE A 1 98  ? 1.033   -7.688  -2.672  1.00 12.06 ? 95  PHE A CB  1 
ATOM   663 C CG  . PHE A 1 98  ? 2.455   -8.054  -2.381  1.00 14.11 ? 95  PHE A CG  1 
ATOM   664 C CD1 . PHE A 1 98  ? 2.861   -8.321  -1.084  1.00 16.24 ? 95  PHE A CD1 1 
ATOM   665 C CD2 . PHE A 1 98  ? 3.363   -8.161  -3.383  1.00 18.81 ? 95  PHE A CD2 1 
ATOM   666 C CE1 . PHE A 1 98  ? 4.143   -8.697  -0.800  1.00 19.65 ? 95  PHE A CE1 1 
ATOM   667 C CE2 . PHE A 1 98  ? 4.683   -8.527  -3.119  1.00 21.24 ? 95  PHE A CE2 1 
ATOM   668 C CZ  . PHE A 1 98  ? 5.071   -8.784  -1.815  1.00 22.01 ? 95  PHE A CZ  1 
ATOM   669 N N   . ALA A 1 99  ? 2.072   -4.296  -3.167  1.00 10.92 ? 96  ALA A N   1 
ATOM   670 C CA  . ALA A 1 99  ? 2.535   -3.310  -4.095  1.00 11.17 ? 96  ALA A CA  1 
ATOM   671 C C   . ALA A 1 99  ? 3.645   -3.867  -4.979  1.00 11.38 ? 96  ALA A C   1 
ATOM   672 O O   . ALA A 1 99  ? 4.546   -4.531  -4.525  1.00 13.40 ? 96  ALA A O   1 
ATOM   673 C CB  . ALA A 1 99  ? 3.037   -2.072  -3.333  1.00 13.41 ? 96  ALA A CB  1 
ATOM   674 N N   . ARG A 1 100 ? 3.527   -3.531  -6.259  1.00 11.62 ? 97  ARG A N   1 
ATOM   675 C CA  . ARG A 1 100 ? 4.590   -3.767  -7.234  1.00 12.42 ? 97  ARG A CA  1 
ATOM   676 C C   . ARG A 1 100 ? 5.252   -2.462  -7.630  1.00 12.34 ? 97  ARG A C   1 
ATOM   677 O O   . ARG A 1 100 ? 6.438   -2.493  -8.027  1.00 15.53 ? 97  ARG A O   1 
ATOM   678 C CB  . ARG A 1 100 ? 4.006   -4.492  -8.461  1.00 15.26 ? 97  ARG A CB  1 
ATOM   679 C CG  . ARG A 1 100 ? 3.706   -5.908  -8.066  1.00 19.25 ? 97  ARG A CG  1 
ATOM   680 C CD  . ARG A 1 100 ? 3.326   -6.670  -9.320  1.00 22.60 ? 97  ARG A CD  1 
ATOM   681 N NE  . ARG A 1 100 ? 1.925   -6.358  -9.779  1.00 21.69 ? 97  ARG A NE  1 
ATOM   682 C CZ  . ARG A 1 100 ? 0.979   -7.248  -10.066 1.00 18.32 ? 97  ARG A CZ  1 
ATOM   683 N NH1 . ARG A 1 100 ? -0.210  -6.863  -10.484 1.00 19.61 ? 97  ARG A NH1 1 
ATOM   684 N NH2 . ARG A 1 100 ? 1.193   -8.554  -9.965  1.00 20.86 ? 97  ARG A NH2 1 
ATOM   685 N N   . ASP A 1 101 ? 4.558   -1.343  -7.609  1.00 12.80 ? 98  ASP A N   1 
ATOM   686 C CA  . ASP A 1 101 ? 5.088   -0.066  -8.004  1.00 14.59 ? 98  ASP A CA  1 
ATOM   687 C C   . ASP A 1 101 ? 4.430   0.976   -7.159  1.00 13.31 ? 98  ASP A C   1 
ATOM   688 O O   . ASP A 1 101 ? 3.234   0.883   -6.836  1.00 14.29 ? 98  ASP A O   1 
ATOM   689 C CB  . ASP A 1 101 ? 4.834   0.245   -9.493  1.00 19.03 ? 98  ASP A CB  1 
ATOM   690 C CG  . ASP A 1 101 ? 5.560   1.573   -9.771  1.00 27.71 ? 98  ASP A CG  1 
ATOM   691 O OD1 . ASP A 1 101 ? 6.743   1.745   -9.453  1.00 36.18 ? 98  ASP A OD1 1 
ATOM   692 O OD2 . ASP A 1 101 ? 4.962   2.522   -10.276 1.00 42.97 ? 98  ASP A OD2 1 
ATOM   693 N N   . ILE A 1 102 ? 5.220   1.968   -6.741  1.00 13.68 ? 99  ILE A N   1 
ATOM   694 C CA  . ILE A 1 102 ? 4.693   3.076   -5.973  1.00 12.98 ? 99  ILE A CA  1 
ATOM   695 C C   . ILE A 1 102 ? 5.394   4.347   -6.468  1.00 12.85 ? 99  ILE A C   1 
ATOM   696 O O   . ILE A 1 102 ? 6.613   4.320   -6.718  1.00 15.16 ? 99  ILE A O   1 
ATOM   697 C CB  . ILE A 1 102 ? 4.811   2.889   -4.469  1.00 15.09 ? 99  ILE A CB  1 
ATOM   698 C CG1 . ILE A 1 102 ? 4.017   3.955   -3.646  1.00 16.27 ? 99  ILE A CG1 1 
ATOM   699 C CG2 . ILE A 1 102 ? 6.258   2.823   -4.019  1.00 17.35 ? 99  ILE A CG2 1 
ATOM   700 C CD1 . ILE A 1 102 ? 3.670   3.504   -2.227  1.00 18.69 ? 99  ILE A CD1 1 
ATOM   701 N N   . SER A 1 103 ? 4.635   5.406   -6.602  1.00 11.41 ? 100 SER A N   1 
ATOM   702 C CA  . SER A 1 103 ? 5.180   6.704   -6.924  1.00 12.16 ? 100 SER A CA  1 
ATOM   703 C C   . SER A 1 103 ? 4.513   7.737   -6.015  1.00 11.53 ? 100 SER A C   1 
ATOM   704 O O   . SER A 1 103 ? 3.295   7.823   -5.924  1.00 12.98 ? 100 SER A O   1 
ATOM   705 C CB  . SER A 1 103 ? 4.884   7.060   -8.371  1.00 15.19 ? 100 SER A CB  1 
ATOM   706 O OG  . SER A 1 103 ? 5.478   6.214   -9.287  1.00 22.49 ? 100 SER A OG  1 
ATOM   707 N N   . VAL A 1 104 ? 5.318   8.569   -5.386  1.00 11.61 ? 101 VAL A N   1 
ATOM   708 C CA  . VAL A 1 104 ? 4.838   9.695   -4.585  1.00 11.45 ? 101 VAL A CA  1 
ATOM   709 C C   . VAL A 1 104 ? 4.528   10.811  -5.557  1.00 10.51 ? 101 VAL A C   1 
ATOM   710 O O   . VAL A 1 104 ? 5.314   11.132  -6.436  1.00 12.07 ? 101 VAL A O   1 
ATOM   711 C CB  . VAL A 1 104 ? 5.843   10.120  -3.513  1.00 12.84 ? 101 VAL A CB  1 
ATOM   712 C CG1 . VAL A 1 104 ? 5.327   11.317  -2.731  1.00 13.04 ? 101 VAL A CG1 1 
ATOM   713 C CG2 . VAL A 1 104 ? 6.117   8.993   -2.492  1.00 15.98 ? 101 VAL A CG2 1 
ATOM   714 N N   . VAL A 1 105 ? 3.360   11.446  -5.374  1.00 10.77 ? 102 VAL A N   1 
ATOM   715 C CA  . VAL A 1 105 ? 2.901   12.519  -6.234  1.00 10.75 ? 102 VAL A CA  1 
ATOM   716 C C   . VAL A 1 105 ? 2.518   13.729  -5.388  1.00 11.25 ? 102 VAL A C   1 
ATOM   717 O O   . VAL A 1 105 ? 2.175   13.603  -4.210  1.00 11.35 ? 102 VAL A O   1 
ATOM   718 C CB  . VAL A 1 105 ? 1.745   12.064  -7.134  1.00 11.39 ? 102 VAL A CB  1 
ATOM   719 C CG1 . VAL A 1 105 ? 2.207   10.950  -8.046  1.00 12.22 ? 102 VAL A CG1 1 
ATOM   720 C CG2 . VAL A 1 105 ? 0.517   11.678  -6.341  1.00 13.04 ? 102 VAL A CG2 1 
ATOM   721 N N   . PRO A 1 106 ? 2.508   14.926  -5.986  1.00 12.20 ? 103 PRO A N   1 
ATOM   722 C CA  . PRO A 1 106 ? 2.049   16.101  -5.250  1.00 13.44 ? 103 PRO A CA  1 
ATOM   723 C C   . PRO A 1 106 ? 0.545   16.128  -5.115  1.00 14.69 ? 103 PRO A C   1 
ATOM   724 O O   . PRO A 1 106 ? -0.216  15.380  -5.758  1.00 15.71 ? 103 PRO A O   1 
ATOM   725 C CB  . PRO A 1 106 ? 2.616   17.262  -6.077  1.00 17.23 ? 103 PRO A CB  1 
ATOM   726 C CG  . PRO A 1 106 ? 2.782   16.736  -7.435  1.00 15.33 ? 103 PRO A CG  1 
ATOM   727 C CD  . PRO A 1 106 ? 3.010   15.272  -7.319  1.00 13.37 ? 103 PRO A CD  1 
ATOM   728 N N   . GLU A 1 107 ? 0.090   17.029  -4.275  1.00 18.36 ? 104 GLU A N   1 
ATOM   729 C CA  . GLU A 1 107 ? -1.323  17.321  -4.133  1.00 20.57 ? 104 GLU A CA  1 
ATOM   730 C C   . GLU A 1 107 ? -1.950  18.111  -5.266  1.00 21.65 ? 104 GLU A C   1 
ATOM   731 O O   . GLU A 1 107 ? -3.142  17.924  -5.552  1.00 26.05 ? 104 GLU A O   1 
ATOM   732 C CB  . GLU A 1 107 ? -1.558  18.089  -2.808  1.00 24.85 ? 104 GLU A CB  1 
ATOM   733 C CG  . GLU A 1 107 ? -1.410  17.051  -1.680  1.00 31.35 ? 104 GLU A CG  1 
ATOM   734 C CD  . GLU A 1 107 ? -2.455  17.269  -0.637  1.00 34.21 ? 104 GLU A CD  1 
ATOM   735 O OE1 . GLU A 1 107 ? -1.935  17.469  0.463   1.00 45.24 ? 104 GLU A OE1 1 
ATOM   736 O OE2 . GLU A 1 107 ? -3.661  17.213  -0.947  1.00 42.39 ? 104 GLU A OE2 1 
ATOM   737 O OXT . GLU A 1 107 ? -1.148  18.977  -5.910  1.00 22.96 ? 104 GLU A OXT 1 
HETATM 738 O O   . HOH B 2 .   ? -5.961  11.570  -3.566  1.00 13.20 ? 201 HOH A O   1 
HETATM 739 O O   . HOH B 2 .   ? -12.245 4.702   -3.651  1.00 12.74 ? 202 HOH A O   1 
HETATM 740 O O   . HOH B 2 .   ? 8.079   10.905  -6.598  1.00 18.53 ? 203 HOH A O   1 
HETATM 741 O O   . HOH B 2 .   ? -0.683  1.143   9.672   1.00 16.29 ? 204 HOH A O   1 
HETATM 742 O O   . HOH B 2 .   ? -20.290 6.382   -3.489  1.00 25.51 ? 205 HOH A O   1 
HETATM 743 O O   . HOH B 2 .   ? -2.246  -3.523  5.132   1.00 19.48 ? 206 HOH A O   1 
HETATM 744 O O   . HOH B 2 .   ? 4.461   5.850   7.557   1.00 20.84 ? 207 HOH A O   1 
HETATM 745 O O   . HOH B 2 .   ? -5.051  -17.257 0.645   1.00 19.25 ? 208 HOH A O   1 
HETATM 746 O O   . HOH B 2 .   ? -1.930  -13.334 -10.194 1.00 17.25 ? 209 HOH A O   1 
HETATM 747 O O   . HOH B 2 .   ? -3.655  -6.071  5.152   1.00 17.79 ? 210 HOH A O   1 
HETATM 748 O O   . HOH B 2 .   ? -1.339  1.028   14.991  1.00 17.05 ? 211 HOH A O   1 
HETATM 749 O O   . HOH B 2 .   ? 2.884   3.590   -9.341  1.00 28.87 ? 212 HOH A O   1 
HETATM 750 O O   . HOH B 2 .   ? -0.825  -10.336 -10.785 1.00 17.53 ? 213 HOH A O   1 
HETATM 751 O O   . HOH B 2 .   ? -2.791  -17.002 -1.326  1.00 21.21 ? 214 HOH A O   1 
HETATM 752 O O   . HOH B 2 .   ? 14.667  -4.992  3.295   0.50 20.53 ? 215 HOH A O   1 
HETATM 753 O O   . HOH B 2 .   ? 2.076   -4.765  10.226  0.50 26.12 ? 216 HOH A O   1 
HETATM 754 O O   . HOH B 2 .   ? 8.201   1.580   -7.298  1.00 32.01 ? 217 HOH A O   1 
HETATM 755 O O   . HOH B 2 .   ? 16.111  -7.143  8.110   1.00 30.53 ? 218 HOH A O   1 
HETATM 756 O O   . HOH B 2 .   ? -5.062  -1.988  -12.458 1.00 35.78 ? 219 HOH A O   1 
HETATM 757 O O   . HOH B 2 .   ? -12.384 -12.009 5.744   1.00 27.53 ? 220 HOH A O   1 
HETATM 758 O O   . HOH B 2 .   ? -3.812  10.889  5.596   1.00 30.02 ? 221 HOH A O   1 
HETATM 759 O O   . HOH B 2 .   ? -5.720  15.244  -8.482  1.00 21.94 ? 222 HOH A O   1 
HETATM 760 O O   . HOH B 2 .   ? -10.045 11.690  5.966   0.50 32.26 ? 223 HOH A O   1 
HETATM 761 O O   . HOH B 2 .   ? -2.415  3.550   -14.351 1.00 27.33 ? 224 HOH A O   1 
HETATM 762 O O   . HOH B 2 .   ? -3.870  -13.243 12.963  0.50 28.12 ? 225 HOH A O   1 
HETATM 763 O O   . HOH B 2 .   ? 1.670   4.175   -13.650 1.00 32.90 ? 226 HOH A O   1 
HETATM 764 O O   . HOH B 2 .   ? 5.948   -5.010  -2.145  1.00 25.55 ? 227 HOH A O   1 
HETATM 765 O O   . HOH B 2 .   ? 8.600   6.503   5.066   0.50 27.22 ? 228 HOH A O   1 
HETATM 766 O O   . HOH B 2 .   ? -3.594  16.869  -8.199  1.00 24.47 ? 229 HOH A O   1 
HETATM 767 O O   . HOH B 2 .   ? 1.156   -8.998  7.796   1.00 29.27 ? 230 HOH A O   1 
HETATM 768 O O   . HOH B 2 .   ? 6.553   -6.282  -5.473  1.00 31.15 ? 231 HOH A O   1 
HETATM 769 O O   . HOH B 2 .   ? -15.393 6.747   -7.550  1.00 31.15 ? 232 HOH A O   1 
HETATM 770 O O   . HOH B 2 .   ? 4.679   4.127   -12.531 1.00 46.39 ? 233 HOH A O   1 
HETATM 771 O O   . HOH B 2 .   ? 13.263  -11.799 0.258   1.00 38.12 ? 234 HOH A O   1 
HETATM 772 O O   . HOH B 2 .   ? -1.121  -18.009 2.861   1.00 29.66 ? 235 HOH A O   1 
HETATM 773 O O   . HOH B 2 .   ? 7.821   -6.888  -3.392  0.50 25.39 ? 236 HOH A O   1 
HETATM 774 O O   . HOH B 2 .   ? -6.057  11.664  4.794   1.00 31.74 ? 237 HOH A O   1 
HETATM 775 O O   . HOH B 2 .   ? -2.177  -7.026  8.462   1.00 33.01 ? 238 HOH A O   1 
HETATM 776 O O   . HOH B 2 .   ? -1.341  -7.337  5.816   1.00 24.73 ? 239 HOH A O   1 
HETATM 777 O O   . HOH B 2 .   ? 7.912   -4.741  -8.202  1.00 30.51 ? 240 HOH A O   1 
HETATM 778 O O   . HOH B 2 .   ? 13.990  -12.890 7.891   1.00 32.27 ? 241 HOH A O   1 
HETATM 779 O O   . HOH B 2 .   ? -4.572  16.156  -4.078  1.00 34.38 ? 242 HOH A O   1 
HETATM 780 O O   . HOH B 2 .   ? 3.424   -2.558  -11.792 1.00 33.84 ? 243 HOH A O   1 
HETATM 781 O O   . HOH B 2 .   ? 2.422   -13.368 -8.722  1.00 37.05 ? 244 HOH A O   1 
HETATM 782 O O   . HOH B 2 .   ? -3.121  13.270  6.915   1.00 44.90 ? 245 HOH A O   1 
HETATM 783 O O   . HOH B 2 .   ? 5.517   -8.941  -6.795  1.00 33.79 ? 246 HOH A O   1 
HETATM 784 O O   . HOH B 2 .   ? 5.572   6.344   11.548  1.00 34.71 ? 247 HOH A O   1 
HETATM 785 O O   . HOH B 2 .   ? 7.710   4.077   -9.181  1.00 40.78 ? 248 HOH A O   1 
HETATM 786 O O   . HOH B 2 .   ? 3.460   9.366   9.657   1.00 33.07 ? 249 HOH A O   1 
HETATM 787 O O   . HOH B 2 .   ? 2.233   13.028  8.866   1.00 35.29 ? 250 HOH A O   1 
HETATM 788 O O   . HOH B 2 .   ? 4.957   7.644   9.513   1.00 35.20 ? 251 HOH A O   1 
HETATM 789 O O   . HOH B 2 .   ? -13.581 -9.690  2.426   1.00 19.76 ? 252 HOH A O   1 
HETATM 790 O O   . HOH B 2 .   ? -1.247  1.253   -12.954 0.50 23.15 ? 253 HOH A O   1 
HETATM 791 O O   . HOH B 2 .   ? 1.367   2.428   -11.780 0.50 21.43 ? 254 HOH A O   1 
HETATM 792 O O   . HOH B 2 .   ? 2.587   13.605  -1.462  0.50 9.77  ? 255 HOH A O   1 
HETATM 793 O O   . HOH B 2 .   ? 4.929   13.798  0.182   0.50 13.35 ? 256 HOH A O   1 
HETATM 794 O O   . HOH B 2 .   ? 0.210   14.892  0.188   0.50 21.77 ? 257 HOH A O   1 
HETATM 795 O O   . HOH B 2 .   ? -1.825  -18.768 0.448   0.50 21.56 ? 258 HOH A O   1 
HETATM 796 O O   . HOH B 2 .   ? -7.431  16.163  -6.532  0.50 31.55 ? 259 HOH A O   1 
HETATM 797 O O   . HOH B 2 .   ? 4.131   13.677  2.762   0.50 21.72 ? 260 HOH A O   1 
HETATM 798 O O   . HOH B 2 .   ? 3.488   -8.714  -12.354 0.50 32.19 ? 261 HOH A O   1 
HETATM 799 O O   . HOH B 2 .   ? 3.101   0.153   -12.718 0.50 25.64 ? 262 HOH A O   1 
HETATM 800 O O   . HOH B 2 .   ? -1.177  0.626   -17.081 0.50 38.36 ? 263 HOH A O   1 
HETATM 801 O O   . HOH B 2 .   ? -7.266  10.611  0.637   0.50 24.10 ? 264 HOH A O   1 
HETATM 802 O O   . HOH B 2 .   ? 6.403   -11.665 -13.614 0.50 42.29 ? 265 HOH A O   1 
HETATM 803 O O   . HOH B 2 .   ? 6.906   -6.043  -10.371 0.50 28.92 ? 266 HOH A O   1 
HETATM 804 O O   . HOH B 2 .   ? 8.324   8.286   -6.583  0.50 24.66 ? 267 HOH A O   1 
HETATM 805 O O   . HOH B 2 .   ? 6.768   11.779  0.828   0.50 20.76 ? 268 HOH A O   1 
HETATM 806 O O   . HOH B 2 .   ? 6.342   4.230   10.194  0.50 25.31 ? 269 HOH A O   1 
HETATM 807 O O   . HOH B 2 .   ? 7.833   -10.362 -3.105  0.50 27.02 ? 270 HOH A O   1 
HETATM 808 O O   . HOH B 2 .   ? 3.631   -10.168 -9.645  0.50 24.99 ? 271 HOH A O   1 
HETATM 809 O O   . HOH B 2 .   ? 3.408   -10.368 -7.598  0.50 28.17 ? 272 HOH A O   1 
HETATM 810 O O   . HOH B 2 .   ? -8.552  -8.656  5.428   0.50 19.05 ? 273 HOH A O   1 
HETATM 811 O O   . HOH B 2 .   ? 12.129  -15.621 6.269   0.50 28.82 ? 274 HOH A O   1 
HETATM 812 O O   . HOH B 2 .   ? -16.175 8.160   3.881   0.50 29.71 ? 275 HOH A O   1 
HETATM 813 O O   . HOH B 2 .   ? -0.637  -16.499 13.605  0.50 40.29 ? 276 HOH A O   1 
HETATM 814 O O   . HOH B 2 .   ? 2.439   -13.710 7.744   0.50 27.12 ? 277 HOH A O   1 
HETATM 815 O O   . HOH B 2 .   ? -3.557  -12.878 15.877  0.50 34.34 ? 278 HOH A O   1 
HETATM 816 O O   . HOH B 2 .   ? 9.221   8.358   -7.763  0.50 27.47 ? 279 HOH A O   1 
HETATM 817 O O   . HOH B 2 .   ? 2.733   11.211  10.782  0.50 31.28 ? 280 HOH A O   1 
HETATM 818 O O   . HOH B 2 .   ? -2.312  15.157  2.760   0.50 34.70 ? 281 HOH A O   1 
HETATM 819 O O   . HOH B 2 .   ? -1.591  -3.072  -14.693 0.50 31.70 ? 282 HOH A O   1 
HETATM 820 O O   . HOH B 2 .   ? 8.300   6.306   -9.199  0.50 30.35 ? 283 HOH A O   1 
HETATM 821 O O   . HOH B 2 .   ? -0.470  -0.786  -14.861 0.50 31.06 ? 284 HOH A O   1 
HETATM 822 O O   . HOH B 2 .   ? 5.979   -8.799  -11.234 0.50 42.65 ? 285 HOH A O   1 
HETATM 823 O O   . HOH B 2 .   ? 7.143   0.315   11.842  0.50 38.58 ? 286 HOH A O   1 
HETATM 824 O O   . HOH B 2 .   ? 2.573   14.131  5.144   0.50 35.36 ? 287 HOH A O   1 
HETATM 825 O O   . HOH B 2 .   ? -9.107  13.060  3.037   0.50 39.40 ? 288 HOH A O   1 
HETATM 826 O O   . HOH B 2 .   ? -13.053 12.092  4.753   0.50 30.35 ? 289 HOH A O   1 
HETATM 827 O O   . HOH B 2 .   ? -2.918  -18.164 9.473   0.50 25.19 ? 290 HOH A O   1 
HETATM 828 O O   . HOH B 2 .   ? 8.435   -1.154  -9.316  0.50 32.62 ? 291 HOH A O   1 
HETATM 829 O O   . HOH B 2 .   ? -15.663 5.646   4.555   0.50 26.49 ? 292 HOH A O   1 
HETATM 830 O O   . HOH B 2 .   ? -15.151 10.451  5.290   0.50 43.29 ? 293 HOH A O   1 
HETATM 831 O O   . HOH B 2 .   ? -14.123 9.030   6.017   0.50 29.69 ? 294 HOH A O   1 
HETATM 832 O O   . HOH B 2 .   ? -4.065  17.799  2.064   0.50 40.44 ? 295 HOH A O   1 
HETATM 833 O O   . HOH B 2 .   ? 9.105   11.448  -0.202  0.50 26.81 ? 296 HOH A O   1 
# 
loop_
_atom_site_anisotrop.id 
_atom_site_anisotrop.type_symbol 
_atom_site_anisotrop.pdbx_label_atom_id 
_atom_site_anisotrop.pdbx_label_alt_id 
_atom_site_anisotrop.pdbx_label_comp_id 
_atom_site_anisotrop.pdbx_label_asym_id 
_atom_site_anisotrop.pdbx_label_seq_id 
_atom_site_anisotrop.pdbx_PDB_ins_code 
_atom_site_anisotrop.U[1][1] 
_atom_site_anisotrop.U[2][2] 
_atom_site_anisotrop.U[3][3] 
_atom_site_anisotrop.U[1][2] 
_atom_site_anisotrop.U[1][3] 
_atom_site_anisotrop.U[2][3] 
_atom_site_anisotrop.pdbx_auth_seq_id 
_atom_site_anisotrop.pdbx_auth_comp_id 
_atom_site_anisotrop.pdbx_auth_asym_id 
_atom_site_anisotrop.pdbx_auth_atom_id 
1   N N   . GLU A 10  ? 0.5707 0.3926 0.3695 -0.1453 0.1725  0.0527  7   GLU A N   
2   C CA  . GLU A 10  ? 0.4580 0.3945 0.2184 -0.2227 0.1492  -0.0397 7   GLU A CA  
3   C C   . GLU A 10  ? 0.3982 0.2774 0.1927 -0.1257 0.0707  -0.0187 7   GLU A C   
4   O O   . GLU A 10  ? 0.4927 0.3267 0.3256 -0.0949 0.0082  0.1178  7   GLU A O   
5   C CB  . GLU A 10  ? 0.4438 0.5597 0.4010 -0.2133 0.0177  -0.0420 7   GLU A CB  
6   C CG  . GLU A 10  ? 0.5646 0.6257 0.4195 -0.1338 -0.0297 -0.0473 7   GLU A CG  
7   C CD  . GLU A 10  ? 0.5603 0.6812 0.5046 -0.1056 -0.0251 -0.0333 7   GLU A CD  
8   O OE1 . GLU A 10  ? 0.6261 0.7708 0.5522 -0.0657 -0.0308 -0.1601 7   GLU A OE1 
9   O OE2 . GLU A 10  ? 0.5187 0.7959 0.4934 -0.1027 -0.1456 0.0426  7   GLU A OE2 
10  N N   . ASN A 11  ? 0.2714 0.2155 0.1409 -0.0724 0.0612  -0.0612 8   ASN A N   
11  C CA  . ASN A 11  ? 0.2028 0.1407 0.1257 -0.0209 -0.0073 -0.0338 8   ASN A CA  
12  C C   . ASN A 11  ? 0.1592 0.1104 0.1150 -0.0104 -0.0139 -0.0119 8   ASN A C   
13  O O   . ASN A 11  ? 0.1496 0.1180 0.1425 -0.0138 -0.0152 -0.0189 8   ASN A O   
14  C CB  . ASN A 11  ? 0.2264 0.1448 0.1470 -0.0037 -0.0087 -0.0351 8   ASN A CB  
15  C CG  . ASN A 11  ? 0.2268 0.1587 0.1380 0.0196  -0.0007 -0.0423 8   ASN A CG  
16  O OD1 . ASN A 11  ? 0.2372 0.1773 0.1754 0.0191  -0.0349 -0.0289 8   ASN A OD1 
17  N ND2 . ASN A 11  ? 0.2264 0.1819 0.1898 0.0012  -0.0269 -0.0045 8   ASN A ND2 
18  N N   . ASN A 12  ? 0.1520 0.1110 0.1246 -0.0207 0.0000  -0.0173 9   ASN A N   
19  C CA  . ASN A 12  ? 0.1394 0.1082 0.1172 -0.0070 -0.0048 -0.0217 9   ASN A CA  
20  C C   . ASN A 12  ? 0.1424 0.1169 0.1241 -0.0062 -0.0057 -0.0184 9   ASN A C   
21  O O   . ASN A 12  ? 0.1376 0.1243 0.1804 -0.0048 -0.0204 -0.0212 9   ASN A O   
22  C CB  . ASN A 12  ? 0.1404 0.1188 0.1184 -0.0005 -0.0102 -0.0182 9   ASN A CB  
23  C CG  . ASN A 12  ? 0.1426 0.1168 0.1242 -0.0140 -0.0117 -0.0156 9   ASN A CG  
24  O OD1 . ASN A 12  ? 0.1699 0.1247 0.1216 0.0053  -0.0198 -0.0197 9   ASN A OD1 
25  N ND2 . ASN A 12  ? 0.1603 0.1265 0.1238 -0.0056 -0.0017 -0.0112 9   ASN A ND2 
26  N N   . THR A 13  ? 0.1375 0.1093 0.1463 -0.0122 -0.0077 -0.0218 10  THR A N   
27  C CA  . THR A 13  ? 0.1501 0.1048 0.1936 -0.0126 0.0039  -0.0236 10  THR A CA  
28  C C   . THR A 13  ? 0.1338 0.1102 0.1596 -0.0116 -0.0094 -0.0166 10  THR A C   
29  O O   . THR A 13  ? 0.1430 0.1423 0.2265 -0.0008 -0.0395 -0.0689 10  THR A O   
30  C CB  . THR A 13  ? 0.2562 0.1448 0.1919 -0.0258 0.0422  -0.0186 10  THR A CB  
31  O OG1 . THR A 13  ? 0.3114 0.1795 0.2611 -0.0661 0.0380  0.0117  10  THR A OG1 
32  C CG2 . THR A 13  ? 0.3672 0.2430 0.1926 -0.0955 -0.0347 0.0440  10  THR A CG2 
33  N N   . VAL A 14  ? 0.1373 0.1029 0.1592 -0.0057 -0.0177 -0.0171 11  VAL A N   
34  C CA  . VAL A 14  ? 0.1357 0.0947 0.1404 -0.0041 -0.0073 -0.0055 11  VAL A CA  
35  C C   . VAL A 14  ? 0.1304 0.1074 0.1411 -0.0081 -0.0171 -0.0187 11  VAL A C   
36  O O   . VAL A 14  ? 0.1369 0.1105 0.2162 -0.0111 -0.0258 -0.0087 11  VAL A O   
37  C CB  . VAL A 14  ? 0.1868 0.1084 0.1444 -0.0179 -0.0123 -0.0058 11  VAL A CB  
38  C CG1 . VAL A 14  ? 0.2494 0.1202 0.1446 -0.0201 0.0082  -0.0151 11  VAL A CG1 
39  C CG2 . VAL A 14  ? 0.2167 0.1081 0.1565 -0.0176 -0.0001 0.0069  11  VAL A CG2 
40  N N   . THR A 15  ? 0.1259 0.0945 0.1299 -0.0147 -0.0099 -0.0073 12  THR A N   
41  C CA  . THR A 15  ? 0.1356 0.1049 0.1377 -0.0161 0.0027  -0.0064 12  THR A CA  
42  C C   . THR A 15  ? 0.1344 0.0992 0.1279 -0.0205 0.0049  -0.0046 12  THR A C   
43  O O   . THR A 15  ? 0.1325 0.1194 0.1406 -0.0071 -0.0119 -0.0197 12  THR A O   
44  C CB  . THR A 15  ? 0.2287 0.1421 0.1491 -0.0252 0.0283  0.0045  12  THR A CB  
45  O OG1 . THR A 15  ? 0.3548 0.1939 0.1868 0.0164  0.0947  0.0023  12  THR A OG1 
46  C CG2 . THR A 15  ? 0.3142 0.1598 0.1815 -0.0649 0.0489  0.0238  12  THR A CG2 
47  N N   . LEU A 16  ? 0.1281 0.0988 0.1319 -0.0082 -0.0065 -0.0105 13  LEU A N   
48  C CA  . LEU A 16  ? 0.1301 0.1011 0.1219 -0.0137 0.0003  -0.0067 13  LEU A CA  
49  C C   . LEU A 16  ? 0.1357 0.0997 0.1324 -0.0068 -0.0064 -0.0001 13  LEU A C   
50  O O   . LEU A 16  ? 0.1376 0.1047 0.1808 -0.0143 -0.0064 -0.0172 13  LEU A O   
51  C CB  . LEU A 16  ? 0.1505 0.1052 0.1279 -0.0173 -0.0082 0.0007  13  LEU A CB  
52  C CG  . LEU A 16  ? 0.1768 0.0997 0.1360 -0.0086 -0.0015 0.0033  13  LEU A CG  
53  C CD1 . LEU A 16  ? 0.2079 0.1130 0.1534 -0.0119 -0.0127 0.0251  13  LEU A CD1 
54  C CD2 . LEU A 16  ? 0.1780 0.1397 0.1460 -0.0396 -0.0124 0.0326  13  LEU A CD2 
55  N N   . VAL A 17  ? 0.1268 0.0963 0.1204 -0.0184 -0.0031 0.0021  14  VAL A N   
56  C CA  . VAL A 17  ? 0.1431 0.0905 0.1195 -0.0144 0.0020  -0.0001 14  VAL A CA  
57  C C   . VAL A 17  ? 0.1480 0.1004 0.1150 -0.0141 0.0025  -0.0020 14  VAL A C   
58  O O   . VAL A 17  ? 0.1398 0.1257 0.1430 -0.0131 0.0024  -0.0176 14  VAL A O   
59  C CB  . VAL A 17  ? 0.1818 0.1023 0.1282 -0.0092 0.0014  0.0129  14  VAL A CB  
60  C CG1 . VAL A 17  ? 0.2322 0.1090 0.1420 -0.0433 0.0180  0.0022  14  VAL A CG1 
61  C CG2 . VAL A 17  ? 0.1908 0.1307 0.1186 -0.0154 -0.0056 0.0050  14  VAL A CG2 
62  N N   . GLY A 18  ? 0.1410 0.1113 0.1227 -0.0166 0.0066  -0.0063 15  GLY A N   
63  C CA  . GLY A 18  ? 0.1666 0.1160 0.1117 -0.0257 0.0138  -0.0087 15  GLY A CA  
64  C C   . GLY A 18  ? 0.1646 0.1137 0.1179 -0.0273 0.0086  -0.0008 15  GLY A C   
65  O O   . GLY A 18  ? 0.1709 0.1458 0.1190 -0.0479 0.0103  -0.0093 15  GLY A O   
66  N N   . LYS A 19  ? 0.1609 0.1319 0.1139 -0.0255 0.0062  -0.0031 16  LYS A N   
67  C CA  . LYS A 19  ? 0.1775 0.1372 0.1206 -0.0405 -0.0006 -0.0088 16  LYS A CA  
68  C C   . LYS A 19  ? 0.1663 0.1208 0.1147 -0.0404 0.0094  -0.0148 16  LYS A C   
69  O O   . LYS A 19  ? 0.1655 0.1335 0.1175 -0.0369 0.0116  -0.0073 16  LYS A O   
70  C CB  . LYS A 19  ? 0.2756 0.1414 0.1651 -0.0109 -0.0298 -0.0255 16  LYS A CB  
71  C CG  . LYS A 19  ? 0.3358 0.1564 0.1917 -0.0071 -0.0241 -0.0070 16  LYS A CG  
72  C CD  . LYS A 19  ? 0.4183 0.1456 0.3018 -0.0196 0.0052  -0.0137 16  LYS A CD  
73  C CE  . LYS A 19  ? 0.5118 0.1936 0.4294 0.0310  0.0223  0.0685  16  LYS A CE  
74  N NZ  . LYS A 19  ? 0.7445 0.1821 0.7038 0.0762  0.0904  0.0178  16  LYS A NZ  
75  N N   . VAL A 20  ? 0.1692 0.1171 0.1160 -0.0396 0.0161  -0.0040 17  VAL A N   
76  C CA  . VAL A 20  ? 0.1740 0.1325 0.1092 -0.0376 0.0091  -0.0108 17  VAL A CA  
77  C C   . VAL A 20  ? 0.1760 0.1207 0.1058 -0.0335 0.0034  -0.0099 17  VAL A C   
78  O O   . VAL A 20  ? 0.2295 0.1228 0.1312 -0.0476 0.0207  -0.0244 17  VAL A O   
79  C CB  . VAL A 20  ? 0.1686 0.1333 0.1332 -0.0413 0.0043  -0.0105 17  VAL A CB  
80  C CG1 . VAL A 20  ? 0.1875 0.1469 0.1584 -0.0281 -0.0132 -0.0039 17  VAL A CG1 
81  C CG2 . VAL A 20  ? 0.1571 0.1428 0.1607 -0.0271 0.0041  -0.0093 17  VAL A CG2 
82  N N   . PHE A 21  ? 0.1733 0.1210 0.1181 -0.0242 0.0216  -0.0115 18  PHE A N   
83  C CA  . PHE A 21  ? 0.1838 0.1240 0.1131 -0.0214 0.0219  -0.0179 18  PHE A CA  
84  C C   . PHE A 21  ? 0.1827 0.1353 0.1143 -0.0294 0.0267  -0.0179 18  PHE A C   
85  O O   . PHE A 21  ? 0.2085 0.1537 0.1092 -0.0234 0.0231  -0.0263 18  PHE A O   
86  C CB  . PHE A 21  ? 0.1745 0.1418 0.1229 -0.0212 0.0158  -0.0202 18  PHE A CB  
87  C CG  . PHE A 21  ? 0.1799 0.1374 0.1302 -0.0091 0.0150  -0.0191 18  PHE A CG  
88  C CD1 . PHE A 21  ? 0.1994 0.1396 0.1711 -0.0049 0.0383  -0.0049 18  PHE A CD1 
89  C CD2 . PHE A 21  ? 0.1750 0.1368 0.1342 -0.0067 0.0142  -0.0142 18  PHE A CD2 
90  C CE1 . PHE A 21  ? 0.2035 0.1447 0.2121 0.0096  0.0369  -0.0170 18  PHE A CE1 
91  C CE2 . PHE A 21  ? 0.1942 0.1550 0.1408 -0.0079 0.0262  -0.0198 18  PHE A CE2 
92  C CZ  . PHE A 21  ? 0.1929 0.1630 0.1818 -0.0020 0.0433  -0.0349 18  PHE A CZ  
93  N N   . THR A 22  ? 0.2394 0.1626 0.1035 0.0131  0.0129  -0.0127 19  THR A N   
94  C CA  . THR A 22  ? 0.2335 0.1635 0.0984 -0.0011 0.0064  -0.0230 19  THR A CA  
95  C C   . THR A 22  ? 0.2360 0.1493 0.1098 -0.0010 0.0088  -0.0300 19  THR A C   
96  O O   . THR A 22  ? 0.2378 0.1838 0.1196 0.0132  0.0115  -0.0221 19  THR A O   
97  C CB  . THR A 22  ? 0.2256 0.1642 0.1040 -0.0005 -0.0116 -0.0152 19  THR A CB  
98  O OG1 . THR A 22  ? 0.2258 0.1739 0.1244 -0.0166 -0.0046 -0.0230 19  THR A OG1 
99  C CG2 . THR A 22  ? 0.2202 0.1886 0.1370 -0.0160 -0.0065 -0.0252 19  THR A CG2 
100 N N   . PRO A 23  ? 0.2290 0.1740 0.1257 -0.0181 0.0158  -0.0192 20  PRO A N   
101 C CA  . PRO A 23  ? 0.2251 0.1891 0.1575 -0.0341 0.0258  -0.0353 20  PRO A CA  
102 C C   . PRO A 23  ? 0.2132 0.1792 0.1544 -0.0223 0.0212  -0.0215 20  PRO A C   
103 O O   . PRO A 23  ? 0.2079 0.1959 0.1961 -0.0360 0.0255  -0.0262 20  PRO A O   
104 C CB  . PRO A 23  ? 0.2285 0.2136 0.1905 -0.0165 0.0090  -0.0588 20  PRO A CB  
105 C CG  . PRO A 23  ? 0.2549 0.3162 0.1444 -0.0140 -0.0100 -0.0264 20  PRO A CG  
106 C CD  . PRO A 23  ? 0.2314 0.2049 0.1191 -0.0357 0.0049  -0.0348 20  PRO A CD  
107 N N   . LEU A 24  ? 0.2018 0.1879 0.1724 -0.0337 0.0144  -0.0158 21  LEU A N   
108 C CA  . LEU A 24  ? 0.1868 0.2242 0.1791 -0.0023 -0.0090 -0.0292 21  LEU A CA  
109 C C   . LEU A 24  ? 0.1903 0.2326 0.1744 -0.0008 -0.0320 -0.0336 21  LEU A C   
110 O O   . LEU A 24  ? 0.2997 0.2985 0.2366 -0.0618 -0.0965 -0.0375 21  LEU A O   
111 C CB  . LEU A 24  ? 0.1971 0.2530 0.2065 -0.0101 0.0045  -0.0258 21  LEU A CB  
112 C CG  . LEU A 24  ? 0.2288 0.2559 0.2008 -0.0329 0.0185  -0.0042 21  LEU A CG  
113 C CD1 . LEU A 24  ? 0.2351 0.2421 0.2022 -0.0439 0.0039  0.0046  21  LEU A CD1 
114 C CD2 . LEU A 24  ? 0.2790 0.3022 0.2525 -0.0228 0.0723  -0.0555 21  LEU A CD2 
115 N N   . GLU A 25  ? 0.1962 0.2364 0.1605 0.0000  -0.0268 -0.0238 22  GLU A N   
116 C CA  . GLU A 25  ? 0.2409 0.2720 0.1621 0.0013  -0.0328 -0.0071 22  GLU A CA  
117 C C   . GLU A 25  ? 0.2301 0.3100 0.1449 0.0448  -0.0559 0.0083  22  GLU A C   
118 O O   . GLU A 25  ? 0.2561 0.2481 0.2016 0.0550  -0.0620 -0.0065 22  GLU A O   
119 C CB  . GLU A 25  ? 0.2523 0.3089 0.2172 0.0018  0.0100  0.0132  22  GLU A CB  
120 C CG  . GLU A 25  ? 0.3442 0.3728 0.3404 -0.0142 0.0873  -0.0819 22  GLU A CG  
121 C CD  . GLU A 25  ? 0.3677 0.3900 0.3789 -0.0808 0.1367  -0.1390 22  GLU A CD  
122 O OE1 . GLU A 25  ? 0.4731 0.3870 0.5342 -0.0674 0.1938  -0.0822 22  GLU A OE1 
123 O OE2 . GLU A 25  ? 0.4393 0.4043 0.3721 -0.1526 0.1988  -0.2313 22  GLU A OE2 
124 N N   . PHE A 26  ? 0.2322 0.4243 0.1938 0.0629  -0.0570 -0.0010 23  PHE A N   
125 C CA  . PHE A 26  ? 0.2580 0.4889 0.1821 0.1322  0.0010  0.0558  23  PHE A CA  
126 C C   . PHE A 26  ? 0.3147 0.4028 0.2770 0.1831  0.0875  0.1306  23  PHE A C   
127 O O   . PHE A 26  ? 0.4857 0.5233 0.3454 0.2141  0.1893  0.1917  23  PHE A O   
128 C CB  . PHE A 26  ? 0.3363 0.6720 0.1856 0.2269  -0.0539 -0.0038 23  PHE A CB  
129 C CG  . PHE A 26  ? 0.3844 0.7296 0.2588 0.2920  -0.0191 0.0452  23  PHE A CG  
130 C CD1 . PHE A 26  ? 0.3957 0.7444 0.3151 0.2963  0.0277  0.0317  23  PHE A CD1 
131 C CD2 . PHE A 26  ? 0.5117 0.7361 0.3386 0.3238  0.0362  0.0835  23  PHE A CD2 
132 C CE1 . PHE A 26  ? 0.4865 0.7438 0.3192 0.3225  0.0317  0.0360  23  PHE A CE1 
133 C CE2 . PHE A 26  ? 0.5437 0.7490 0.3788 0.3433  0.0617  0.0937  23  PHE A CE2 
134 C CZ  . PHE A 26  ? 0.5506 0.7643 0.3403 0.3320  0.0381  0.0563  23  PHE A CZ  
135 N N   . SER A 27  ? 0.3687 0.3672 0.3772 0.1417  0.1127  0.1018  24  SER A N   
136 C CA  . SER A 27  ? 0.3583 0.4034 0.5126 0.1230  0.1542  0.1089  24  SER A CA  
137 C C   . SER A 27  ? 0.4188 0.3834 0.5524 0.1385  0.1835  0.1607  24  SER A C   
138 O O   . SER A 27  ? 0.4639 0.5136 0.5886 0.1250  0.1659  0.2345  24  SER A O   
139 C CB  . SER A 27  ? 0.3387 0.4649 0.5581 0.0845  0.1675  0.0487  24  SER A CB  
140 O OG  . SER A 27  ? 0.4992 0.6694 0.5337 -0.0211 0.1993  0.0245  24  SER A OG  
141 N N   . HIS A 28  ? 0.4305 0.3599 0.6260 0.1599  0.2333  0.1691  25  HIS A N   
142 C CA  . HIS A 28  ? 0.4969 0.4009 0.6523 0.2016  0.2359  0.2052  25  HIS A CA  
143 C C   . HIS A 28  ? 0.5051 0.3738 0.6245 0.2542  0.2069  0.1874  25  HIS A C   
144 O O   . HIS A 28  ? 0.3829 0.3731 0.6743 0.2042  0.2207  0.2330  25  HIS A O   
145 C CB  . HIS A 28  ? 0.5389 0.4082 0.6830 0.1609  0.1625  0.2208  25  HIS A CB  
146 C CG  . HIS A 28  ? 0.5841 0.5018 0.7524 0.1586  0.0966  0.1826  25  HIS A CG  
147 N ND1 . HIS A 28  ? 0.6294 0.5412 0.7646 0.1853  0.0733  0.1793  25  HIS A ND1 
148 C CD2 . HIS A 28  ? 0.6336 0.5378 0.7436 0.1836  0.0388  0.1504  25  HIS A CD2 
149 C CE1 . HIS A 28  ? 0.6818 0.5369 0.7807 0.2129  0.0410  0.1695  25  HIS A CE1 
150 N NE2 . HIS A 28  ? 0.6582 0.5397 0.7715 0.2098  0.0074  0.1804  25  HIS A NE2 
151 N N   . GLU A 29  ? 0.4659 0.3432 0.6301 0.2175  0.1571  0.1688  26  GLU A N   
152 C CA  . GLU A 29  ? 0.4100 0.3112 0.6483 0.1610  0.1348  0.0699  26  GLU A CA  
153 C C   . GLU A 29  ? 0.3593 0.2806 0.7080 0.1040  0.1380  0.0807  26  GLU A C   
154 O O   . GLU A 29  ? 0.4509 0.3059 0.9483 0.1082  0.2806  0.1324  26  GLU A O   
155 C CB  . GLU A 29  ? 0.4392 0.3498 0.6928 0.1374  0.0884  0.0369  26  GLU A CB  
156 C CG  . GLU A 29  ? 0.5635 0.3946 0.7422 0.1078  0.0508  -0.0054 26  GLU A CG  
157 C CD  . GLU A 29  ? 0.5793 0.4604 0.8003 0.0698  0.0050  -0.0148 26  GLU A CD  
158 O OE1 . GLU A 29  ? 0.5211 0.5259 0.9262 -0.0218 0.0970  0.0699  26  GLU A OE1 
159 O OE2 . GLU A 29  ? 0.6715 0.4643 0.8226 0.1018  -0.1638 -0.0608 26  GLU A OE2 
160 N N   . LEU A 30  ? 0.1897 0.2731 0.6893 0.0399  0.0814  -0.0007 27  LEU A N   
161 C CA  . LEU A 30  ? 0.2093 0.3095 0.7198 0.0452  0.0137  -0.0421 27  LEU A CA  
162 C C   . LEU A 30  ? 0.2061 0.2085 0.6209 0.0174  0.0521  -0.0232 27  LEU A C   
163 O O   . LEU A 30  ? 0.2162 0.2236 0.5808 0.0024  -0.0749 0.0039  27  LEU A O   
164 C CB  . LEU A 30  ? 0.3281 0.3411 0.7876 0.0223  -0.0936 -0.0470 27  LEU A CB  
165 C CG  . LEU A 30  ? 0.4710 0.4153 0.7775 0.0232  -0.1220 -0.1077 27  LEU A CG  
166 C CD1 . LEU A 30  ? 0.3797 0.3918 0.8309 0.0068  -0.1477 -0.1852 27  LEU A CD1 
167 C CD2 . LEU A 30  ? 0.5792 0.5545 0.7790 -0.0991 -0.2474 -0.1378 27  LEU A CD2 
168 N N   . TYR A 31  ? 0.1958 0.2351 0.4451 0.0123  0.0789  -0.0239 28  TYR A N   
169 C CA  . TYR A 31  ? 0.2121 0.2248 0.2878 0.0284  0.0835  -0.0053 28  TYR A CA  
170 C C   . TYR A 31  ? 0.1700 0.2292 0.2562 0.0321  0.0483  -0.0038 28  TYR A C   
171 O O   . TYR A 31  ? 0.1795 0.2558 0.2254 0.0246  0.0329  0.0179  28  TYR A O   
172 C CB  . TYR A 31  ? 0.2197 0.2415 0.2446 -0.0004 0.0151  0.0048  28  TYR A CB  
173 C CG  . TYR A 31  ? 0.2169 0.2710 0.2412 -0.0321 0.0174  0.0035  28  TYR A CG  
174 C CD1 . TYR A 31  ? 0.2172 0.3280 0.2676 -0.0465 0.0395  -0.0281 28  TYR A CD1 
175 C CD2 . TYR A 31  ? 0.3021 0.2519 0.3131 -0.0564 -0.0170 0.0358  28  TYR A CD2 
176 C CE1 . TYR A 31  ? 0.2423 0.3298 0.3344 -0.0598 0.0152  -0.0690 28  TYR A CE1 
177 C CE2 . TYR A 31  ? 0.3567 0.2557 0.3536 -0.0886 -0.0601 0.0021  28  TYR A CE2 
178 C CZ  . TYR A 31  ? 0.3555 0.3206 0.3318 -0.1081 -0.0328 -0.0169 28  TYR A CZ  
179 O OH  . TYR A 31  ? 0.4928 0.4005 0.4132 -0.2318 -0.1004 0.0618  28  TYR A OH  
180 N N   . GLY A 32  ? 0.1990 0.2362 0.2510 0.0271  0.0475  0.0040  29  GLY A N   
181 C CA  . GLY A 32  ? 0.1949 0.2437 0.2442 0.0509  0.0071  -0.0224 29  GLY A CA  
182 C C   . GLY A 32  ? 0.1765 0.2322 0.2665 0.0257  0.0043  0.0016  29  GLY A C   
183 O O   . GLY A 32  ? 0.2081 0.2375 0.2618 0.0150  0.0302  -0.0195 29  GLY A O   
184 N N   . GLU A 33  ? 0.1687 0.2022 0.2998 0.0214  -0.0076 0.0025  30  GLU A N   
185 C CA  . GLU A 33  ? 0.1633 0.2321 0.2960 0.0432  -0.0045 -0.0047 30  GLU A CA  
186 C C   . GLU A 33  ? 0.1602 0.2295 0.3160 0.0333  0.0021  -0.0108 30  GLU A C   
187 O O   . GLU A 33  ? 0.2022 0.2320 0.3759 0.0214  0.0494  -0.0115 30  GLU A O   
188 C CB  . GLU A 33  ? 0.2001 0.2595 0.3296 0.0765  -0.0408 -0.0488 30  GLU A CB  
189 C CG  . GLU A 33  ? 0.2763 0.2823 0.3223 0.0921  -0.0599 -0.0447 30  GLU A CG  
190 C CD  . GLU A 33  ? 0.3345 0.3517 0.2940 0.1180  -0.0430 -0.0622 30  GLU A CD  
191 O OE1 . GLU A 33  ? 0.4526 0.3639 0.3374 0.1346  -0.0705 -0.0904 30  GLU A OE1 
192 O OE2 . GLU A 33  ? 0.3298 0.3818 0.3158 0.1242  -0.0601 -0.0620 30  GLU A OE2 
193 N N   . LYS A 34  ? 0.1704 0.2272 0.2991 0.0350  -0.0044 -0.0113 31  LYS A N   
194 C CA  . LYS A 34  ? 0.1591 0.2388 0.2948 0.0639  -0.0361 -0.0167 31  LYS A CA  
195 C C   . LYS A 34  ? 0.1569 0.2079 0.2783 0.0283  -0.0318 0.0071  31  LYS A C   
196 O O   . LYS A 34  ? 0.1714 0.2711 0.2815 0.0121  -0.0240 0.0217  31  LYS A O   
197 C CB  . LYS A 34  ? 0.2216 0.2958 0.2943 0.0695  -0.0766 -0.0583 31  LYS A CB  
198 C CG  . LYS A 34  ? 0.2954 0.3878 0.3517 0.0839  -0.1410 -0.1037 31  LYS A CG  
199 C CD  . LYS A 34  ? 0.3631 0.4727 0.4805 -0.0055 -0.1957 -0.1213 31  LYS A CD  
200 C CE  . LYS A 34  ? 0.3968 0.5499 0.5326 -0.0172 -0.2412 -0.1103 31  LYS A CE  
201 N NZ  . LYS A 34  ? 0.3905 0.6149 0.6935 0.0263  -0.2153 0.0176  31  LYS A NZ  
202 N N   . PHE A 35  ? 0.1545 0.2033 0.2711 0.0497  -0.0109 0.0056  32  PHE A N   
203 C CA  . PHE A 35  ? 0.1522 0.1852 0.2509 0.0249  -0.0180 -0.0167 32  PHE A CA  
204 C C   . PHE A 35  ? 0.1397 0.2131 0.2294 0.0312  -0.0219 -0.0093 32  PHE A C   
205 O O   . PHE A 35  ? 0.2362 0.2985 0.2304 0.0997  -0.0197 0.0094  32  PHE A O   
206 C CB  . PHE A 35  ? 0.1694 0.1802 0.3623 0.0216  -0.0070 -0.0331 32  PHE A CB  
207 C CG  . PHE A 35  ? 0.1679 0.1893 0.3830 0.0085  -0.0188 -0.0718 32  PHE A CG  
208 C CD1 . PHE A 35  ? 0.2156 0.2109 0.4428 0.0468  -0.0119 -0.0876 32  PHE A CD1 
209 C CD2 . PHE A 35  ? 0.2023 0.2190 0.3768 -0.0070 -0.0193 -0.0810 32  PHE A CD2 
210 C CE1 . PHE A 35  ? 0.2650 0.2667 0.4747 0.0623  0.0281  -0.0990 32  PHE A CE1 
211 C CE2 . PHE A 35  ? 0.2570 0.2606 0.3903 -0.0229 0.0134  -0.0863 32  PHE A CE2 
212 C CZ  . PHE A 35  ? 0.2838 0.3174 0.4478 0.0311  0.0489  -0.1084 32  PHE A CZ  
213 N N   . PHE A 36  ? 0.1313 0.1971 0.2040 0.0292  -0.0404 -0.0405 33  PHE A N   
214 C CA  . PHE A 36  ? 0.1445 0.1869 0.1871 0.0240  -0.0368 -0.0276 33  PHE A CA  
215 C C   . PHE A 36  ? 0.1411 0.1896 0.1671 0.0264  -0.0320 -0.0326 33  PHE A C   
216 O O   . PHE A 36  ? 0.1559 0.2532 0.1704 0.0222  -0.0248 -0.0431 33  PHE A O   
217 C CB  . PHE A 36  ? 0.1548 0.1924 0.2096 0.0110  -0.0286 -0.0454 33  PHE A CB  
218 C CG  . PHE A 36  ? 0.1642 0.2149 0.2324 0.0039  -0.0297 -0.0719 33  PHE A CG  
219 C CD1 . PHE A 36  ? 0.1616 0.2483 0.2842 -0.0044 -0.0013 -0.0560 33  PHE A CD1 
220 C CD2 . PHE A 36  ? 0.1854 0.2524 0.2355 0.0120  -0.0610 -0.0576 33  PHE A CD2 
221 C CE1 . PHE A 36  ? 0.1651 0.3217 0.3672 -0.0045 -0.0131 -0.0702 33  PHE A CE1 
222 C CE2 . PHE A 36  ? 0.1988 0.3761 0.3099 -0.0112 -0.0822 -0.0866 33  PHE A CE2 
223 C CZ  . PHE A 36  ? 0.1719 0.3848 0.3787 -0.0121 -0.0659 -0.0738 33  PHE A CZ  
224 N N   . ASN A 37  ? 0.1445 0.1771 0.1667 0.0329  -0.0220 -0.0233 34  ASN A N   
225 C CA  . ASN A 37  ? 0.1439 0.1687 0.1694 0.0109  -0.0366 -0.0059 34  ASN A CA  
226 C C   . ASN A 37  ? 0.1364 0.1629 0.1400 0.0044  -0.0246 -0.0149 34  ASN A C   
227 O O   . ASN A 37  ? 0.1850 0.1928 0.1511 0.0142  -0.0385 -0.0276 34  ASN A O   
228 C CB  . ASN A 37  ? 0.1770 0.1742 0.2348 -0.0098 -0.0299 0.0217  34  ASN A CB  
229 C CG  . ASN A 37  ? 0.2452 0.1732 0.2107 -0.0133 -0.0651 0.0052  34  ASN A CG  
230 O OD1 . ASN A 37  ? 0.3701 0.2049 0.2011 -0.0249 -0.0969 0.0048  34  ASN A OD1 
231 N ND2 . ASN A 37  ? 0.4458 0.1914 0.2152 -0.0117 -0.0477 0.0224  34  ASN A ND2 
232 N N   . PHE A 38  ? 0.1408 0.1438 0.1240 0.0051  -0.0123 -0.0183 35  PHE A N   
233 C CA  . PHE A 38  ? 0.1404 0.1441 0.1173 0.0017  -0.0110 -0.0247 35  PHE A CA  
234 C C   . PHE A 38  ? 0.1339 0.1269 0.1094 -0.0006 -0.0022 -0.0095 35  PHE A C   
235 O O   . PHE A 38  ? 0.1347 0.1494 0.1406 0.0180  -0.0226 -0.0398 35  PHE A O   
236 C CB  . PHE A 38  ? 0.1467 0.1462 0.1432 -0.0041 -0.0164 -0.0309 35  PHE A CB  
237 C CG  . PHE A 38  ? 0.1381 0.1488 0.1485 -0.0233 -0.0081 -0.0176 35  PHE A CG  
238 C CD1 . PHE A 38  ? 0.1473 0.1860 0.1552 -0.0132 -0.0006 -0.0203 35  PHE A CD1 
239 C CD2 . PHE A 38  ? 0.1525 0.1367 0.1643 -0.0251 -0.0022 -0.0094 35  PHE A CD2 
240 C CE1 . PHE A 38  ? 0.1780 0.1874 0.1552 -0.0465 0.0101  -0.0196 35  PHE A CE1 
241 C CE2 . PHE A 38  ? 0.1819 0.1456 0.1635 -0.0533 -0.0149 0.0026  35  PHE A CE2 
242 C CZ  . PHE A 38  ? 0.2116 0.1813 0.1423 -0.0537 0.0091  -0.0117 35  PHE A CZ  
243 N N   . ILE A 39  ? 0.1306 0.1324 0.1118 -0.0060 -0.0026 -0.0183 36  ILE A N   
244 C CA  . ILE A 39  ? 0.1250 0.1180 0.1097 -0.0140 0.0079  -0.0092 36  ILE A CA  
245 C C   . ILE A 39  ? 0.1318 0.1134 0.1042 -0.0105 0.0064  -0.0219 36  ILE A C   
246 O O   . ILE A 39  ? 0.1526 0.1087 0.1238 -0.0134 -0.0050 -0.0107 36  ILE A O   
247 C CB  . ILE A 39  ? 0.1342 0.1354 0.1183 -0.0076 0.0225  -0.0145 36  ILE A CB  
248 C CG1 . ILE A 39  ? 0.1525 0.1641 0.1138 -0.0102 0.0209  0.0023  36  ILE A CG1 
249 C CG2 . ILE A 39  ? 0.1416 0.1674 0.1151 -0.0008 0.0052  -0.0239 36  ILE A CG2 
250 C CD1 . ILE A 39  ? 0.2195 0.1513 0.1384 -0.0314 0.0216  0.0096  36  ILE A CD1 
251 N N   . LEU A 40  ? 0.1342 0.1015 0.1076 -0.0216 0.0091  -0.0104 37  LEU A N   
252 C CA  . LEU A 40  ? 0.1350 0.0975 0.1128 -0.0156 0.0020  -0.0140 37  LEU A CA  
253 C C   . LEU A 40  ? 0.1369 0.1052 0.1148 -0.0126 0.0082  -0.0091 37  LEU A C   
254 O O   . LEU A 40  ? 0.1334 0.1097 0.1748 -0.0034 -0.0023 -0.0118 37  LEU A O   
255 C CB  . LEU A 40  ? 0.1562 0.1052 0.1112 -0.0178 0.0054  -0.0140 37  LEU A CB  
256 C CG  . LEU A 40  ? 0.1443 0.1212 0.1152 -0.0072 0.0044  0.0002  37  LEU A CG  
257 C CD1 . LEU A 40  ? 0.1561 0.1315 0.1464 -0.0252 0.0254  -0.0045 37  LEU A CD1 
258 C CD2 . LEU A 40  ? 0.1707 0.1425 0.1165 0.0066  0.0106  -0.0078 37  LEU A CD2 
259 N N   . GLU A 41  ? 0.1270 0.1130 0.1230 -0.0110 0.0088  -0.0141 38  GLU A N   
260 C CA  . GLU A 41  ? 0.1316 0.1263 0.1195 -0.0036 0.0139  -0.0176 38  GLU A CA  
261 C C   . GLU A 41  ? 0.1336 0.1047 0.1296 -0.0034 0.0065  -0.0080 38  GLU A C   
262 O O   . GLU A 41  ? 0.1645 0.1263 0.1401 -0.0262 -0.0054 0.0013  38  GLU A O   
263 C CB  . GLU A 41  ? 0.1803 0.1525 0.1406 0.0127  0.0050  -0.0312 38  GLU A CB  
264 C CG  . GLU A 41  ? 0.2249 0.1836 0.2128 0.0602  -0.0046 -0.0461 38  GLU A CG  
265 C CD  . GLU A 41  ? 0.3433 0.1849 0.2723 0.0603  0.0335  -0.0633 38  GLU A CD  
266 O OE1 . GLU A 41  ? 0.5678 0.1824 0.3100 -0.0300 0.1155  -0.0811 38  GLU A OE1 
267 O OE2 . GLU A 41  ? 0.4114 0.2473 0.3012 0.0251  0.0759  -0.1101 38  GLU A OE2 
268 N N   . VAL A 42  ? 0.1393 0.1194 0.1241 -0.0121 0.0015  -0.0111 39  VAL A N   
269 C CA  . VAL A 42  ? 0.1435 0.1275 0.1228 -0.0169 0.0117  -0.0068 39  VAL A CA  
270 C C   . VAL A 42  ? 0.1498 0.1440 0.1299 -0.0036 0.0041  0.0014  39  VAL A C   
271 O O   . VAL A 42  ? 0.1464 0.1439 0.1743 -0.0028 0.0095  0.0132  39  VAL A O   
272 C CB  . VAL A 42  ? 0.1423 0.1323 0.1465 -0.0278 0.0140  -0.0268 39  VAL A CB  
273 C CG1 . VAL A 42  ? 0.1535 0.2060 0.1401 -0.0431 0.0167  -0.0316 39  VAL A CG1 
274 C CG2 . VAL A 42  ? 0.1486 0.1447 0.1897 -0.0120 0.0144  -0.0445 39  VAL A CG2 
275 N N   . PRO A 43  ? 0.1880 0.1446 0.1601 0.0007  0.0074  0.0128  40  PRO A N   
276 C CA  . PRO A 43  ? 0.2104 0.1469 0.1728 0.0241  0.0126  0.0028  40  PRO A CA  
277 C C   . PRO A 43  ? 0.1929 0.2022 0.1902 0.0115  0.0002  0.0043  40  PRO A C   
278 O O   . PRO A 43  ? 0.1914 0.3330 0.1921 -0.0237 0.0070  -0.0464 40  PRO A O   
279 C CB  . PRO A 43  ? 0.2557 0.1502 0.2338 0.0188  -0.0118 0.0030  40  PRO A CB  
280 C CG  . PRO A 43  ? 0.2619 0.1479 0.2669 -0.0112 0.0068  0.0420  40  PRO A CG  
281 C CD  . PRO A 43  ? 0.2142 0.1436 0.1909 -0.0142 0.0020  0.0126  40  PRO A CD  
282 N N   . ARG A 44  ? 0.1918 0.2331 0.1871 0.0300  0.0094  0.0102  41  ARG A N   
283 C CA  . ARG A 44  ? 0.2097 0.2301 0.2305 0.0002  -0.0311 0.0384  41  ARG A CA  
284 C C   . ARG A 44  ? 0.2136 0.2438 0.3141 0.0112  -0.0481 0.0634  41  ARG A C   
285 O O   . ARG A 44  ? 0.3038 0.2418 0.3504 0.0603  -0.0278 0.0508  41  ARG A O   
286 C CB  . ARG A 44  ? 0.2131 0.2228 0.2354 0.0149  -0.0128 0.0298  41  ARG A CB  
287 C CG  . ARG A 44  ? 0.1916 0.2198 0.2490 0.0260  0.0189  0.0324  41  ARG A CG  
288 C CD  . ARG A 44  ? 0.1937 0.2158 0.2815 0.0164  0.0110  0.0125  41  ARG A CD  
289 N NE  . ARG A 44  ? 0.1737 0.1933 0.2636 -0.0073 0.0091  -0.0097 41  ARG A NE  
290 C CZ  . ARG A 44  ? 0.1543 0.1854 0.2460 -0.0005 0.0289  -0.0376 41  ARG A CZ  
291 N NH1 . ARG A 44  ? 0.1615 0.2328 0.2963 -0.0020 0.0094  -0.0340 41  ARG A NH1 
292 N NH2 . ARG A 44  ? 0.1841 0.1922 0.2475 -0.0083 0.0212  -0.0293 41  ARG A NH2 
293 N N   . LEU A 45  ? 0.3080 0.3379 0.3331 0.0280  -0.0978 0.0992  42  LEU A N   
294 C CA  . LEU A 45  ? 0.3772 0.3710 0.3902 0.0468  -0.0994 0.1329  42  LEU A CA  
295 C C   . LEU A 45  ? 0.3250 0.3592 0.4954 0.0554  -0.0801 0.1254  42  LEU A C   
296 O O   . LEU A 45  ? 0.4086 0.3585 0.5946 0.1017  -0.0283 0.1690  42  LEU A O   
297 C CB  . LEU A 45  ? 0.4615 0.5280 0.4220 0.0634  -0.1783 0.1492  42  LEU A CB  
298 C CG  . LEU A 45  ? 0.5142 0.5378 0.4653 0.0614  -0.1823 0.1737  42  LEU A CG  
299 C CD1 . LEU A 45  ? 0.6500 0.6493 0.4801 -0.0168 -0.1500 0.2161  42  LEU A CD1 
300 C CD2 . LEU A 45  ? 0.5256 0.6356 0.4911 0.1088  -0.2283 0.1446  42  LEU A CD2 
301 N N   . SER A 46  ? 0.2950 0.3679 0.5105 0.0299  -0.0730 0.0844  43  SER A N   
302 C CA  . SER A 46  ? 0.3082 0.3669 0.5311 0.0470  -0.0660 0.0870  43  SER A CA  
303 C C   . SER A 46  ? 0.3710 0.3164 0.5404 0.0697  -0.0761 0.0731  43  SER A C   
304 O O   . SER A 46  ? 0.4784 0.3409 0.6664 0.1216  -0.0656 -0.0068 43  SER A O   
305 C CB  . SER A 46  ? 0.2681 0.4233 0.5535 0.0351  -0.0719 0.1071  43  SER A CB  
306 O OG  . SER A 46  ? 0.2072 0.4201 0.4733 0.0257  -0.0067 0.1116  43  SER A OG  
307 N N   . GLU A 47  ? 0.3850 0.3340 0.4998 0.0795  -0.1244 0.1180  44  GLU A N   
308 C CA  . GLU A 47  ? 0.4567 0.2851 0.5228 0.0551  -0.1365 0.0725  44  GLU A CA  
309 C C   . GLU A 47  ? 0.4093 0.2807 0.4703 0.0643  -0.1362 0.0393  44  GLU A C   
310 O O   . GLU A 47  ? 0.5895 0.2483 0.5102 0.1143  -0.2382 -0.0283 44  GLU A O   
311 C CB  . GLU A 47  ? 0.6191 0.2867 0.6264 0.0948  -0.1201 0.0747  44  GLU A CB  
312 C CG  . GLU A 47  ? 0.6724 0.2889 0.7113 0.0611  -0.0888 0.1035  44  GLU A CG  
313 C CD  . GLU A 47  ? 0.6951 0.3318 0.7662 0.0460  -0.0497 0.1006  44  GLU A CD  
314 O OE1 . GLU A 47  ? 0.7380 0.4588 0.9463 0.1488  0.0052  0.1303  44  GLU A OE1 
315 O OE2 . GLU A 47  ? 0.7711 0.3688 0.8848 -0.0752 -0.0334 0.0853  44  GLU A OE2 
316 N N   . THR A 48  ? 0.2828 0.2970 0.4646 0.1212  -0.0180 0.0232  45  THR A N   
317 C CA  . THR A 48  ? 0.2007 0.2836 0.3734 0.0989  -0.0003 -0.0129 45  THR A CA  
318 C C   . THR A 48  ? 0.1902 0.2390 0.2761 0.0620  0.0166  0.0053  45  THR A C   
319 O O   . THR A 48  ? 0.1951 0.3480 0.2650 0.0370  0.0154  0.0722  45  THR A O   
320 C CB  . THR A 48  ? 0.1722 0.3493 0.4067 0.0803  -0.0235 0.0101  45  THR A CB  
321 O OG1 . THR A 48  ? 0.2093 0.4895 0.4862 0.0751  0.0558  0.0193  45  THR A OG1 
322 C CG2 . THR A 48  ? 0.2513 0.3360 0.3839 0.0034  -0.0774 0.0145  45  THR A CG2 
323 N N   . LYS A 49  ? 0.1689 0.1773 0.2274 0.0377  0.0228  -0.0234 46  LYS A N   
324 C CA  . LYS A 49  ? 0.1647 0.1488 0.2075 0.0164  0.0073  -0.0227 46  LYS A CA  
325 C C   . LYS A 49  ? 0.1648 0.1478 0.1960 0.0155  0.0280  -0.0079 46  LYS A C   
326 O O   . LYS A 49  ? 0.2035 0.1626 0.2391 0.0192  0.0757  -0.0120 46  LYS A O   
327 C CB  . LYS A 49  ? 0.2110 0.1887 0.2558 0.0018  -0.0301 -0.0491 46  LYS A CB  
328 C CG  . LYS A 49  ? 0.3369 0.1979 0.3031 -0.0243 -0.0790 -0.0480 46  LYS A CG  
329 C CD  . LYS A 49  ? 0.4203 0.1999 0.3673 -0.0059 -0.0418 -0.0033 46  LYS A CD  
330 C CE  . LYS A 49  ? 0.4684 0.1952 0.4377 -0.0106 -0.0256 -0.0031 46  LYS A CE  
331 N NZ  . LYS A 49  ? 0.4674 0.2256 0.5596 -0.0076 0.0826  -0.0593 46  LYS A NZ  
332 N N   . ASP A 50  ? 0.1488 0.1364 0.1537 0.0096  0.0047  -0.0066 47  ASP A N   
333 C CA  . ASP A 50  ? 0.1452 0.1233 0.1373 -0.0020 0.0004  0.0011  47  ASP A CA  
334 C C   . ASP A 50  ? 0.1319 0.1193 0.1333 -0.0013 0.0183  -0.0031 47  ASP A C   
335 O O   . ASP A 50  ? 0.1464 0.1452 0.1617 -0.0230 0.0049  0.0254  47  ASP A O   
336 C CB  . ASP A 50  ? 0.1498 0.1413 0.1417 0.0105  0.0089  -0.0040 47  ASP A CB  
337 C CG  . ASP A 50  ? 0.1530 0.1231 0.1834 -0.0023 -0.0092 -0.0083 47  ASP A CG  
338 O OD1 . ASP A 50  ? 0.1773 0.1353 0.1910 -0.0141 -0.0056 -0.0161 47  ASP A OD1 
339 O OD2 . ASP A 50  ? 0.1682 0.1665 0.1862 0.0043  -0.0096 0.0019  47  ASP A OD2 
340 N N   . TYR A 51  ? 0.1230 0.1161 0.1294 -0.0101 0.0093  -0.0019 48  TYR A N   
341 C CA  . TYR A 51  ? 0.1318 0.1188 0.1221 -0.0083 0.0035  -0.0136 48  TYR A CA  
342 C C   . TYR A 51  ? 0.1316 0.1161 0.1167 -0.0068 0.0050  -0.0011 48  TYR A C   
343 O O   . TYR A 51  ? 0.1494 0.1212 0.1417 -0.0142 0.0205  -0.0031 48  TYR A O   
344 C CB  . TYR A 51  ? 0.1443 0.1506 0.1231 -0.0008 0.0081  -0.0255 48  TYR A CB  
345 C CG  . TYR A 51  ? 0.1739 0.1548 0.1218 0.0112  0.0095  -0.0283 48  TYR A CG  
346 C CD1 . TYR A 51  ? 0.2161 0.1591 0.1685 -0.0064 0.0288  -0.0435 48  TYR A CD1 
347 C CD2 . TYR A 51  ? 0.1821 0.1919 0.2258 0.0265  0.0118  -0.0477 48  TYR A CD2 
348 C CE1 . TYR A 51  ? 0.2935 0.1549 0.1678 0.0004  0.0068  -0.0255 48  TYR A CE1 
349 C CE2 . TYR A 51  ? 0.2439 0.2089 0.2592 0.0658  -0.0040 -0.0799 48  TYR A CE2 
350 C CZ  . TYR A 51  ? 0.3059 0.1688 0.1923 0.0620  -0.0264 -0.0488 48  TYR A CZ  
351 O OH  . TYR A 51  ? 0.3887 0.1838 0.3435 0.0765  -0.0522 -0.0772 48  TYR A OH  
352 N N   . LEU A 52  ? 0.1259 0.1081 0.1380 -0.0116 0.0039  -0.0203 49  LEU A N   
353 C CA  . LEU A 52  ? 0.1265 0.1013 0.1265 -0.0115 0.0041  -0.0138 49  LEU A CA  
354 C C   . LEU A 52  ? 0.1283 0.0979 0.1256 -0.0113 0.0100  -0.0145 49  LEU A C   
355 O O   . LEU A 52  ? 0.1369 0.1074 0.1364 -0.0125 -0.0094 -0.0138 49  LEU A O   
356 C CB  . LEU A 52  ? 0.1501 0.1138 0.1276 -0.0189 0.0022  -0.0202 49  LEU A CB  
357 C CG  . LEU A 52  ? 0.1674 0.1294 0.1443 -0.0106 -0.0173 -0.0099 49  LEU A CG  
358 C CD1 . LEU A 52  ? 0.2089 0.1655 0.1398 -0.0069 -0.0124 -0.0098 49  LEU A CD1 
359 C CD2 . LEU A 52  ? 0.1492 0.1541 0.1707 -0.0136 -0.0132 -0.0158 49  LEU A CD2 
360 N N   . PRO A 53  ? 0.1301 0.1042 0.1301 -0.0065 0.0061  -0.0120 50  PRO A N   
361 C CA  . PRO A 53  ? 0.1326 0.1092 0.1355 -0.0020 0.0032  -0.0124 50  PRO A CA  
362 C C   . PRO A 53  ? 0.1267 0.1063 0.1304 -0.0015 -0.0037 -0.0156 50  PRO A C   
363 O O   . PRO A 53  ? 0.1363 0.1294 0.1468 -0.0092 -0.0028 -0.0355 50  PRO A O   
364 C CB  . PRO A 53  ? 0.1490 0.1171 0.1726 -0.0019 0.0075  0.0161  50  PRO A CB  
365 C CG  . PRO A 53  ? 0.1423 0.1226 0.1921 -0.0133 0.0080  0.0128  50  PRO A CG  
366 C CD  . PRO A 53  ? 0.1441 0.1041 0.1415 -0.0223 -0.0001 -0.0073 50  PRO A CD  
367 N N   . ILE A 54  ? 0.1280 0.1178 0.1174 -0.0007 -0.0041 -0.0160 51  ILE A N   
368 C CA  . ILE A 54  ? 0.1245 0.1167 0.1148 0.0030  -0.0038 -0.0203 51  ILE A CA  
369 C C   . ILE A 54  ? 0.1306 0.1099 0.1288 -0.0025 -0.0088 -0.0188 51  ILE A C   
370 O O   . ILE A 54  ? 0.1554 0.1485 0.1285 0.0134  -0.0191 -0.0281 51  ILE A O   
371 C CB  . ILE A 54  ? 0.1355 0.1121 0.1234 -0.0075 -0.0002 -0.0215 51  ILE A CB  
372 C CG1 . ILE A 54  ? 0.1580 0.1130 0.1251 -0.0053 -0.0075 -0.0036 51  ILE A CG1 
373 C CG2 . ILE A 54  ? 0.1608 0.1376 0.1550 -0.0082 0.0236  -0.0056 51  ILE A CG2 
374 C CD1 . ILE A 54  ? 0.1700 0.1243 0.1389 -0.0039 -0.0197 -0.0086 51  ILE A CD1 
375 N N   . THR A 55  ? 0.1090 0.1382 0.1304 0.0009  -0.0102 -0.0191 52  THR A N   
376 C CA  . THR A 55  ? 0.1199 0.1532 0.1474 0.0069  -0.0228 -0.0194 52  THR A CA  
377 C C   . THR A 55  ? 0.1233 0.1425 0.1449 0.0099  -0.0192 -0.0249 52  THR A C   
378 O O   . THR A 55  ? 0.1368 0.1946 0.1451 0.0045  -0.0147 -0.0283 52  THR A O   
379 C CB  . THR A 55  ? 0.1449 0.1486 0.1880 0.0135  -0.0313 -0.0139 52  THR A CB  
380 O OG1 . THR A 55  ? 0.1688 0.1660 0.2024 -0.0066 -0.0312 0.0061  52  THR A OG1 
381 C CG2 . THR A 55  ? 0.1672 0.1854 0.2942 0.0394  -0.0461 -0.0067 52  THR A CG2 
382 N N   . ILE A 56  ? 0.1198 0.1816 0.1494 0.0065  -0.0178 -0.0091 53  ILE A N   
383 C CA  . ILE A 56  ? 0.1382 0.1632 0.1721 0.0037  -0.0111 0.0047  53  ILE A CA  
384 C C   . ILE A 56  ? 0.1296 0.1668 0.1863 0.0085  -0.0061 -0.0061 53  ILE A C   
385 O O   . ILE A 56  ? 0.1387 0.2270 0.2009 0.0239  -0.0324 -0.0290 53  ILE A O   
386 C CB  . ILE A 56  ? 0.1765 0.1738 0.2301 0.0100  -0.0057 0.0202  53  ILE A CB  
387 C CG1 . ILE A 56  ? 0.1893 0.1681 0.2803 -0.0040 0.0223  0.0303  53  ILE A CG1 
388 C CG2 . ILE A 56  ? 0.2212 0.1639 0.2823 0.0071  -0.0012 -0.0273 53  ILE A CG2 
389 C CD1 . ILE A 56  ? 0.2406 0.2033 0.3130 0.0040  0.0323  0.0697  53  ILE A CD1 
390 N N   . SER A 57  ? 0.1461 0.1642 0.2134 0.0204  0.0044  0.0061  54  SER A N   
391 C CA  . SER A 57  ? 0.1508 0.1764 0.2752 0.0336  0.0049  0.0083  54  SER A CA  
392 C C   . SER A 57  ? 0.1459 0.2000 0.2623 0.0140  0.0209  0.0012  54  SER A C   
393 O O   . SER A 57  ? 0.1676 0.1888 0.2984 -0.0109 0.0177  0.0086  54  SER A O   
394 C CB  . SER A 57  ? 0.1646 0.2287 0.3373 0.0478  0.0155  -0.0492 54  SER A CB  
395 O OG  . SER A 57  ? 0.1782 0.2741 0.3620 0.0387  0.0128  -0.0436 54  SER A OG  
396 N N   . ASN A 58  ? 0.1761 0.3078 0.2390 -0.0222 0.0263  0.0090  55  ASN A N   
397 C CA  . ASN A 58  ? 0.2298 0.4609 0.3005 -0.1436 0.0443  -0.0584 55  ASN A CA  
398 C C   . ASN A 58  ? 0.1752 0.4906 0.3045 -0.1332 0.0236  -0.0377 55  ASN A C   
399 O O   . ASN A 58  ? 0.3186 0.5583 0.3252 -0.2407 0.0406  -0.0566 55  ASN A O   
400 C CB  . ASN A 58  ? 0.3385 0.6106 0.3062 -0.1683 0.0064  -0.0601 55  ASN A CB  
401 C CG  . ASN A 58  ? 0.3342 0.6791 0.3271 -0.1505 -0.0371 -0.0259 55  ASN A CG  
402 O OD1 . ASN A 58  ? 0.3654 0.7087 0.3649 -0.0900 0.0573  -0.0720 55  ASN A OD1 
403 N ND2 . ASN A 58  ? 0.4815 0.8000 0.5279 -0.2122 -0.2034 0.0169  55  ASN A ND2 
404 N N   . ARG A 59  ? 0.1396 0.4612 0.3028 -0.0327 0.0279  0.0040  56  ARG A N   
405 C CA  . ARG A 59  ? 0.1778 0.4913 0.3063 -0.0012 0.0366  0.0237  56  ARG A CA  
406 C C   . ARG A 59  ? 0.1839 0.4205 0.3371 -0.0454 0.0170  0.0208  56  ARG A C   
407 O O   . ARG A 59  ? 0.2049 0.4895 0.4414 -0.0443 0.0478  0.1007  56  ARG A O   
408 C CB  . ARG A 59  ? 0.3153 0.4945 0.3689 0.0728  0.0952  0.0104  56  ARG A CB  
409 C CG  . ARG A 59  ? 0.4067 0.4969 0.5191 0.0665  0.0846  0.0496  56  ARG A CG  
410 C CD  . ARG A 59  ? 0.3270 0.5107 0.6117 0.0865  0.0769  0.0490  56  ARG A CD  
411 N NE  . ARG A 59  ? 0.3332 0.6922 0.6560 0.0634  0.0285  0.0428  56  ARG A NE  
412 C CZ  . ARG A 59  ? 0.3368 0.7974 0.5983 0.0253  0.0254  0.0241  56  ARG A CZ  
413 N NH1 . ARG A 59  ? 0.3075 0.6529 0.5216 0.1281  -0.0106 0.2740  56  ARG A NH1 
414 N NH2 . ARG A 59  ? 0.3985 0.9836 0.5931 -0.0488 0.0229  -0.0389 56  ARG A NH2 
415 N N   . LEU A 60  ? 0.1826 0.3268 0.2511 -0.0462 0.0010  -0.0382 57  LEU A N   
416 C CA  . LEU A 60  ? 0.2118 0.3395 0.2997 -0.0462 0.0044  0.0078  57  LEU A CA  
417 C C   . LEU A 60  ? 0.2718 0.3391 0.4114 -0.0238 0.0166  0.0012  57  LEU A C   
418 O O   . LEU A 60  ? 0.3645 0.3553 0.5146 -0.0050 -0.0477 0.0284  57  LEU A O   
419 C CB  . LEU A 60  ? 0.2047 0.4091 0.3174 -0.0545 -0.0235 0.0535  57  LEU A CB  
420 C CG  . LEU A 60  ? 0.2469 0.4912 0.3314 -0.1312 0.0018  0.0075  57  LEU A CG  
421 C CD1 . LEU A 60  ? 0.2651 0.7038 0.3797 -0.2083 0.0243  -0.0370 57  LEU A CD1 
422 C CD2 . LEU A 60  ? 0.3500 0.4686 0.3688 -0.1082 0.0880  0.0175  57  LEU A CD2 
423 N N   . PHE A 61  ? 0.3718 0.3239 0.4596 -0.0031 -0.0233 -0.0532 58  PHE A N   
424 C CA  . PHE A 61  ? 0.3980 0.3075 0.6015 -0.0339 0.0040  -0.0671 58  PHE A CA  
425 C C   . PHE A 61  ? 0.3934 0.3200 0.7232 -0.0233 -0.0340 -0.0613 58  PHE A C   
426 O O   . PHE A 61  ? 0.3309 0.2852 0.8274 -0.0362 -0.0590 -0.0494 58  PHE A O   
427 C CB  . PHE A 61  ? 0.3973 0.3382 0.5974 -0.0071 -0.0107 -0.1230 58  PHE A CB  
428 C CG  . PHE A 61  ? 0.3667 0.4261 0.5893 -0.0525 0.0016  -0.1234 58  PHE A CG  
429 C CD1 . PHE A 61  ? 0.3031 0.4258 0.5463 -0.0303 0.0156  -0.1176 58  PHE A CD1 
430 C CD2 . PHE A 61  ? 0.3701 0.4798 0.6030 -0.0972 -0.0335 -0.1132 58  PHE A CD2 
431 C CE1 . PHE A 61  ? 0.2875 0.4817 0.5387 -0.0619 -0.0125 -0.1196 58  PHE A CE1 
432 C CE2 . PHE A 61  ? 0.3249 0.5192 0.5947 -0.1240 -0.0040 -0.1124 58  PHE A CE2 
433 C CZ  . PHE A 61  ? 0.3378 0.4979 0.5558 -0.1091 0.0106  -0.1360 58  PHE A CZ  
434 N N   . GLU A 62  ? 0.4044 0.3578 0.7915 -0.0063 -0.0227 -0.0703 59  GLU A N   
435 C CA  . GLU A 62  ? 0.4029 0.4428 0.9035 -0.0435 0.0093  -0.0142 59  GLU A CA  
436 C C   . GLU A 62  ? 0.3923 0.5011 0.8784 -0.0776 -0.0380 0.0335  59  GLU A C   
437 O O   . GLU A 62  ? 0.6250 0.7159 0.8203 -0.0636 -0.0213 0.0401  59  GLU A O   
438 C CB  . GLU A 62  ? 0.4178 0.5671 0.9717 0.0031  0.0309  -0.0266 59  GLU A CB  
439 C CG  . GLU A 62  ? 0.4403 0.6403 0.9817 0.0425  -0.0074 -0.0228 59  GLU A CG  
440 C CD  . GLU A 62  ? 0.6107 0.6880 0.9468 0.1185  0.0153  -0.0269 59  GLU A CD  
441 O OE1 . GLU A 62  ? 0.8165 0.6785 1.0380 0.1806  0.0250  -0.0143 59  GLU A OE1 
442 O OE2 . GLU A 62  ? 0.8455 0.8353 0.9808 0.1448  0.1129  -0.0234 59  GLU A OE2 
443 N N   . GLY A 63  ? 0.3718 0.4490 0.9176 -0.0690 -0.0035 0.0453  60  GLY A N   
444 C CA  . GLY A 63  ? 0.3745 0.4850 0.8833 -0.0451 0.0424  0.0775  60  GLY A CA  
445 C C   . GLY A 63  ? 0.4187 0.4568 0.8289 -0.0406 0.0437  0.0508  60  GLY A C   
446 O O   . GLY A 63  ? 0.4366 0.4484 0.8873 -0.0423 -0.0853 0.0520  60  GLY A O   
447 N N   . MET A 64  ? 0.3947 0.4361 0.7116 -0.0088 0.0529  0.0376  61  MET A N   
448 C CA  . MET A 64  ? 0.4315 0.4082 0.5795 0.0294  0.0158  0.0618  61  MET A CA  
449 C C   . MET A 64  ? 0.3490 0.3316 0.5999 -0.0233 0.0074  0.1288  61  MET A C   
450 O O   . MET A 64  ? 0.4258 0.4619 0.6615 0.0826  -0.1147 0.1717  61  MET A O   
451 C CB  . MET A 64  ? 0.4875 0.4357 0.6320 0.0328  -0.0494 0.0743  61  MET A CB  
452 C CG  . MET A 64  ? 0.5138 0.4615 0.6956 0.0037  -0.0684 0.0487  61  MET A CG  
453 S SD  . MET A 64  ? 1.1701 1.0321 0.8752 -0.1165 -0.5489 -0.2487 61  MET A SD  
454 C CE  . MET A 64  ? 0.1811 0.7270 0.6209 -0.0905 0.0262  -0.4074 61  MET A CE  
455 N N   . ASN A 65  ? 0.2944 0.3046 0.4908 -0.0743 -0.0035 0.1284  62  ASN A N   
456 C CA  . ASN A 65  ? 0.2993 0.4039 0.4865 -0.1260 -0.0026 0.1246  62  ASN A CA  
457 C C   . ASN A 65  ? 0.3035 0.3733 0.3825 -0.1167 -0.0205 0.1410  62  ASN A C   
458 O O   . ASN A 65  ? 0.3691 0.3654 0.3542 -0.0492 -0.0128 0.1124  62  ASN A O   
459 C CB  . ASN A 65  ? 0.3571 0.5211 0.4636 -0.1326 -0.0838 0.0455  62  ASN A CB  
460 C CG  . ASN A 65  ? 0.4680 0.6321 0.4650 -0.0922 -0.0576 -0.0070 62  ASN A CG  
461 O OD1 . ASN A 65  ? 0.4157 0.7455 0.5413 -0.0971 0.0297  0.0533  62  ASN A OD1 
462 N ND2 . ASN A 65  ? 0.7224 0.7879 0.4536 -0.0409 -0.0885 -0.0041 62  ASN A ND2 
463 N N   . LEU A 66  ? 0.2746 0.3261 0.3373 -0.0879 -0.0073 0.0906  63  LEU A N   
464 C CA  . LEU A 66  ? 0.2623 0.2509 0.2429 -0.0660 -0.0063 0.0501  63  LEU A CA  
465 C C   . LEU A 66  ? 0.2927 0.2233 0.2010 -0.0805 -0.0375 0.0616  63  LEU A C   
466 O O   . LEU A 66  ? 0.3021 0.2649 0.2082 -0.0928 -0.0168 0.0373  63  LEU A O   
467 C CB  . LEU A 66  ? 0.2767 0.2579 0.2224 -0.0397 -0.0217 0.0409  63  LEU A CB  
468 C CG  . LEU A 66  ? 0.2797 0.2598 0.2448 0.0063  0.0083  0.0551  63  LEU A CG  
469 C CD1 . LEU A 66  ? 0.4149 0.2671 0.2389 -0.0112 0.0351  0.0394  63  LEU A CD1 
470 C CD2 . LEU A 66  ? 0.3844 0.2987 0.2075 0.0598  -0.0135 0.0193  63  LEU A CD2 
471 N N   . GLU A 67  ? 0.2671 0.2295 0.2581 -0.0549 0.0050  0.0508  64  GLU A N   
472 C CA  . GLU A 67  ? 0.2631 0.2415 0.2643 -0.0659 0.0048  0.0356  64  GLU A CA  
473 C C   . GLU A 67  ? 0.2734 0.2245 0.1472 -0.0658 -0.0057 0.0008  64  GLU A C   
474 O O   . GLU A 67  ? 0.2824 0.2176 0.1426 -0.0626 0.0085  -0.0083 64  GLU A O   
475 C CB  . GLU A 67  ? 0.3162 0.3358 0.3917 -0.1265 -0.0231 -0.0562 64  GLU A CB  
476 C CG  . GLU A 67  ? 0.4534 0.5335 0.4943 -0.1396 -0.1415 -0.0607 64  GLU A CG  
477 C CD  . GLU A 67  ? 0.5322 0.5376 0.5291 -0.1057 -0.2102 -0.0813 64  GLU A CD  
478 O OE1 . GLU A 67  ? 0.5764 0.6449 0.6660 -0.1523 -0.2805 -0.0945 64  GLU A OE1 
479 O OE2 . GLU A 67  ? 0.6154 0.5651 0.7427 -0.0425 -0.2271 -0.0858 64  GLU A OE2 
480 N N   . VAL A 68  ? 0.2674 0.2223 0.1371 -0.0859 -0.0149 -0.0046 65  VAL A N   
481 C CA  . VAL A 68  ? 0.2757 0.1852 0.1297 -0.0856 -0.0028 -0.0224 65  VAL A CA  
482 C C   . VAL A 68  ? 0.2750 0.1608 0.1370 -0.0746 0.0290  -0.0386 65  VAL A C   
483 O O   . VAL A 68  ? 0.3561 0.1886 0.1679 -0.1082 -0.0007 -0.0309 65  VAL A O   
484 C CB  . VAL A 68  ? 0.3001 0.1932 0.1450 -0.0748 0.0228  -0.0236 65  VAL A CB  
485 C CG1 . VAL A 68  ? 0.2924 0.2525 0.1856 -0.0721 0.0218  -0.0278 65  VAL A CG1 
486 C CG2 . VAL A 68  ? 0.3957 0.2210 0.1703 -0.0652 0.0324  0.0142  65  VAL A CG2 
487 N N   . GLY A 69  ? 0.2649 0.1521 0.1392 -0.0597 0.0290  -0.0316 66  GLY A N   
488 C CA  . GLY A 69  ? 0.2479 0.1470 0.1722 -0.0497 0.0334  -0.0336 66  GLY A CA  
489 C C   . GLY A 69  ? 0.2413 0.1497 0.1459 -0.0537 0.0089  -0.0167 66  GLY A C   
490 O O   . GLY A 69  ? 0.2806 0.1839 0.1755 -0.0178 0.0081  -0.0052 66  GLY A O   
491 N N   . THR A 70  ? 0.2307 0.1509 0.1327 -0.0557 0.0092  -0.0134 67  THR A N   
492 C CA  . THR A 70  ? 0.2200 0.1440 0.1321 -0.0626 -0.0007 -0.0164 67  THR A CA  
493 C C   . THR A 70  ? 0.1995 0.1263 0.1204 -0.0409 0.0118  -0.0071 67  THR A C   
494 O O   . THR A 70  ? 0.1789 0.1432 0.1393 -0.0550 0.0015  0.0099  67  THR A O   
495 C CB  . THR A 70  ? 0.2042 0.1684 0.1312 -0.0641 -0.0015 -0.0081 67  THR A CB  
496 O OG1 . THR A 70  ? 0.2187 0.2255 0.1574 -0.0709 -0.0184 -0.0021 67  THR A OG1 
497 C CG2 . THR A 70  ? 0.2008 0.2118 0.1549 -0.0497 0.0095  -0.0057 67  THR A CG2 
498 N N   . ARG A 71  ? 0.2020 0.1277 0.1311 -0.0564 0.0070  -0.0076 68  ARG A N   
499 C CA  . ARG A 71  ? 0.1966 0.1152 0.1134 -0.0321 0.0082  -0.0047 68  ARG A CA  
500 C C   . ARG A 71  ? 0.1621 0.1075 0.1296 -0.0390 0.0076  0.0027  68  ARG A C   
501 O O   . ARG A 71  ? 0.1644 0.1169 0.1279 -0.0395 0.0012  0.0044  68  ARG A O   
502 C CB  . ARG A 71  ? 0.1949 0.1287 0.1463 -0.0111 0.0250  0.0028  68  ARG A CB  
503 C CG  . ARG A 71  ? 0.1779 0.1458 0.1629 -0.0011 0.0205  0.0158  68  ARG A CG  
504 C CD  . ARG A 71  ? 0.2135 0.1996 0.1852 0.0249  0.0088  0.0463  68  ARG A CD  
505 N NE  . ARG A 71  ? 0.2027 0.1901 0.2097 0.0152  0.0107  0.0456  68  ARG A NE  
506 C CZ  . ARG A 71  ? 0.2118 0.2042 0.1986 0.0139  -0.0102 0.0469  68  ARG A CZ  
507 N NH1 . ARG A 71  ? 0.2217 0.2696 0.2053 -0.0008 0.0184  0.0634  68  ARG A NH1 
508 N NH2 . ARG A 71  ? 0.2392 0.2447 0.2441 -0.0175 -0.0321 0.0619  68  ARG A NH2 
509 N N   . VAL A 72  ? 0.1560 0.1160 0.1253 -0.0344 0.0115  -0.0088 69  VAL A N   
510 C CA  . VAL A 72  ? 0.1436 0.1092 0.1261 -0.0261 0.0072  0.0001  69  VAL A CA  
511 C C   . VAL A 72  ? 0.1418 0.1060 0.1346 -0.0297 0.0069  -0.0041 69  VAL A C   
512 O O   . VAL A 72  ? 0.1408 0.1526 0.1445 -0.0291 0.0121  -0.0285 69  VAL A O   
513 C CB  . VAL A 72  ? 0.1576 0.1359 0.1474 -0.0205 -0.0046 0.0146  69  VAL A CB  
514 C CG1 . VAL A 72  ? 0.1988 0.1662 0.1725 -0.0316 -0.0434 0.0302  69  VAL A CG1 
515 C CG2 . VAL A 72  ? 0.1817 0.1402 0.1737 -0.0201 0.0034  0.0428  69  VAL A CG2 
516 N N   . LYS A 73  ? 0.1365 0.1147 0.1283 -0.0250 0.0055  -0.0050 70  LYS A N   
517 C CA  . LYS A 73  ? 0.1315 0.1085 0.1308 -0.0148 -0.0009 -0.0024 70  LYS A CA  
518 C C   . LYS A 73  ? 0.1315 0.1103 0.1409 -0.0149 0.0015  -0.0014 70  LYS A C   
519 O O   . LYS A 73  ? 0.1332 0.1234 0.1846 -0.0156 -0.0039 0.0001  70  LYS A O   
520 C CB  . LYS A 73  ? 0.1726 0.1174 0.1270 -0.0213 0.0016  -0.0012 70  LYS A CB  
521 C CG  . LYS A 73  ? 0.1928 0.1236 0.1356 -0.0027 -0.0070 -0.0066 70  LYS A CG  
522 C CD  . LYS A 73  ? 0.3027 0.1559 0.1413 -0.0294 -0.0349 0.0182  70  LYS A CD  
523 C CE  . LYS A 73  ? 0.2852 0.1566 0.1402 -0.0263 -0.0178 0.0013  70  LYS A CE  
524 N NZ  . LYS A 73  ? 0.4377 0.1672 0.1376 0.0001  -0.0153 -0.0040 70  LYS A NZ  
525 N N   . ILE A 74  ? 0.1267 0.1030 0.1476 -0.0113 -0.0093 -0.0032 71  ILE A N   
526 C CA  . ILE A 74  ? 0.1368 0.1041 0.1518 -0.0118 -0.0033 -0.0025 71  ILE A CA  
527 C C   . ILE A 74  ? 0.1346 0.1013 0.1622 -0.0122 0.0008  -0.0032 71  ILE A C   
528 O O   . ILE A 74  ? 0.1338 0.1192 0.2085 -0.0106 -0.0067 -0.0345 71  ILE A O   
529 C CB  . ILE A 74  ? 0.1717 0.1238 0.1534 -0.0016 0.0014  0.0096  71  ILE A CB  
530 C CG1 . ILE A 74  ? 0.2586 0.1665 0.1534 -0.0272 -0.0260 0.0147  71  ILE A CG1 
531 C CG2 . ILE A 74  ? 0.2447 0.1411 0.1720 0.0217  0.0289  0.0241  71  ILE A CG2 
532 C CD1 . ILE A 74  ? 0.2959 0.1821 0.1671 -0.0120 0.0086  0.0123  71  ILE A CD1 
533 N N   . GLU A 75  ? 0.1229 0.1058 0.1833 -0.0132 -0.0025 -0.0145 72  GLU A N   
534 C CA  . GLU A 75  ? 0.1352 0.1186 0.1666 -0.0132 -0.0194 -0.0124 72  GLU A CA  
535 C C   . GLU A 75  ? 0.1296 0.1109 0.1597 -0.0056 -0.0003 -0.0141 72  GLU A C   
536 O O   . GLU A 75  ? 0.1265 0.1111 0.1914 -0.0103 -0.0043 0.0009  72  GLU A O   
537 C CB  . GLU A 75  ? 0.2322 0.1430 0.1634 0.0074  0.0025  0.0042  72  GLU A CB  
538 C CG  . GLU A 75  ? 0.2892 0.1884 0.1955 -0.0151 -0.0140 -0.0308 72  GLU A CG  
539 C CD  . GLU A 75  ? 0.2389 0.1897 0.2595 -0.0144 -0.0072 -0.0482 72  GLU A CD  
540 O OE1 . GLU A 75  ? 0.2839 0.1998 0.3584 -0.0477 -0.0224 -0.0456 72  GLU A OE1 
541 O OE2 . GLU A 75  ? 0.2401 0.2247 0.2594 -0.0031 0.0073  -0.0254 72  GLU A OE2 
542 N N   . GLY A 76  ? 0.1271 0.1167 0.1771 -0.0065 -0.0110 -0.0139 73  GLY A N   
543 C CA  . GLY A 76  ? 0.1387 0.1125 0.1919 -0.0190 -0.0085 -0.0018 73  GLY A CA  
544 C C   . GLY A 76  ? 0.1300 0.1170 0.1672 -0.0002 -0.0056 -0.0167 73  GLY A C   
545 O O   . GLY A 76  ? 0.1923 0.1043 0.3028 0.0006  -0.1096 -0.0048 73  GLY A O   
546 N N   . GLN A 77  ? 0.1571 0.1277 0.1445 -0.0366 0.0074  -0.0019 74  GLN A N   
547 C CA  . GLN A 77  ? 0.1655 0.1348 0.1422 -0.0397 0.0160  -0.0157 74  GLN A CA  
548 C C   . GLN A 77  ? 0.1513 0.1208 0.1225 -0.0344 0.0051  -0.0309 74  GLN A C   
549 O O   . GLN A 77  ? 0.1483 0.1824 0.1353 -0.0444 0.0012  -0.0295 74  GLN A O   
550 C CB  . GLN A 77  ? 0.2004 0.1501 0.1697 -0.0166 0.0379  -0.0455 74  GLN A CB  
551 C CG  . GLN A 77  ? 0.2019 0.1528 0.2020 -0.0073 -0.0038 -0.0294 74  GLN A CG  
552 C CD  . GLN A 77  ? 0.2508 0.1798 0.2139 0.0342  -0.0294 -0.0249 74  GLN A CD  
553 O OE1 . GLN A 77  ? 0.2983 0.5142 0.1927 0.1721  -0.0379 -0.0631 74  GLN A OE1 
554 N NE2 . GLN A 77  ? 0.2540 0.2024 0.2557 0.0473  -0.0194 -0.0570 74  GLN A NE2 
555 N N   . LEU A 78  ? 0.1480 0.1074 0.1179 -0.0220 -0.0074 -0.0079 75  LEU A N   
556 C CA  . LEU A 78  ? 0.1426 0.1050 0.1108 -0.0124 -0.0070 -0.0128 75  LEU A CA  
557 C C   . LEU A 78  ? 0.1370 0.1100 0.1104 -0.0077 0.0013  -0.0086 75  LEU A C   
558 O O   . LEU A 78  ? 0.1802 0.1078 0.1195 -0.0149 -0.0149 -0.0135 75  LEU A O   
559 C CB  . LEU A 78  ? 0.1475 0.1207 0.1440 -0.0142 -0.0177 0.0001  75  LEU A CB  
560 C CG  . LEU A 78  ? 0.1384 0.1132 0.1901 -0.0120 -0.0025 -0.0080 75  LEU A CG  
561 C CD1 . LEU A 78  ? 0.1512 0.1707 0.1912 -0.0008 -0.0028 -0.0498 75  LEU A CD1 
562 C CD2 . LEU A 78  ? 0.1485 0.1362 0.2311 -0.0052 -0.0279 -0.0245 75  LEU A CD2 
563 N N   . ARG A 79  ? 0.1538 0.1047 0.1150 -0.0063 -0.0147 -0.0129 76  ARG A N   
564 C CA  . ARG A 79  ? 0.1581 0.1119 0.1212 -0.0027 -0.0120 -0.0041 76  ARG A CA  
565 C C   . ARG A 79  ? 0.1601 0.1106 0.1244 -0.0069 -0.0144 0.0010  76  ARG A C   
566 O O   . ARG A 79  ? 0.2066 0.1194 0.1338 -0.0100 0.0124  -0.0123 76  ARG A O   
567 C CB  . ARG A 79  ? 0.1579 0.1266 0.1377 0.0079  -0.0128 0.0056  76  ARG A CB  
568 C CG  . ARG A 79  ? 0.1638 0.1468 0.1507 0.0030  -0.0011 -0.0008 76  ARG A CG  
569 C CD  . ARG A 79  ? 0.1618 0.1684 0.1907 0.0082  0.0055  -0.0132 76  ARG A CD  
570 N NE  . ARG A 79  ? 0.1665 0.2127 0.1961 0.0320  0.0127  0.0021  76  ARG A NE  
571 C CZ  . ARG A 79  ? 0.1722 0.2331 0.2052 0.0453  0.0070  0.0088  76  ARG A CZ  
572 N NH1 . ARG A 79  ? 0.1813 0.2316 0.2216 0.0345  -0.0226 0.0004  76  ARG A NH1 
573 N NH2 . ARG A 79  ? 0.2012 0.3065 0.2720 0.0489  0.0608  0.0670  76  ARG A NH2 
574 N N   . SER A 80  ? 0.1626 0.1100 0.1227 -0.0087 -0.0102 -0.0008 77  SER A N   
575 C CA  . SER A 80  ? 0.1759 0.1148 0.1281 -0.0134 -0.0168 0.0012  77  SER A CA  
576 C C   . SER A 80  ? 0.1901 0.1185 0.1353 -0.0077 -0.0220 -0.0029 77  SER A C   
577 O O   . SER A 80  ? 0.2167 0.1462 0.1514 0.0267  -0.0264 -0.0178 77  SER A O   
578 C CB  . SER A 80  ? 0.1824 0.1236 0.1488 -0.0153 -0.0028 -0.0054 77  SER A CB  
579 O OG  . SER A 80  ? 0.1866 0.1226 0.1516 -0.0191 -0.0187 -0.0068 77  SER A OG  
580 N N   . TYR A 81  ? 0.2004 0.1316 0.1362 -0.0005 -0.0276 0.0043  78  TYR A N   
581 C CA  . TYR A 81  ? 0.2276 0.1475 0.1494 0.0153  -0.0352 0.0084  78  TYR A CA  
582 C C   . TYR A 81  ? 0.2721 0.1467 0.1500 0.0016  -0.0317 0.0157  78  TYR A C   
583 O O   . TYR A 81  ? 0.2645 0.1736 0.1469 -0.0043 -0.0157 0.0127  78  TYR A O   
584 C CB  . TYR A 81  ? 0.2205 0.1934 0.1736 0.0125  -0.0377 0.0066  78  TYR A CB  
585 C CG  . TYR A 81  ? 0.2124 0.1921 0.1821 -0.0086 -0.0297 0.0019  78  TYR A CG  
586 C CD1 . TYR A 81  ? 0.2107 0.1870 0.1892 -0.0039 -0.0434 0.0044  78  TYR A CD1 
587 C CD2 . TYR A 81  ? 0.2650 0.2064 0.2038 0.0162  -0.0711 -0.0099 78  TYR A CD2 
588 C CE1 . TYR A 81  ? 0.2358 0.1958 0.2326 -0.0158 -0.0555 -0.0106 78  TYR A CE1 
589 C CE2 . TYR A 81  ? 0.2748 0.2142 0.2060 0.0031  -0.0499 -0.0185 78  TYR A CE2 
590 C CZ  . TYR A 81  ? 0.2745 0.1984 0.1974 -0.0141 -0.0439 -0.0189 78  TYR A CZ  
591 O OH  . TYR A 81  ? 0.4188 0.2060 0.2736 -0.0446 -0.0897 -0.0390 78  TYR A OH  
592 N N   . ASN A 82  ? 0.3415 0.1623 0.1954 0.0138  -0.0561 0.0325  79  ASN A N   
593 C CA  . ASN A 82  ? 0.4069 0.2013 0.2096 0.0131  -0.0781 0.0649  79  ASN A CA  
594 C C   . ASN A 82  ? 0.3737 0.2752 0.2198 0.0402  -0.0880 0.0274  79  ASN A C   
595 O O   . ASN A 82  ? 0.4101 0.3894 0.2748 0.1022  -0.1000 0.0065  79  ASN A O   
596 C CB  . ASN A 82  ? 0.4429 0.2079 0.3018 -0.0068 -0.0320 0.0913  79  ASN A CB  
597 C CG  . ASN A 82  ? 0.4615 0.2103 0.3089 -0.0445 -0.0015 0.0629  79  ASN A CG  
598 O OD1 . ASN A 82  ? 0.4525 0.4819 0.3675 -0.0780 0.0044  -0.0317 79  ASN A OD1 
599 N ND2 . ASN A 82  ? 0.5022 0.3358 0.3948 -0.0015 -0.0152 -0.0594 79  ASN A ND2 
600 N N   . ARG A 83  ? 0.3408 0.2251 0.2732 -0.0085 -0.0831 0.0360  80  ARG A N   
601 C CA  . ARG A 83  ? 0.4120 0.2864 0.2587 -0.0290 -0.0945 0.0199  80  ARG A CA  
602 C C   . ARG A 83  ? 0.5379 0.3659 0.2473 -0.0079 -0.0844 0.0373  80  ARG A C   
603 O O   . ARG A 83  ? 0.5847 0.5377 0.2608 -0.0884 -0.1315 0.1301  80  ARG A O   
604 C CB  . ARG A 83  ? 0.3987 0.3223 0.2592 -0.0204 -0.1146 -0.0338 80  ARG A CB  
605 C CG  . ARG A 83  ? 0.3757 0.3801 0.2669 -0.0619 -0.0716 -0.0576 80  ARG A CG  
606 C CD  . ARG A 83  ? 0.3824 0.3969 0.2691 -0.0785 -0.0637 -0.1005 80  ARG A CD  
607 N NE  . ARG A 83  ? 0.4490 0.4035 0.3139 -0.0661 -0.0094 -0.0762 80  ARG A NE  
608 C CZ  . ARG A 83  ? 0.4365 0.4099 0.3380 -0.0686 0.0252  -0.0429 80  ARG A CZ  
609 N NH1 . ARG A 83  ? 0.5610 0.4292 0.2632 -0.0693 0.0708  -0.0662 80  ARG A NH1 
610 N NH2 . ARG A 83  ? 0.5062 0.4210 0.3193 -0.0325 0.0750  -0.0338 80  ARG A NH2 
611 N N   . LYS A 92  ? 0.5422 0.2824 0.1814 -0.0622 -0.0811 0.0567  89  LYS A N   
612 C CA  . LYS A 92  ? 0.4439 0.2832 0.1528 -0.0981 -0.0054 0.0210  89  LYS A CA  
613 C C   . LYS A 92  ? 0.3587 0.2111 0.1554 -0.0943 -0.0359 0.0291  89  LYS A C   
614 O O   . LYS A 92  ? 0.3100 0.2082 0.1637 -0.0615 -0.0466 0.0211  89  LYS A O   
615 C CB  . LYS A 92  ? 0.4938 0.3427 0.2030 -0.0709 0.0376  0.0003  89  LYS A CB  
616 C CG  . LYS A 92  ? 0.5358 0.3299 0.2368 -0.0640 0.0500  -0.0617 89  LYS A CG  
617 C CD  . LYS A 92  ? 0.6179 0.3915 0.3310 -0.0147 0.0732  -0.0961 89  LYS A CD  
618 C CE  . LYS A 92  ? 0.6475 0.4883 0.3377 0.0138  0.1145  -0.1202 89  LYS A CE  
619 N NZ  . LYS A 92  ? 0.6337 0.6685 0.5136 0.0179  0.1885  -0.1597 89  LYS A NZ  
620 N N   . LEU A 93  ? 0.3115 0.1821 0.1610 -0.0734 -0.0150 0.0150  90  LEU A N   
621 C CA  . LEU A 93  ? 0.2831 0.1584 0.1555 -0.0644 -0.0261 0.0184  90  LEU A CA  
622 C C   . LEU A 93  ? 0.2681 0.1526 0.1635 -0.0584 0.0116  0.0049  90  LEU A C   
623 O O   . LEU A 93  ? 0.2927 0.1916 0.2036 -0.0584 0.0515  -0.0080 90  LEU A O   
624 C CB  . LEU A 93  ? 0.3123 0.1717 0.1805 -0.0901 -0.0321 0.0089  90  LEU A CB  
625 C CG  . LEU A 93  ? 0.3338 0.2114 0.1746 -0.0912 -0.0343 0.0032  90  LEU A CG  
626 C CD1 . LEU A 93  ? 0.5170 0.2230 0.3463 -0.0289 0.0865  -0.0384 90  LEU A CD1 
627 C CD2 . LEU A 93  ? 0.4425 0.4059 0.2097 -0.2667 -0.0794 0.0714  90  LEU A CD2 
628 N N   . ILE A 94  ? 0.2533 0.1310 0.1407 -0.0310 0.0055  0.0085  91  ILE A N   
629 C CA  . ILE A 94  ? 0.2190 0.1330 0.1335 -0.0300 -0.0122 0.0078  91  ILE A CA  
630 C C   . ILE A 94  ? 0.1999 0.1279 0.1325 -0.0112 0.0032  0.0047  91  ILE A C   
631 O O   . ILE A 94  ? 0.2610 0.1347 0.1442 0.0115  0.0098  0.0049  91  ILE A O   
632 C CB  . ILE A 94  ? 0.2486 0.1477 0.1682 -0.0379 -0.0354 0.0000  91  ILE A CB  
633 C CG1 . ILE A 94  ? 0.3249 0.1801 0.1652 -0.0072 -0.0685 -0.0070 91  ILE A CG1 
634 C CG2 . ILE A 94  ? 0.2919 0.1538 0.2223 -0.0568 -0.0552 0.0059  91  ILE A CG2 
635 C CD1 . ILE A 94  ? 0.3445 0.2654 0.1944 -0.0480 0.0106  -0.0277 91  ILE A CD1 
636 N N   . LEU A 95  ? 0.1779 0.1305 0.1267 -0.0212 0.0011  0.0009  92  LEU A N   
637 C CA  . LEU A 95  ? 0.1653 0.1309 0.1181 -0.0127 -0.0012 -0.0035 92  LEU A CA  
638 C C   . LEU A 95  ? 0.1761 0.1113 0.1274 -0.0117 0.0059  -0.0106 92  LEU A C   
639 O O   . LEU A 95  ? 0.2112 0.1299 0.1288 -0.0174 0.0149  -0.0195 92  LEU A O   
640 C CB  . LEU A 95  ? 0.1762 0.1389 0.1326 -0.0073 -0.0053 -0.0106 92  LEU A CB  
641 C CG  . LEU A 95  ? 0.1720 0.1542 0.1718 -0.0177 -0.0161 -0.0068 92  LEU A CG  
642 C CD1 . LEU A 95  ? 0.1763 0.1740 0.2220 -0.0069 -0.0205 -0.0324 92  LEU A CD1 
643 C CD2 . LEU A 95  ? 0.2023 0.1958 0.2578 -0.0109 -0.0176 -0.0926 92  LEU A CD2 
644 N N   . THR A 96  ? 0.1698 0.1103 0.1261 -0.0161 -0.0016 -0.0156 93  THR A N   
645 C CA  . THR A 96  ? 0.1533 0.1146 0.1284 -0.0119 0.0012  -0.0039 93  THR A CA  
646 C C   . THR A 96  ? 0.1414 0.1046 0.1157 -0.0036 -0.0036 -0.0160 93  THR A C   
647 O O   . THR A 96  ? 0.1921 0.1069 0.1298 -0.0070 -0.0027 -0.0136 93  THR A O   
648 C CB  . THR A 96  ? 0.1629 0.1343 0.1420 -0.0109 -0.0145 -0.0040 93  THR A CB  
649 O OG1 . THR A 96  ? 0.1794 0.1401 0.1832 -0.0056 -0.0280 -0.0178 93  THR A OG1 
650 C CG2 . THR A 96  ? 0.1818 0.1446 0.1837 0.0169  -0.0420 -0.0195 93  THR A CG2 
651 N N   . VAL A 97  ? 0.1400 0.1062 0.1117 -0.0028 -0.0062 -0.0146 94  VAL A N   
652 C CA  . VAL A 97  ? 0.1328 0.1147 0.1170 -0.0178 -0.0027 -0.0156 94  VAL A CA  
653 C C   . VAL A 97  ? 0.1326 0.1286 0.1199 -0.0022 -0.0085 -0.0173 94  VAL A C   
654 O O   . VAL A 97  ? 0.1377 0.1350 0.1474 -0.0059 -0.0191 -0.0316 94  VAL A O   
655 C CB  . VAL A 97  ? 0.1407 0.1183 0.1346 -0.0104 -0.0148 -0.0098 94  VAL A CB  
656 C CG1 . VAL A 97  ? 0.1571 0.1461 0.1451 -0.0222 0.0030  0.0038  94  VAL A CG1 
657 C CG2 . VAL A 97  ? 0.1406 0.1319 0.1684 -0.0101 -0.0037 -0.0080 94  VAL A CG2 
658 N N   . PHE A 98  ? 0.1334 0.1226 0.1357 -0.0047 -0.0112 -0.0175 95  PHE A N   
659 C CA  . PHE A 98  ? 0.1316 0.1234 0.1408 -0.0040 -0.0003 -0.0122 95  PHE A CA  
660 C C   . PHE A 98  ? 0.1408 0.1271 0.1451 -0.0023 -0.0044 -0.0055 95  PHE A C   
661 O O   . PHE A 98  ? 0.1595 0.1531 0.1416 -0.0239 0.0021  -0.0110 95  PHE A O   
662 C CB  . PHE A 98  ? 0.1616 0.1263 0.1706 0.0056  -0.0015 -0.0083 95  PHE A CB  
663 C CG  . PHE A 98  ? 0.1751 0.1451 0.2160 0.0258  -0.0053 -0.0034 95  PHE A CG  
664 C CD1 . PHE A 98  ? 0.1999 0.1787 0.2384 0.0356  -0.0460 0.0034  95  PHE A CD1 
665 C CD2 . PHE A 98  ? 0.1930 0.2490 0.2726 0.0613  0.0263  -0.0081 95  PHE A CD2 
666 C CE1 . PHE A 98  ? 0.2208 0.2384 0.2874 0.0721  -0.0343 0.0215  95  PHE A CE1 
667 C CE2 . PHE A 98  ? 0.2034 0.2932 0.3104 0.0763  0.0256  0.0031  95  PHE A CE2 
668 C CZ  . PHE A 98  ? 0.2295 0.2691 0.3374 0.0822  -0.0057 0.0272  95  PHE A CZ  
669 N N   . ALA A 99  ? 0.1212 0.1272 0.1664 -0.0064 -0.0079 -0.0033 96  ALA A N   
670 C CA  . ALA A 99  ? 0.1310 0.1335 0.1600 -0.0029 -0.0082 -0.0033 96  ALA A CA  
671 C C   . ALA A 99  ? 0.1147 0.1441 0.1737 -0.0038 -0.0106 0.0007  96  ALA A C   
672 O O   . ALA A 99  ? 0.1385 0.1732 0.1972 0.0221  -0.0094 0.0113  96  ALA A O   
673 C CB  . ALA A 99  ? 0.1632 0.1387 0.2077 -0.0173 -0.0077 -0.0185 96  ALA A CB  
674 N N   . ARG A 100 ? 0.1306 0.1354 0.1757 0.0004  0.0089  -0.0054 97  ARG A N   
675 C CA  . ARG A 100 ? 0.1475 0.1498 0.1746 0.0037  0.0110  -0.0042 97  ARG A CA  
676 C C   . ARG A 100 ? 0.1463 0.1559 0.1666 -0.0036 0.0209  -0.0169 97  ARG A C   
677 O O   . ARG A 100 ? 0.1565 0.1847 0.2488 0.0013  0.0493  -0.0167 97  ARG A O   
678 C CB  . ARG A 100 ? 0.1834 0.1746 0.2217 -0.0180 0.0189  -0.0565 97  ARG A CB  
679 C CG  . ARG A 100 ? 0.2074 0.1669 0.3570 -0.0232 0.0012  -0.0549 97  ARG A CG  
680 C CD  . ARG A 100 ? 0.2118 0.2293 0.4177 -0.0173 -0.0281 -0.1113 97  ARG A CD  
681 N NE  . ARG A 100 ? 0.1961 0.2387 0.3892 -0.0159 -0.0031 -0.1030 97  ARG A NE  
682 C CZ  . ARG A 100 ? 0.1874 0.2103 0.2984 -0.0177 0.0299  -0.0924 97  ARG A CZ  
683 N NH1 . ARG A 100 ? 0.1768 0.2460 0.3224 -0.0346 0.0357  -0.0393 97  ARG A NH1 
684 N NH2 . ARG A 100 ? 0.2753 0.2133 0.3040 -0.0114 0.0175  -0.0591 97  ARG A NH2 
685 N N   . ASP A 101 ? 0.1442 0.1409 0.2011 -0.0196 0.0355  -0.0136 98  ASP A N   
686 C CA  . ASP A 101 ? 0.1702 0.1536 0.2306 -0.0352 0.0566  -0.0125 98  ASP A CA  
687 C C   . ASP A 101 ? 0.1411 0.1298 0.2347 -0.0153 0.0126  -0.0032 98  ASP A C   
688 O O   . ASP A 101 ? 0.1350 0.1592 0.2489 -0.0312 0.0336  -0.0318 98  ASP A O   
689 C CB  . ASP A 101 ? 0.3016 0.1933 0.2279 -0.0274 0.0574  0.0050  98  ASP A CB  
690 C CG  . ASP A 101 ? 0.4231 0.2603 0.3696 -0.0831 0.0507  0.0944  98  ASP A CG  
691 O OD1 . ASP A 101 ? 0.3933 0.4123 0.5689 -0.1608 0.1208  0.0139  98  ASP A OD1 
692 O OD2 . ASP A 101 ? 0.6980 0.2795 0.6550 -0.0302 0.0013  0.1867  98  ASP A OD2 
693 N N   . ILE A 102 ? 0.1265 0.1154 0.2777 -0.0141 0.0158  0.0079  99  ILE A N   
694 C CA  . ILE A 102 ? 0.1397 0.1172 0.2363 -0.0156 -0.0105 0.0059  99  ILE A CA  
695 C C   . ILE A 102 ? 0.1363 0.1225 0.2296 -0.0193 -0.0092 0.0012  99  ILE A C   
696 O O   . ILE A 102 ? 0.1324 0.1347 0.3091 -0.0210 0.0009  0.0203  99  ILE A O   
697 C CB  . ILE A 102 ? 0.1843 0.1512 0.2378 0.0059  -0.0273 0.0296  99  ILE A CB  
698 C CG1 . ILE A 102 ? 0.2391 0.1540 0.2250 0.0159  -0.0249 0.0208  99  ILE A CG1 
699 C CG2 . ILE A 102 ? 0.1890 0.2283 0.2419 -0.0136 -0.0327 0.0332  99  ILE A CG2 
700 C CD1 . ILE A 102 ? 0.2871 0.2022 0.2210 0.0168  -0.0275 0.0129  99  ILE A CD1 
701 N N   . SER A 103 ? 0.1297 0.1203 0.1834 -0.0218 0.0000  0.0012  100 SER A N   
702 C CA  . SER A 103 ? 0.1532 0.1250 0.1838 -0.0243 0.0190  0.0095  100 SER A CA  
703 C C   . SER A 103 ? 0.1485 0.1189 0.1707 -0.0326 0.0195  0.0079  100 SER A C   
704 O O   . SER A 103 ? 0.1420 0.1364 0.2147 -0.0369 0.0160  -0.0235 100 SER A O   
705 C CB  . SER A 103 ? 0.2374 0.1667 0.1731 0.0199  0.0386  0.0112  100 SER A CB  
706 O OG  . SER A 103 ? 0.3566 0.2949 0.2030 0.1482  0.0170  -0.0325 100 SER A OG  
707 N N   . VAL A 104 ? 0.1443 0.1161 0.1808 -0.0240 0.0034  0.0117  101 VAL A N   
708 C CA  . VAL A 104 ? 0.1702 0.1132 0.1515 -0.0212 0.0017  0.0147  101 VAL A CA  
709 C C   . VAL A 104 ? 0.1581 0.1135 0.1280 -0.0273 0.0045  0.0055  101 VAL A C   
710 O O   . VAL A 104 ? 0.1750 0.1334 0.1501 -0.0147 0.0244  0.0157  101 VAL A O   
711 C CB  . VAL A 104 ? 0.1723 0.1495 0.1661 -0.0377 -0.0144 0.0280  101 VAL A CB  
712 C CG1 . VAL A 104 ? 0.1976 0.1566 0.1412 -0.0455 -0.0330 0.0073  101 VAL A CG1 
713 C CG2 . VAL A 104 ? 0.2306 0.1945 0.1819 0.0008  -0.0300 0.0420  101 VAL A CG2 
714 N N   . VAL A 105 ? 0.1647 0.1087 0.1360 -0.0250 0.0072  0.0127  102 VAL A N   
715 C CA  . VAL A 105 ? 0.1703 0.1225 0.1158 -0.0176 0.0068  0.0114  102 VAL A CA  
716 C C   . VAL A 105 ? 0.1847 0.1170 0.1259 -0.0185 0.0109  0.0082  102 VAL A C   
717 O O   . VAL A 105 ? 0.1836 0.1291 0.1185 -0.0215 0.0098  0.0062  102 VAL A O   
718 C CB  . VAL A 105 ? 0.1959 0.1255 0.1114 -0.0202 0.0001  0.0088  102 VAL A CB  
719 C CG1 . VAL A 105 ? 0.2087 0.1319 0.1236 -0.0244 -0.0091 -0.0007 102 VAL A CG1 
720 C CG2 . VAL A 105 ? 0.1758 0.1753 0.1444 -0.0288 -0.0041 0.0076  102 VAL A CG2 
721 N N   . PRO A 106 ? 0.2147 0.1211 0.1278 -0.0068 0.0182  0.0078  103 PRO A N   
722 C CA  . PRO A 106 ? 0.2259 0.1193 0.1655 -0.0007 0.0138  0.0040  103 PRO A CA  
723 C C   . PRO A 106 ? 0.2208 0.1744 0.1631 0.0051  0.0113  -0.0152 103 PRO A C   
724 O O   . PRO A 106 ? 0.2241 0.1791 0.1937 0.0116  -0.0224 -0.0028 103 PRO A O   
725 C CB  . PRO A 106 ? 0.3112 0.1336 0.2099 -0.0041 0.0690  0.0207  103 PRO A CB  
726 C CG  . PRO A 106 ? 0.2703 0.1254 0.1865 -0.0242 0.0248  0.0341  103 PRO A CG  
727 C CD  . PRO A 106 ? 0.2271 0.1244 0.1565 -0.0150 0.0377  0.0242  103 PRO A CD  
728 N N   . GLU A 107 ? 0.2421 0.2255 0.2299 0.0232  0.0081  -0.0643 104 GLU A N   
729 C CA  . GLU A 107 ? 0.2656 0.2216 0.2944 0.0524  0.0472  0.0019  104 GLU A CA  
730 C C   . GLU A 107 ? 0.2650 0.2380 0.3195 0.0198  0.0095  0.0227  104 GLU A C   
731 O O   . GLU A 107 ? 0.2656 0.3025 0.4214 0.0123  -0.0023 0.0613  104 GLU A O   
732 C CB  . GLU A 107 ? 0.3138 0.3240 0.3062 0.1143  0.0462  -0.0306 104 GLU A CB  
733 C CG  . GLU A 107 ? 0.4905 0.4088 0.2919 0.0955  0.0130  -0.0002 104 GLU A CG  
734 C CD  . GLU A 107 ? 0.5115 0.4681 0.3202 0.0845  0.0482  0.0277  104 GLU A CD  
735 O OE1 . GLU A 107 ? 0.6966 0.6696 0.3528 0.0901  0.0366  -0.1719 104 GLU A OE1 
736 O OE2 . GLU A 107 ? 0.4960 0.5540 0.5608 0.1262  0.0417  0.0143  104 GLU A OE2 
737 O OXT . GLU A 107 ? 0.2967 0.2570 0.3188 -0.0082 -0.0139 0.0456  104 GLU A OXT 
738 O O   . HOH B .   ? 0.1765 0.1172 0.2079 -0.0410 0.0204  -0.0128 201 HOH A O   
739 O O   . HOH B .   ? 0.1574 0.1432 0.1833 -0.0037 0.0143  -0.0176 202 HOH A O   
740 O O   . HOH B .   ? 0.2354 0.2126 0.2560 0.0026  0.0217  0.0230  203 HOH A O   
741 O O   . HOH B .   ? 0.1932 0.2484 0.1774 -0.0035 -0.0045 0.0376  204 HOH A O   
742 O O   . HOH B .   ? 0.1467 0.3818 0.4406 0.0362  0.0310  0.1518  205 HOH A O   
743 O O   . HOH B .   ? 0.2156 0.3171 0.2073 -0.0684 -0.0335 0.0476  206 HOH A O   
744 O O   . HOH B .   ? 0.3276 0.2239 0.2405 -0.0561 -0.0231 -0.0039 207 HOH A O   
745 O O   . HOH B .   ? 0.2073 0.1868 0.3374 0.0006  -0.0071 0.0902  208 HOH A O   
746 O O   . HOH B .   ? 0.2184 0.2218 0.2151 0.0394  -0.0354 -0.0186 209 HOH A O   
747 O O   . HOH B .   ? 0.2567 0.1855 0.2338 -0.0072 -0.0288 0.0006  210 HOH A O   
748 O O   . HOH B .   ? 0.2124 0.2220 0.2134 0.0188  0.0027  0.0080  211 HOH A O   
749 O O   . HOH B .   ? 0.3850 0.4789 0.2332 0.1575  0.0659  -0.0468 212 HOH A O   
750 O O   . HOH B .   ? 0.2036 0.2049 0.2577 -0.0072 -0.0042 -0.0196 213 HOH A O   
751 O O   . HOH B .   ? 0.3301 0.1955 0.2802 0.0505  -0.0428 -0.0418 214 HOH A O   
752 O O   . HOH B .   ? 0.1388 0.1847 0.4564 0.0046  -0.0766 -0.0115 215 HOH A O   
753 O O   . HOH B .   ? 0.4796 0.2450 0.2679 0.0664  -0.1004 -0.0167 216 HOH A O   
754 O O   . HOH B .   ? 0.2563 0.2746 0.6854 -0.0313 0.1283  -0.0286 217 HOH A O   
755 O O   . HOH B .   ? 0.3262 0.5059 0.3280 0.0091  -0.0343 -0.0804 218 HOH A O   
756 O O   . HOH B .   ? 0.8683 0.2337 0.2574 0.1514  -0.1351 -0.0641 219 HOH A O   
757 O O   . HOH B .   ? 0.3361 0.3491 0.3607 0.0002  0.0041  -0.1457 220 HOH A O   
758 O O   . HOH B .   ? 0.2725 0.2745 0.5935 -0.0163 0.0074  -0.1861 221 HOH A O   
759 O O   . HOH B .   ? 0.3821 0.2068 0.2449 -0.0058 -0.0485 0.0208  222 HOH A O   
760 O O   . HOH B .   ? 0.4813 0.4493 0.2950 0.1184  0.0508  -0.0869 223 HOH A O   
761 O O   . HOH B .   ? 0.4833 0.2722 0.2831 -0.1132 -0.0633 0.0216  224 HOH A O   
762 O O   . HOH B .   ? 0.5129 0.2746 0.2809 -0.0865 -0.0714 -0.0958 225 HOH A O   
763 O O   . HOH B .   ? 0.4482 0.2826 0.5193 -0.0082 0.1713  -0.0792 226 HOH A O   
764 O O   . HOH B .   ? 0.4174 0.3473 0.2062 0.1718  -0.0850 -0.0554 227 HOH A O   
765 O O   . HOH B .   ? 0.3364 0.3534 0.3444 0.0071  -0.0473 0.0867  228 HOH A O   
766 O O   . HOH B .   ? 0.2794 0.2648 0.3855 -0.0193 -0.0793 0.0957  229 HOH A O   
767 O O   . HOH B .   ? 0.4530 0.3569 0.3022 -0.0503 -0.1019 -0.0178 230 HOH A O   
768 O O   . HOH B .   ? 0.3816 0.4654 0.3364 0.2257  0.0055  0.0232  231 HOH A O   
769 O O   . HOH B .   ? 0.4631 0.3502 0.3701 -0.0137 -0.1598 0.0256  232 HOH A O   
770 O O   . HOH B .   ? 0.8269 0.3960 0.5398 0.2338  0.0877  0.1224  233 HOH A O   
771 O O   . HOH B .   ? 0.2629 0.4014 0.7839 0.1078  -0.1829 -0.1443 234 HOH A O   
772 O O   . HOH B .   ? 0.5307 0.2921 0.3044 0.1582  0.0322  0.0125  235 HOH A O   
773 O O   . HOH B .   ? 0.3029 0.4107 0.2511 0.1069  -0.0670 -0.0980 236 HOH A O   
774 O O   . HOH B .   ? 0.4674 0.3703 0.3681 0.0297  -0.1054 -0.0539 237 HOH A O   
775 O O   . HOH B .   ? 0.4569 0.4065 0.3910 0.0935  -0.0146 -0.0760 238 HOH A O   
776 O O   . HOH B .   ? 0.2636 0.2201 0.4562 0.0058  -0.0440 -0.0454 239 HOH A O   
777 O O   . HOH B .   ? 0.2918 0.3274 0.5400 0.1045  -0.0371 -0.0882 240 HOH A O   
778 O O   . HOH B .   ? 0.3444 0.5041 0.3777 0.1490  0.1439  0.0610  241 HOH A O   
779 O O   . HOH B .   ? 0.4489 0.3046 0.5526 -0.0611 0.1735  0.0493  242 HOH A O   
780 O O   . HOH B .   ? 0.3231 0.4727 0.4899 -0.0089 0.0762  0.0538  243 HOH A O   
781 O O   . HOH B .   ? 0.3789 0.3051 0.7238 -0.0125 0.1501  0.0086  244 HOH A O   
782 O O   . HOH B .   ? 0.6738 0.4030 0.6292 -0.1102 0.0376  -0.1836 245 HOH A O   
783 O O   . HOH B .   ? 0.4776 0.3993 0.4070 0.0400  -0.0729 -0.0785 246 HOH A O   
784 O O   . HOH B .   ? 0.3767 0.5596 0.3826 -0.0973 -0.0506 -0.1787 247 HOH A O   
785 O O   . HOH B .   ? 0.4289 0.4341 0.6864 -0.0205 0.1625  0.0851  248 HOH A O   
786 O O   . HOH B .   ? 0.4542 0.5177 0.2845 -0.0622 -0.1131 0.0159  249 HOH A O   
787 O O   . HOH B .   ? 0.6622 0.3354 0.3431 -0.1021 -0.1416 -0.0665 250 HOH A O   
788 O O   . HOH B .   ? 0.4700 0.5195 0.3478 -0.2083 -0.0406 -0.0206 251 HOH A O   
789 O O   . HOH B .   ? 0.2816 0.2388 0.2305 0.0099  0.0187  0.0277  252 HOH A O   
790 O O   . HOH B .   ? 0.3007 0.2578 0.3211 0.0539  0.1270  0.1227  253 HOH A O   
791 O O   . HOH B .   ? 0.2376 0.3106 0.2661 0.0136  0.0130  0.0053  254 HOH A O   
792 O O   . HOH B .   ? 0.1903 0.1055 0.0753 -0.0820 -0.0067 0.0102  255 HOH A O   
793 O O   . HOH B .   ? 0.2102 0.1852 0.1117 -0.1001 -0.0107 0.0188  256 HOH A O   
794 O O   . HOH B .   ? 0.3361 0.2316 0.2595 -0.0603 -0.0205 0.0345  257 HOH A O   
795 O O   . HOH B .   ? 0.3156 0.2675 0.2359 -0.0045 0.0041  0.0600  258 HOH A O   
796 O O   . HOH B .   ? 0.3330 0.6504 0.2155 0.0415  0.0289  -0.0341 259 HOH A O   
797 O O   . HOH B .   ? 0.3645 0.2616 0.1992 -0.1550 0.0635  -0.0615 260 HOH A O   
798 O O   . HOH B .   ? 0.4960 0.3528 0.3744 -0.0148 0.0274  -0.0057 261 HOH A O   
799 O O   . HOH B .   ? 0.3622 0.3661 0.2459 -0.0077 0.0559  0.0370  262 HOH A O   
800 O O   . HOH B .   ? 0.5444 0.3322 0.5811 -0.0244 -0.0327 0.0666  263 HOH A O   
801 O O   . HOH B .   ? 0.3035 0.1741 0.4381 0.0056  0.0310  -0.0175 264 HOH A O   
802 O O   . HOH B .   ? 0.7126 0.3931 0.5010 0.1482  0.0741  0.0201  265 HOH A O   
803 O O   . HOH B .   ? 0.3786 0.3472 0.3729 0.0095  0.0521  0.0099  266 HOH A O   
804 O O   . HOH B .   ? 0.1467 0.2238 0.5664 -0.0300 0.0193  0.0230  267 HOH A O   
805 O O   . HOH B .   ? 0.2686 0.2391 0.2810 -0.0485 -0.0877 0.0684  268 HOH A O   
806 O O   . HOH B .   ? 0.3411 0.3376 0.2829 -0.1254 0.0074  -0.1138 269 HOH A O   
807 O O   . HOH B .   ? 0.3386 0.2792 0.4089 0.0758  0.0018  -0.0637 270 HOH A O   
808 O O   . HOH B .   ? 0.3601 0.2395 0.3499 0.0368  0.0214  0.0085  271 HOH A O   
809 O O   . HOH B .   ? 0.3498 0.3681 0.3523 -0.0033 0.0416  0.0825  272 HOH A O   
810 O O   . HOH B .   ? 0.2979 0.2228 0.2032 0.0244  0.1138  -0.0025 273 HOH A O   
811 O O   . HOH B .   ? 0.3456 0.3079 0.4417 0.0240  0.0685  0.0842  274 HOH A O   
812 O O   . HOH B .   ? 0.3490 0.5243 0.2554 -0.0357 0.1740  -0.0839 275 HOH A O   
813 O O   . HOH B .   ? 0.6734 0.5939 0.2634 0.0232  -0.1265 -0.1062 276 HOH A O   
814 O O   . HOH B .   ? 0.2956 0.4308 0.3042 0.0336  -0.0648 0.1026  277 HOH A O   
815 O O   . HOH B .   ? 0.4037 0.5854 0.3157 0.0836  -0.0014 -0.0256 278 HOH A O   
816 O O   . HOH B .   ? 0.2096 0.3059 0.5284 -0.0004 0.0519  0.0349  279 HOH A O   
817 O O   . HOH B .   ? 0.5925 0.3777 0.2182 0.0001  -0.0844 -0.0815 280 HOH A O   
818 O O   . HOH B .   ? 0.4563 0.4476 0.4145 -0.0197 0.0197  -0.0655 281 HOH A O   
819 O O   . HOH B .   ? 0.4914 0.4100 0.3029 -0.0435 0.1201  -0.0088 282 HOH A O   
820 O O   . HOH B .   ? 0.2523 0.4950 0.4060 0.0957  -0.0132 -0.0878 283 HOH A O   
821 O O   . HOH B .   ? 0.5070 0.3765 0.2968 0.0088  0.1003  0.0707  284 HOH A O   
822 O O   . HOH B .   ? 0.4562 0.5528 0.6116 0.0362  0.1616  0.0204  285 HOH A O   
823 O O   . HOH B .   ? 0.3767 0.6504 0.4388 -0.0458 -0.1575 -0.1299 286 HOH A O   
824 O O   . HOH B .   ? 0.4885 0.3444 0.5108 -0.2290 -0.0787 0.0355  287 HOH A O   
825 O O   . HOH B .   ? 0.7097 0.2470 0.5405 0.1902  0.0526  -0.0062 288 HOH A O   
826 O O   . HOH B .   ? 0.4868 0.3316 0.3349 0.1512  0.0145  -0.0256 289 HOH A O   
827 O O   . HOH B .   ? 0.3027 0.3095 0.3450 -0.0063 -0.0180 -0.0706 290 HOH A O   
828 O O   . HOH B .   ? 0.2712 0.5093 0.4590 -0.1505 0.1726  -0.0215 291 HOH A O   
829 O O   . HOH B .   ? 0.1878 0.5074 0.3112 -0.0145 0.0386  -0.0009 292 HOH A O   
830 O O   . HOH B .   ? 0.6115 0.4867 0.5468 0.1546  0.1504  -0.0757 293 HOH A O   
831 O O   . HOH B .   ? 0.2577 0.4135 0.4568 0.0814  0.0949  -0.0903 294 HOH A O   
832 O O   . HOH B .   ? 0.5788 0.5322 0.4256 -0.0321 0.0080  -0.1108 295 HOH A O   
833 O O   . HOH B .   ? 0.2820 0.3433 0.3935 -0.0057 0.0271  0.0883  296 HOH A O   
# 
